data_6LHV
#
_entry.id   6LHV
#
_cell.length_a   1.00
_cell.length_b   1.00
_cell.length_c   1.00
_cell.angle_alpha   90.00
_cell.angle_beta   90.00
_cell.angle_gamma   90.00
#
_symmetry.space_group_name_H-M   'P 1'
#
loop_
_entity.id
_entity.type
_entity.pdbx_description
1 polymer 'Fanconi anemia complementation group G'
2 polymer 'Fanconi anemia complementation group A'
#
loop_
_entity_poly.entity_id
_entity_poly.type
_entity_poly.pdbx_seq_one_letter_code
_entity_poly.pdbx_strand_id
1 'polypeptide(L)'
;(UNK)(UNK)(UNK)(UNK)(UNK)(UNK)(UNK)(UNK)(UNK)(UNK)(UNK)(UNK)(UNK)(UNK)(UNK)(UNK)
(UNK)(UNK)(UNK)(UNK)(UNK)(UNK)(UNK)(UNK)(UNK)(UNK)(UNK)(UNK)(UNK)(UNK)(UNK)(UNK)
(UNK)(UNK)(UNK)(UNK)(UNK)(UNK)(UNK)(UNK)(UNK)(UNK)(UNK)(UNK)(UNK)(UNK)(UNK)(UNK)
(UNK)(UNK)(UNK)(UNK)(UNK)(UNK)(UNK)(UNK)(UNK)(UNK)(UNK)(UNK)(UNK)(UNK)(UNK)(UNK)
(UNK)(UNK)(UNK)(UNK)(UNK)(UNK)(UNK)(UNK)(UNK)(UNK)(UNK)(UNK)(UNK)(UNK)(UNK)(UNK)
(UNK)(UNK)(UNK)(UNK)(UNK)(UNK)(UNK)(UNK)(UNK)(UNK)(UNK)(UNK)(UNK)(UNK)(UNK)(UNK)
(UNK)(UNK)(UNK)(UNK)(UNK)(UNK)(UNK)(UNK)(UNK)(UNK)(UNK)(UNK)(UNK)(UNK)(UNK)(UNK)
(UNK)(UNK)(UNK)(UNK)(UNK)(UNK)(UNK)(UNK)(UNK)(UNK)(UNK)(UNK)(UNK)(UNK)(UNK)(UNK)
(UNK)(UNK)(UNK)(UNK)(UNK)(UNK)(UNK)(UNK)(UNK)(UNK)(UNK)(UNK)(UNK)(UNK)(UNK)(UNK)
(UNK)(UNK)(UNK)(UNK)(UNK)(UNK)(UNK)(UNK)(UNK)(UNK)(UNK)(UNK)(UNK)(UNK)(UNK)(UNK)
(UNK)(UNK)(UNK)(UNK)(UNK)(UNK)(UNK)(UNK)(UNK)(UNK)(UNK)(UNK)(UNK)(UNK)(UNK)(UNK)
(UNK)(UNK)(UNK)(UNK)(UNK)(UNK)(UNK)(UNK)(UNK)(UNK)(UNK)(UNK)(UNK)(UNK)(UNK)(UNK)
(UNK)(UNK)(UNK)(UNK)(UNK)(UNK)(UNK)(UNK)(UNK)(UNK)(UNK)(UNK)(UNK)(UNK)(UNK)(UNK)
(UNK)(UNK)(UNK)(UNK)(UNK)(UNK)(UNK)(UNK)(UNK)(UNK)(UNK)(UNK)(UNK)(UNK)(UNK)(UNK)
(UNK)(UNK)(UNK)(UNK)(UNK)(UNK)(UNK)(UNK)(UNK)(UNK)(UNK)(UNK)(UNK)(UNK)(UNK)(UNK)
(UNK)(UNK)(UNK)(UNK)(UNK)(UNK)(UNK)(UNK)(UNK)(UNK)(UNK)(UNK)(UNK)(UNK)(UNK)(UNK)
(UNK)(UNK)(UNK)(UNK)(UNK)(UNK)(UNK)(UNK)(UNK)(UNK)(UNK)(UNK)(UNK)(UNK)(UNK)(UNK)
(UNK)(UNK)(UNK)(UNK)(UNK)(UNK)(UNK)(UNK)(UNK)(UNK)(UNK)(UNK)(UNK)(UNK)(UNK)(UNK)
(UNK)(UNK)(UNK)(UNK)(UNK)(UNK)(UNK)(UNK)(UNK)(UNK)(UNK)(UNK)(UNK)(UNK)(UNK)(UNK)
(UNK)(UNK)(UNK)(UNK)(UNK)(UNK)(UNK)(UNK)(UNK)(UNK)(UNK)(UNK)(UNK)(UNK)(UNK)(UNK)
(UNK)(UNK)(UNK)(UNK)(UNK)(UNK)(UNK)(UNK)(UNK)(UNK)(UNK)(UNK)(UNK)(UNK)(UNK)(UNK)
(UNK)(UNK)(UNK)(UNK)(UNK)(UNK)(UNK)(UNK)(UNK)(UNK)(UNK)(UNK)(UNK)(UNK)(UNK)(UNK)
(UNK)(UNK)(UNK)(UNK)(UNK)(UNK)(UNK)(UNK)(UNK)(UNK)(UNK)(UNK)(UNK)(UNK)(UNK)(UNK)
(UNK)(UNK)(UNK)(UNK)(UNK)(UNK)(UNK)(UNK)(UNK)(UNK)(UNK)(UNK)(UNK)(UNK)(UNK)(UNK)
(UNK)(UNK)(UNK)(UNK)(UNK)(UNK)(UNK)(UNK)(UNK)(UNK)(UNK)(UNK)(UNK)(UNK)(UNK)(UNK)
;
C
2 'polypeptide(L)'
;(UNK)(UNK)(UNK)(UNK)(UNK)(UNK)(UNK)(UNK)(UNK)(UNK)(UNK)(UNK)(UNK)(UNK)(UNK)(UNK)
(UNK)(UNK)(UNK)(UNK)(UNK)(UNK)(UNK)(UNK)(UNK)(UNK)(UNK)(UNK)(UNK)(UNK)(UNK)(UNK)
(UNK)(UNK)(UNK)(UNK)(UNK)(UNK)(UNK)(UNK)(UNK)(UNK)(UNK)(UNK)(UNK)(UNK)(UNK)(UNK)
(UNK)(UNK)(UNK)(UNK)(UNK)(UNK)(UNK)(UNK)(UNK)(UNK)(UNK)(UNK)(UNK)(UNK)(UNK)(UNK)
(UNK)(UNK)(UNK)(UNK)(UNK)(UNK)(UNK)(UNK)(UNK)(UNK)(UNK)(UNK)(UNK)(UNK)(UNK)(UNK)
(UNK)(UNK)(UNK)(UNK)(UNK)(UNK)(UNK)(UNK)(UNK)(UNK)(UNK)(UNK)(UNK)(UNK)(UNK)(UNK)
(UNK)(UNK)(UNK)(UNK)(UNK)(UNK)(UNK)(UNK)(UNK)(UNK)(UNK)(UNK)(UNK)(UNK)(UNK)(UNK)
(UNK)(UNK)(UNK)(UNK)(UNK)(UNK)(UNK)(UNK)(UNK)(UNK)(UNK)(UNK)(UNK)(UNK)(UNK)(UNK)
(UNK)(UNK)(UNK)(UNK)(UNK)(UNK)(UNK)(UNK)(UNK)(UNK)(UNK)(UNK)(UNK)(UNK)(UNK)(UNK)
(UNK)(UNK)(UNK)(UNK)(UNK)(UNK)(UNK)(UNK)(UNK)(UNK)(UNK)(UNK)(UNK)(UNK)(UNK)(UNK)
(UNK)(UNK)(UNK)(UNK)(UNK)(UNK)(UNK)(UNK)(UNK)(UNK)(UNK)(UNK)(UNK)(UNK)(UNK)(UNK)
(UNK)(UNK)(UNK)(UNK)(UNK)(UNK)(UNK)(UNK)(UNK)(UNK)(UNK)(UNK)(UNK)(UNK)(UNK)(UNK)
(UNK)(UNK)(UNK)(UNK)(UNK)(UNK)(UNK)(UNK)(UNK)(UNK)(UNK)(UNK)(UNK)(UNK)(UNK)(UNK)
(UNK)(UNK)(UNK)(UNK)(UNK)(UNK)(UNK)(UNK)(UNK)(UNK)(UNK)(UNK)(UNK)(UNK)(UNK)(UNK)
(UNK)(UNK)(UNK)(UNK)(UNK)(UNK)(UNK)(UNK)(UNK)(UNK)(UNK)(UNK)(UNK)(UNK)(UNK)(UNK)
(UNK)(UNK)(UNK)(UNK)(UNK)(UNK)(UNK)(UNK)(UNK)(UNK)(UNK)(UNK)(UNK)(UNK)(UNK)(UNK)
(UNK)(UNK)(UNK)(UNK)(UNK)(UNK)(UNK)(UNK)(UNK)(UNK)(UNK)(UNK)(UNK)(UNK)(UNK)(UNK)
(UNK)(UNK)(UNK)(UNK)(UNK)(UNK)(UNK)(UNK)(UNK)(UNK)(UNK)(UNK)(UNK)(UNK)(UNK)(UNK)
(UNK)(UNK)(UNK)(UNK)(UNK)(UNK)(UNK)(UNK)(UNK)(UNK)(UNK)(UNK)(UNK)(UNK)(UNK)(UNK)
(UNK)(UNK)(UNK)(UNK)(UNK)(UNK)(UNK)(UNK)(UNK)(UNK)(UNK)(UNK)(UNK)(UNK)(UNK)(UNK)
(UNK)(UNK)(UNK)(UNK)(UNK)(UNK)(UNK)(UNK)(UNK)(UNK)(UNK)(UNK)(UNK)(UNK)(UNK)(UNK)
(UNK)(UNK)(UNK)(UNK)(UNK)(UNK)(UNK)(UNK)(UNK)(UNK)(UNK)(UNK)(UNK)(UNK)(UNK)(UNK)
(UNK)(UNK)(UNK)(UNK)(UNK)(UNK)(UNK)(UNK)(UNK)(UNK)(UNK)(UNK)(UNK)(UNK)(UNK)(UNK)
(UNK)(UNK)(UNK)(UNK)(UNK)(UNK)(UNK)(UNK)(UNK)(UNK)(UNK)(UNK)(UNK)(UNK)(UNK)(UNK)
(UNK)(UNK)(UNK)(UNK)(UNK)(UNK)(UNK)(UNK)(UNK)(UNK)(UNK)(UNK)(UNK)(UNK)(UNK)(UNK)
(UNK)(UNK)(UNK)(UNK)(UNK)(UNK)(UNK)(UNK)(UNK)(UNK)(UNK)(UNK)(UNK)(UNK)(UNK)(UNK)
(UNK)(UNK)(UNK)(UNK)(UNK)(UNK)(UNK)(UNK)(UNK)(UNK)(UNK)(UNK)(UNK)(UNK)(UNK)(UNK)
(UNK)(UNK)(UNK)(UNK)(UNK)(UNK)(UNK)(UNK)(UNK)(UNK)(UNK)(UNK)(UNK)(UNK)(UNK)(UNK)
(UNK)(UNK)(UNK)(UNK)(UNK)(UNK)(UNK)(UNK)(UNK)(UNK)(UNK)(UNK)(UNK)(UNK)(UNK)(UNK)
(UNK)(UNK)(UNK)(UNK)(UNK)(UNK)(UNK)(UNK)(UNK)(UNK)(UNK)(UNK)(UNK)(UNK)(UNK)(UNK)
(UNK)(UNK)(UNK)(UNK)(UNK)(UNK)(UNK)(UNK)(UNK)(UNK)(UNK)(UNK)(UNK)(UNK)(UNK)(UNK)
(UNK)(UNK)(UNK)(UNK)(UNK)(UNK)(UNK)(UNK)(UNK)(UNK)(UNK)(UNK)(UNK)(UNK)(UNK)(UNK)
(UNK)(UNK)(UNK)(UNK)(UNK)(UNK)(UNK)(UNK)(UNK)(UNK)(UNK)(UNK)(UNK)(UNK)(UNK)(UNK)
(UNK)(UNK)(UNK)(UNK)(UNK)(UNK)(UNK)(UNK)(UNK)(UNK)(UNK)(UNK)(UNK)(UNK)(UNK)(UNK)
(UNK)(UNK)(UNK)(UNK)(UNK)(UNK)(UNK)(UNK)(UNK)(UNK)(UNK)(UNK)(UNK)(UNK)(UNK)(UNK)
(UNK)(UNK)(UNK)(UNK)(UNK)(UNK)(UNK)(UNK)(UNK)(UNK)(UNK)(UNK)(UNK)(UNK)(UNK)(UNK)
(UNK)(UNK)(UNK)(UNK)(UNK)(UNK)(UNK)(UNK)(UNK)(UNK)(UNK)(UNK)(UNK)(UNK)(UNK)(UNK)
(UNK)(UNK)(UNK)(UNK)(UNK)(UNK)(UNK)(UNK)(UNK)(UNK)(UNK)(UNK)(UNK)(UNK)(UNK)(UNK)
(UNK)(UNK)(UNK)(UNK)(UNK)(UNK)(UNK)(UNK)(UNK)(UNK)(UNK)(UNK)(UNK)(UNK)(UNK)(UNK)
(UNK)(UNK)(UNK)(UNK)(UNK)(UNK)(UNK)(UNK)(UNK)(UNK)(UNK)(UNK)(UNK)(UNK)(UNK)(UNK)
(UNK)(UNK)(UNK)(UNK)(UNK)(UNK)(UNK)(UNK)(UNK)(UNK)(UNK)(UNK)(UNK)(UNK)(UNK)(UNK)
(UNK)(UNK)(UNK)(UNK)(UNK)(UNK)(UNK)(UNK)(UNK)(UNK)(UNK)(UNK)(UNK)(UNK)(UNK)(UNK)
(UNK)(UNK)(UNK)(UNK)(UNK)(UNK)(UNK)(UNK)(UNK)(UNK)(UNK)(UNK)(UNK)(UNK)(UNK)(UNK)
(UNK)(UNK)(UNK)(UNK)(UNK)(UNK)(UNK)(UNK)(UNK)(UNK)(UNK)(UNK)(UNK)(UNK)(UNK)(UNK)
(UNK)(UNK)(UNK)(UNK)(UNK)(UNK)(UNK)(UNK)(UNK)(UNK)(UNK)(UNK)(UNK)(UNK)(UNK)(UNK)
(UNK)(UNK)(UNK)(UNK)(UNK)(UNK)(UNK)(UNK)(UNK)(UNK)(UNK)(UNK)(UNK)(UNK)(UNK)(UNK)
(UNK)(UNK)(UNK)(UNK)(UNK)(UNK)(UNK)(UNK)(UNK)(UNK)(UNK)(UNK)(UNK)(UNK)(UNK)(UNK)
(UNK)(UNK)(UNK)(UNK)(UNK)(UNK)(UNK)(UNK)(UNK)(UNK)(UNK)(UNK)(UNK)(UNK)(UNK)(UNK)
(UNK)(UNK)(UNK)(UNK)(UNK)(UNK)(UNK)(UNK)(UNK)(UNK)(UNK)(UNK)(UNK)(UNK)(UNK)(UNK)
(UNK)(UNK)(UNK)(UNK)(UNK)(UNK)(UNK)(UNK)(UNK)(UNK)(UNK)(UNK)(UNK)(UNK)(UNK)(UNK)
;
B,A
#
# COMPACT_ATOMS: atom_id res chain seq x y z
N UNK A 21 -56.83 -47.40 70.97
CA UNK A 21 -57.23 -48.25 69.86
C UNK A 21 -58.50 -47.70 69.18
N UNK A 22 -59.89 -47.46 70.01
CA UNK A 22 -60.94 -46.94 69.13
C UNK A 22 -60.85 -45.41 69.03
N UNK A 23 -60.55 -44.77 70.15
CA UNK A 23 -60.42 -43.30 70.20
C UNK A 23 -59.36 -42.83 69.20
N UNK A 24 -58.24 -43.53 69.24
CA UNK A 24 -57.09 -43.24 68.37
C UNK A 24 -57.52 -43.33 66.90
N UNK A 25 -58.22 -44.42 66.62
CA UNK A 25 -58.72 -44.72 65.27
C UNK A 25 -59.61 -43.57 64.79
N UNK A 26 -60.51 -43.17 65.67
CA UNK A 26 -61.46 -42.09 65.41
C UNK A 26 -60.71 -40.81 65.05
N UNK A 27 -59.71 -40.52 65.86
CA UNK A 27 -58.86 -39.34 65.70
C UNK A 27 -58.21 -39.34 64.32
N UNK A 28 -57.67 -40.51 63.98
CA UNK A 28 -57.00 -40.73 62.69
C UNK A 28 -57.95 -40.44 61.54
N UNK A 29 -59.16 -40.98 61.68
CA UNK A 29 -60.22 -40.82 60.69
C UNK A 29 -60.52 -39.33 60.47
N UNK A 30 -60.66 -38.64 61.60
CA UNK A 30 -60.94 -37.21 61.63
C UNK A 30 -59.86 -36.44 60.86
N UNK A 31 -58.62 -36.80 61.16
CA UNK A 31 -57.44 -36.19 60.54
C UNK A 31 -57.50 -36.36 59.02
N UNK A 32 -57.81 -37.59 58.63
CA UNK A 32 -57.92 -37.97 57.21
C UNK A 32 -58.96 -37.10 56.52
N UNK A 33 -60.09 -36.98 57.18
CA UNK A 33 -61.23 -36.19 56.69
C UNK A 33 -60.79 -34.74 56.46
N UNK A 34 -60.09 -34.22 57.45
CA UNK A 34 -59.57 -32.84 57.43
C UNK A 34 -58.67 -32.63 56.22
N UNK A 35 -57.76 -33.60 56.01
CA UNK A 35 -56.81 -33.54 54.87
C UNK A 35 -57.58 -33.62 53.55
N UNK A 36 -58.64 -34.41 53.51
CA UNK A 36 -59.47 -34.57 52.29
C UNK A 36 -60.57 -33.50 52.27
N UNK A 37 -60.91 -32.96 53.45
CA UNK A 37 -61.95 -31.91 53.56
C UNK A 37 -61.36 -30.55 53.19
N UNK A 38 -61.39 -29.60 54.12
CA UNK A 38 -60.85 -28.24 53.87
C UNK A 38 -60.64 -27.52 55.21
N UNK A 39 -61.47 -26.50 55.49
CA UNK A 39 -61.38 -25.72 56.74
C UNK A 39 -59.94 -25.23 56.97
N UNK A 40 -59.41 -25.44 58.18
CA UNK A 40 -58.03 -25.02 58.53
C UNK A 40 -57.58 -25.74 59.81
N UNK A 41 -58.47 -25.84 60.80
CA UNK A 41 -58.15 -26.51 62.09
C UNK A 41 -58.43 -28.01 61.96
N UNK A 42 -59.35 -28.52 62.78
CA UNK A 42 -59.72 -29.96 62.78
C UNK A 42 -58.46 -30.81 62.86
N UNK A 43 -57.49 -30.57 61.97
CA UNK A 43 -56.23 -31.32 61.94
C UNK A 43 -55.54 -31.24 63.31
N UNK A 44 -55.49 -30.02 63.82
CA UNK A 44 -54.88 -29.72 65.12
C UNK A 44 -55.57 -30.54 66.21
N UNK A 45 -56.88 -30.51 66.17
CA UNK A 45 -57.74 -31.22 67.12
C UNK A 45 -57.41 -32.72 67.11
N UNK A 46 -57.33 -33.23 65.89
CA UNK A 46 -57.03 -34.65 65.65
C UNK A 46 -55.68 -35.02 66.29
N UNK A 47 -54.72 -34.16 66.03
CA UNK A 47 -53.35 -34.32 66.55
C UNK A 47 -53.38 -34.39 68.08
N UNK A 48 -54.11 -33.46 68.66
CA UNK A 48 -54.27 -33.35 70.11
C UNK A 48 -54.84 -34.66 70.67
N UNK A 49 -55.86 -35.13 70.00
CA UNK A 49 -56.56 -36.38 70.37
C UNK A 49 -55.58 -37.55 70.38
N UNK A 50 -54.80 -37.60 69.31
CA UNK A 50 -53.78 -38.65 69.11
C UNK A 50 -52.79 -38.63 70.28
N UNK A 51 -52.34 -37.42 70.60
CA UNK A 51 -51.39 -37.18 71.69
C UNK A 51 -51.95 -37.72 73.01
N UNK A 52 -53.20 -37.37 73.24
CA UNK A 52 -53.94 -37.77 74.44
C UNK A 52 -53.97 -39.30 74.55
N UNK A 53 -54.29 -39.92 73.44
CA UNK A 53 -54.38 -41.38 73.31
C UNK A 53 -53.03 -42.01 73.68
N UNK A 54 -51.95 -41.46 73.13
CA UNK A 54 -50.59 -41.96 73.39
C UNK A 54 -49.70 -40.83 73.92
N UNK A 55 -49.57 -40.72 75.24
CA UNK A 55 -48.75 -39.65 75.86
C UNK A 55 -48.48 -40.00 77.33
N UNK A 56 -47.86 -41.17 77.57
CA UNK A 56 -47.55 -41.61 78.96
C UNK A 56 -46.38 -42.59 78.92
N UNK A 57 -45.39 -42.35 78.05
CA UNK A 57 -44.21 -43.23 77.93
C UNK A 57 -42.96 -42.38 77.65
N UNK A 58 -41.86 -42.69 78.35
CA UNK A 58 -40.60 -41.94 78.18
C UNK A 58 -39.40 -42.89 78.38
N UNK A 59 -39.48 -44.09 77.80
CA UNK A 59 -38.39 -45.09 77.92
C UNK A 59 -37.99 -45.58 76.52
N UNK A 60 -38.39 -46.81 76.17
CA UNK A 60 -38.06 -47.40 74.86
C UNK A 60 -38.53 -46.46 73.74
N UNK A 61 -39.80 -46.06 73.76
CA UNK A 61 -40.36 -45.15 72.74
C UNK A 61 -39.89 -43.71 73.00
N UNK A 62 -38.58 -43.47 72.93
CA UNK A 62 -38.02 -42.14 73.16
C UNK A 62 -37.55 -41.52 71.84
N UNK A 63 -36.84 -42.34 71.09
CA UNK A 63 -36.29 -41.95 69.78
C UNK A 63 -37.42 -41.51 68.86
N UNK A 64 -38.46 -42.33 68.84
CA UNK A 64 -39.65 -42.10 68.02
C UNK A 64 -40.27 -40.75 68.37
N UNK A 65 -40.40 -40.54 69.67
CA UNK A 65 -40.97 -39.30 70.22
C UNK A 65 -40.17 -38.09 69.73
N UNK A 66 -38.87 -38.23 69.84
CA UNK A 66 -37.91 -37.19 69.43
C UNK A 66 -38.12 -36.85 67.95
N UNK A 67 -38.22 -37.90 67.16
CA UNK A 67 -38.42 -37.79 65.71
C UNK A 67 -39.70 -37.00 65.42
N UNK A 68 -40.75 -37.37 66.13
CA UNK A 68 -42.06 -36.76 66.00
C UNK A 68 -41.96 -35.25 66.29
N UNK A 69 -41.27 -34.96 67.37
CA UNK A 69 -41.06 -33.58 67.83
C UNK A 69 -40.37 -32.77 66.73
N UNK A 70 -39.33 -33.38 66.18
CA UNK A 70 -38.53 -32.77 65.10
C UNK A 70 -39.41 -32.44 63.91
N UNK A 71 -40.23 -33.41 63.56
CA UNK A 71 -41.18 -33.29 62.44
C UNK A 71 -42.12 -32.10 62.66
N UNK A 72 -42.63 -32.04 63.87
CA UNK A 72 -43.55 -30.98 64.29
C UNK A 72 -42.89 -29.61 64.12
N UNK A 73 -41.66 -29.55 64.59
CA UNK A 73 -40.83 -28.33 64.53
C UNK A 73 -40.69 -27.88 63.08
N UNK A 74 -40.37 -28.85 62.24
CA UNK A 74 -40.17 -28.63 60.80
C UNK A 74 -41.44 -28.03 60.19
N UNK A 75 -42.59 -28.62 60.54
CA UNK A 75 -43.90 -28.16 60.02
C UNK A 75 -43.69 -26.91 59.14
N UNK A 76 -44.30 -25.79 59.52
CA UNK A 76 -44.18 -24.53 58.75
C UNK A 76 -45.08 -24.58 57.52
N UNK A 77 -44.81 -25.52 56.60
CA UNK A 77 -45.62 -25.68 55.37
C UNK A 77 -46.61 -26.84 55.56
N UNK A 78 -47.41 -26.79 56.63
CA UNK A 78 -48.33 -27.90 57.00
C UNK A 78 -47.56 -29.23 56.94
N UNK A 79 -47.99 -30.15 56.07
CA UNK A 79 -47.33 -31.47 55.91
C UNK A 79 -47.17 -32.13 57.29
N UNK A 80 -46.73 -31.36 58.28
CA UNK A 80 -46.52 -31.90 59.64
C UNK A 80 -47.40 -33.14 59.85
N UNK A 81 -48.66 -32.98 59.45
CA UNK A 81 -49.65 -34.05 59.56
C UNK A 81 -49.19 -35.29 58.80
N UNK A 82 -48.72 -35.04 57.59
CA UNK A 82 -48.23 -36.09 56.69
C UNK A 82 -47.08 -36.84 57.36
N UNK A 83 -46.18 -36.07 57.92
CA UNK A 83 -44.99 -36.59 58.61
C UNK A 83 -45.42 -37.51 59.76
N UNK A 84 -46.37 -37.02 60.52
CA UNK A 84 -46.93 -37.75 61.67
C UNK A 84 -47.49 -39.10 61.22
N UNK A 85 -48.25 -39.03 60.13
CA UNK A 85 -48.89 -40.21 59.53
C UNK A 85 -47.83 -41.25 59.17
N UNK A 86 -46.80 -40.74 58.53
CA UNK A 86 -45.65 -41.56 58.07
C UNK A 86 -45.03 -42.28 59.26
N UNK A 87 -44.82 -41.51 60.31
CA UNK A 87 -44.21 -41.99 61.56
C UNK A 87 -45.05 -43.14 62.13
N UNK A 88 -46.36 -42.89 62.16
CA UNK A 88 -47.34 -43.85 62.66
C UNK A 88 -47.24 -45.16 61.89
N UNK A 89 -47.18 -45.06 60.55
CA UNK A 89 -47.08 -46.24 59.67
C UNK A 89 -46.01 -47.19 60.21
N UNK A 90 -44.76 -46.73 60.27
CA UNK A 90 -43.64 -47.56 60.76
C UNK A 90 -42.63 -46.68 61.52
N UNK A 91 -41.40 -46.58 61.00
CA UNK A 91 -40.35 -45.76 61.63
C UNK A 91 -38.97 -46.39 61.39
N UNK A 92 -38.14 -46.45 62.43
CA UNK A 92 -36.77 -47.04 62.32
C UNK A 92 -36.04 -46.43 61.12
N UNK A 93 -35.48 -47.29 60.26
CA UNK A 93 -34.73 -46.83 59.06
C UNK A 93 -35.67 -45.99 58.18
N UNK A 94 -36.27 -44.95 58.75
CA UNK A 94 -37.18 -44.07 58.00
C UNK A 94 -37.17 -42.66 58.61
N UNK A 95 -37.27 -42.65 59.93
CA UNK A 95 -37.28 -41.40 60.72
C UNK A 95 -36.00 -40.61 60.45
N UNK A 96 -34.90 -41.33 60.50
CA UNK A 96 -33.56 -40.77 60.27
C UNK A 96 -33.50 -40.11 58.88
N UNK A 97 -33.99 -40.86 57.92
CA UNK A 97 -34.04 -40.41 56.51
C UNK A 97 -34.81 -39.11 56.40
N UNK A 98 -35.97 -39.10 57.04
CA UNK A 98 -36.87 -37.95 57.06
C UNK A 98 -36.14 -36.72 57.62
N UNK A 99 -35.46 -36.95 58.72
CA UNK A 99 -34.69 -35.92 59.42
C UNK A 99 -33.64 -35.32 58.47
N UNK A 100 -32.95 -36.21 57.80
CA UNK A 100 -31.90 -35.87 56.85
C UNK A 100 -32.46 -34.96 55.75
N UNK A 101 -33.60 -35.39 55.25
CA UNK A 101 -34.32 -34.67 54.18
C UNK A 101 -34.66 -33.25 54.63
N UNK A 102 -35.17 -33.18 55.85
CA UNK A 102 -35.55 -31.91 56.48
C UNK A 102 -34.35 -30.97 56.55
N UNK A 103 -33.25 -31.55 57.00
CA UNK A 103 -31.97 -30.82 57.14
C UNK A 103 -31.54 -30.24 55.80
N UNK A 104 -31.63 -31.09 54.79
CA UNK A 104 -31.27 -30.74 53.41
C UNK A 104 -32.10 -29.54 52.94
N UNK A 105 -33.41 -29.61 53.20
CA UNK A 105 -34.35 -28.53 52.81
C UNK A 105 -34.71 -27.71 54.06
N UNK A 106 -33.76 -27.56 54.98
CA UNK A 106 -34.00 -26.79 56.23
C UNK A 106 -32.66 -26.28 56.80
N UNK A 107 -32.59 -25.00 57.14
CA UNK A 107 -31.42 -24.41 57.85
C UNK A 107 -30.14 -24.66 57.05
N UNK A 108 -29.06 -25.01 57.76
CA UNK A 108 -27.74 -25.29 57.12
C UNK A 108 -26.84 -26.05 58.10
N UNK A 109 -26.44 -25.39 59.20
CA UNK A 109 -25.56 -26.02 60.21
C UNK A 109 -26.28 -27.21 60.87
N UNK A 110 -27.27 -26.93 61.71
CA UNK A 110 -28.04 -27.98 62.40
C UNK A 110 -28.56 -28.99 61.36
N UNK A 111 -27.71 -29.33 60.39
CA UNK A 111 -28.09 -30.29 59.33
C UNK A 111 -27.02 -31.37 59.19
N UNK A 112 -25.79 -30.90 59.16
CA UNK A 112 -24.60 -31.77 59.03
C UNK A 112 -24.57 -32.77 60.17
N UNK A 113 -24.77 -32.25 61.36
CA UNK A 113 -24.79 -33.04 62.60
C UNK A 113 -25.84 -34.14 62.51
N UNK A 114 -27.01 -33.73 62.07
CA UNK A 114 -28.17 -34.63 61.89
C UNK A 114 -27.80 -35.78 60.95
N UNK A 115 -27.19 -35.39 59.84
CA UNK A 115 -26.76 -36.32 58.80
C UNK A 115 -25.79 -37.36 59.39
N UNK A 116 -24.86 -36.84 60.15
CA UNK A 116 -23.83 -37.65 60.81
C UNK A 116 -24.48 -38.69 61.73
N UNK A 117 -25.44 -38.19 62.49
CA UNK A 117 -26.20 -39.02 63.44
C UNK A 117 -26.90 -40.16 62.71
N UNK A 118 -27.53 -39.78 61.61
CA UNK A 118 -28.27 -40.73 60.76
C UNK A 118 -27.33 -41.83 60.27
N UNK A 119 -26.18 -41.39 59.81
CA UNK A 119 -25.13 -42.29 59.29
C UNK A 119 -24.72 -43.30 60.37
N UNK A 120 -24.51 -42.76 61.55
CA UNK A 120 -24.11 -43.55 62.73
C UNK A 120 -25.15 -44.63 63.00
N UNK A 121 -26.40 -44.19 62.98
CA UNK A 121 -27.55 -45.06 63.23
C UNK A 121 -27.57 -46.22 62.22
N UNK A 122 -27.36 -45.84 60.97
CA UNK A 122 -27.33 -46.79 59.84
C UNK A 122 -26.25 -47.85 60.09
N UNK A 123 -25.09 -47.35 60.47
CA UNK A 123 -23.92 -48.19 60.75
C UNK A 123 -24.25 -49.21 61.85
N UNK A 124 -24.88 -48.72 62.92
CA UNK A 124 -25.27 -49.58 64.06
C UNK A 124 -26.35 -50.57 63.62
N UNK A 125 -26.87 -50.39 62.39
CA UNK A 125 -27.92 -51.29 61.84
C UNK A 125 -27.36 -52.71 61.71
N UNK A 126 -26.10 -52.84 61.30
CA UNK A 126 -25.44 -54.15 61.14
C UNK A 126 -26.32 -55.08 60.29
N UNK A 127 -26.74 -56.21 60.87
CA UNK A 127 -27.60 -57.19 60.16
C UNK A 127 -28.84 -57.49 61.01
N UNK A 128 -29.96 -56.82 60.71
CA UNK A 128 -31.22 -57.03 61.46
C UNK A 128 -32.35 -57.37 60.48
N UNK A 129 -33.32 -56.46 60.31
CA UNK A 129 -34.45 -56.68 59.39
C UNK A 129 -34.27 -55.83 58.13
N UNK A 130 -35.32 -55.10 57.73
CA UNK A 130 -35.28 -54.23 56.53
C UNK A 130 -34.73 -55.03 55.33
N UNK A 131 -33.42 -54.89 55.07
CA UNK A 131 -32.77 -55.60 53.94
C UNK A 131 -33.57 -55.38 52.65
N UNK A 132 -33.86 -54.12 52.33
CA UNK A 132 -34.63 -53.79 51.10
C UNK A 132 -34.45 -52.30 50.77
N UNK A 133 -33.20 -51.83 50.76
CA UNK A 133 -32.91 -50.41 50.45
C UNK A 133 -31.42 -50.27 50.07
N UNK A 134 -31.12 -49.37 49.13
CA UNK A 134 -29.72 -49.12 48.69
C UNK A 134 -29.25 -47.78 49.24
N UNK A 135 -29.39 -47.57 50.56
CA UNK A 135 -28.96 -46.31 51.20
C UNK A 135 -27.45 -46.36 51.47
N UNK A 136 -26.87 -47.56 51.44
CA UNK A 136 -25.42 -47.73 51.69
C UNK A 136 -24.62 -46.78 50.80
N UNK A 137 -25.12 -46.51 49.59
CA UNK A 137 -24.45 -45.61 48.65
C UNK A 137 -24.98 -44.19 48.81
N UNK A 138 -26.30 -44.12 48.86
CA UNK A 138 -27.03 -42.84 49.01
C UNK A 138 -26.58 -42.14 50.29
N UNK A 139 -26.54 -42.93 51.36
CA UNK A 139 -26.14 -42.46 52.69
C UNK A 139 -24.73 -41.86 52.63
N UNK A 140 -23.86 -42.61 51.99
CA UNK A 140 -22.45 -42.23 51.81
C UNK A 140 -22.36 -40.87 51.10
N UNK A 141 -23.13 -40.77 50.03
CA UNK A 141 -23.20 -39.56 49.21
C UNK A 141 -23.61 -38.36 50.06
N UNK A 142 -24.65 -38.60 50.85
CA UNK A 142 -25.21 -37.59 51.75
C UNK A 142 -24.13 -37.08 52.72
N UNK A 143 -23.43 -38.06 53.28
CA UNK A 143 -22.34 -37.80 54.24
C UNK A 143 -21.28 -36.91 53.61
N UNK A 144 -20.92 -37.28 52.39
CA UNK A 144 -19.91 -36.57 51.59
C UNK A 144 -20.34 -35.11 51.40
N UNK A 145 -21.59 -34.96 51.03
CA UNK A 145 -22.20 -33.65 50.79
C UNK A 145 -22.10 -32.78 52.06
N UNK A 146 -22.45 -33.40 53.16
CA UNK A 146 -22.42 -32.76 54.49
C UNK A 146 -21.02 -32.25 54.79
N UNK A 147 -20.07 -33.13 54.55
CA UNK A 147 -18.63 -32.86 54.77
C UNK A 147 -18.21 -31.63 53.96
N UNK A 148 -18.62 -31.65 52.70
CA UNK A 148 -18.31 -30.57 51.75
C UNK A 148 -18.85 -29.24 52.28
N UNK A 149 -20.10 -29.26 52.74
CA UNK A 149 -20.77 -28.05 53.28
C UNK A 149 -19.93 -27.47 54.42
N UNK A 150 -18.71 -27.04 54.12
CA UNK A 150 -17.80 -26.46 55.13
C UNK A 150 -16.67 -25.67 54.43
N UNK A 151 -15.60 -25.37 55.17
CA UNK A 151 -14.45 -24.62 54.61
C UNK A 151 -13.15 -25.37 54.94
N UNK A 152 -13.25 -26.43 55.76
CA UNK A 152 -12.07 -27.23 56.16
C UNK A 152 -12.52 -28.64 56.55
N UNK A 153 -13.84 -28.88 56.54
CA UNK A 153 -14.40 -30.22 56.90
C UNK A 153 -14.93 -30.90 55.64
N UNK A 154 -14.10 -30.98 54.59
CA UNK A 154 -14.51 -31.62 53.32
C UNK A 154 -13.53 -32.76 52.98
N UNK A 155 -12.40 -32.82 53.70
CA UNK A 155 -11.39 -33.87 53.49
C UNK A 155 -11.93 -35.22 53.95
N UNK A 156 -12.50 -35.20 55.14
CA UNK A 156 -13.08 -36.38 55.78
C UNK A 156 -14.17 -36.98 54.88
N UNK A 157 -15.02 -36.09 54.41
CA UNK A 157 -16.13 -36.45 53.52
C UNK A 157 -15.61 -37.15 52.27
N UNK A 158 -14.59 -36.54 51.70
CA UNK A 158 -13.93 -37.04 50.49
C UNK A 158 -13.42 -38.46 50.73
N UNK A 159 -12.76 -38.62 51.85
CA UNK A 159 -12.18 -39.90 52.28
C UNK A 159 -13.27 -40.97 52.35
N UNK A 160 -14.36 -40.58 52.99
CA UNK A 160 -15.53 -41.45 53.16
C UNK A 160 -16.06 -41.91 51.81
N UNK A 161 -16.17 -40.95 50.92
CA UNK A 161 -16.65 -41.18 49.55
C UNK A 161 -15.77 -42.22 48.85
N UNK A 162 -14.47 -41.99 48.98
CA UNK A 162 -13.45 -42.86 48.39
C UNK A 162 -13.63 -44.30 48.89
N UNK A 163 -13.79 -44.39 50.20
CA UNK A 163 -13.98 -45.68 50.89
C UNK A 163 -15.19 -46.41 50.32
N UNK A 164 -16.26 -45.65 50.19
CA UNK A 164 -17.54 -46.15 49.66
C UNK A 164 -17.34 -46.72 48.26
N UNK A 165 -16.63 -45.94 47.46
CA UNK A 165 -16.32 -46.30 46.06
C UNK A 165 -15.56 -47.64 46.02
N UNK A 166 -14.57 -47.72 46.90
CA UNK A 166 -13.72 -48.91 47.03
C UNK A 166 -14.58 -50.13 47.34
N UNK A 167 -15.46 -49.94 48.30
CA UNK A 167 -16.38 -50.98 48.77
C UNK A 167 -17.24 -51.48 47.59
N UNK A 168 -17.78 -50.54 46.82
CA UNK A 168 -18.62 -50.88 45.65
C UNK A 168 -18.15 -52.20 45.04
N UNK A 169 -16.84 -52.35 44.85
CA UNK A 169 -16.25 -53.58 44.28
C UNK A 169 -16.95 -53.93 42.95
N UNK A 170 -16.93 -55.21 42.58
CA UNK A 170 -17.56 -55.68 41.31
C UNK A 170 -17.11 -54.80 40.15
N UNK A 171 -18.07 -54.24 39.40
CA UNK A 171 -17.77 -53.30 38.29
C UNK A 171 -16.73 -53.92 37.35
N UNK A 172 -17.01 -55.11 36.83
CA UNK A 172 -16.08 -55.81 35.90
C UNK A 172 -16.68 -55.85 34.50
N UNK A 173 -17.56 -54.88 34.19
CA UNK A 173 -18.21 -54.81 32.86
C UNK A 173 -17.62 -53.65 32.06
N UNK A 174 -17.45 -53.85 30.74
CA UNK A 174 -16.88 -52.80 29.86
C UNK A 174 -17.65 -52.77 28.53
N UNK A 175 -18.98 -52.88 28.61
CA UNK A 175 -19.83 -52.86 27.40
C UNK A 175 -20.90 -51.77 27.52
N UNK A 176 -20.98 -51.14 28.70
CA UNK A 176 -21.96 -50.06 28.95
C UNK A 176 -21.26 -48.70 28.96
N UNK A 177 -21.30 -48.00 30.09
CA UNK A 177 -20.66 -46.67 30.22
C UNK A 177 -19.14 -46.82 30.05
N UNK A 178 -18.65 -46.64 28.82
CA UNK A 178 -17.20 -46.76 28.53
C UNK A 178 -16.65 -45.40 28.09
N UNK A 179 -17.20 -44.32 28.65
CA UNK A 179 -16.75 -42.95 28.32
C UNK A 179 -16.90 -42.04 29.55
N UNK A 180 -18.07 -42.15 30.16
CA UNK A 180 -18.41 -41.37 31.36
C UNK A 180 -17.39 -41.64 32.47
N UNK A 181 -17.12 -42.91 32.66
CA UNK A 181 -16.17 -43.39 33.68
C UNK A 181 -14.80 -42.75 33.43
N UNK A 182 -14.39 -42.81 32.18
CA UNK A 182 -13.11 -42.26 31.74
C UNK A 182 -13.02 -40.77 32.08
N UNK A 183 -14.09 -40.08 31.75
CA UNK A 183 -14.22 -38.64 31.99
C UNK A 183 -14.04 -38.34 33.48
N UNK A 184 -14.74 -39.13 34.27
CA UNK A 184 -14.71 -39.01 35.74
C UNK A 184 -13.28 -39.17 36.25
N UNK A 185 -12.62 -40.18 35.73
CA UNK A 185 -11.23 -40.50 36.08
C UNK A 185 -10.33 -39.31 35.78
N UNK A 186 -10.52 -38.77 34.60
CA UNK A 186 -9.76 -37.61 34.11
C UNK A 186 -9.92 -36.43 35.07
N UNK A 187 -11.18 -36.21 35.43
CA UNK A 187 -11.56 -35.12 36.36
C UNK A 187 -10.83 -35.28 37.68
N UNK A 188 -10.86 -36.51 38.17
CA UNK A 188 -10.21 -36.88 39.44
C UNK A 188 -8.72 -36.56 39.39
N UNK A 189 -8.12 -36.96 38.28
CA UNK A 189 -6.69 -36.75 38.03
C UNK A 189 -6.36 -35.26 38.08
N UNK A 190 -7.20 -34.50 37.41
CA UNK A 190 -7.07 -33.03 37.33
C UNK A 190 -7.10 -32.43 38.74
N UNK A 191 -8.06 -32.90 39.50
CA UNK A 191 -8.27 -32.45 40.89
C UNK A 191 -7.01 -32.71 41.71
N UNK A 192 -6.49 -33.91 41.55
CA UNK A 192 -5.28 -34.37 42.24
C UNK A 192 -4.11 -33.44 41.92
N UNK A 193 -3.99 -33.16 40.64
CA UNK A 193 -2.93 -32.28 40.11
C UNK A 193 -3.01 -30.90 40.77
N UNK A 194 -4.24 -30.36 40.82
CA UNK A 194 -4.48 -29.04 41.43
C UNK A 194 -3.68 -28.90 42.73
N UNK A 195 -3.48 -30.03 43.43
CA UNK A 195 -2.73 -30.04 44.70
C UNK A 195 -3.26 -28.95 45.64
N UNK A 196 -4.57 -28.96 45.90
CA UNK A 196 -5.21 -27.96 46.78
C UNK A 196 -6.43 -28.59 47.47
N UNK A 197 -6.60 -28.30 48.76
CA UNK A 197 -7.75 -28.84 49.55
C UNK A 197 -9.03 -28.15 49.11
N UNK A 198 -9.05 -26.81 49.10
CA UNK A 198 -10.23 -26.02 48.70
C UNK A 198 -10.72 -26.50 47.33
N UNK A 199 -9.83 -26.52 46.34
CA UNK A 199 -10.18 -26.95 44.99
C UNK A 199 -9.94 -28.45 44.81
N UNK A 200 -8.78 -28.91 45.24
CA UNK A 200 -8.42 -30.32 45.13
C UNK A 200 -9.43 -31.21 45.85
N UNK A 201 -9.79 -30.82 47.08
CA UNK A 201 -10.76 -31.59 47.87
C UNK A 201 -12.08 -31.69 47.11
N UNK A 202 -12.51 -30.56 46.60
CA UNK A 202 -13.76 -30.43 45.84
C UNK A 202 -13.73 -31.37 44.63
N UNK A 203 -12.60 -31.32 43.94
CA UNK A 203 -12.36 -32.14 42.74
C UNK A 203 -12.51 -33.61 43.08
N UNK A 204 -11.87 -33.98 44.19
CA UNK A 204 -11.87 -35.35 44.69
C UNK A 204 -13.30 -35.82 44.95
N UNK A 205 -14.04 -34.94 45.61
CA UNK A 205 -15.45 -35.19 45.96
C UNK A 205 -16.26 -35.46 44.70
N UNK A 206 -16.04 -34.59 43.72
CA UNK A 206 -16.72 -34.67 42.42
C UNK A 206 -16.45 -36.04 41.77
N UNK A 207 -15.18 -36.41 41.80
CA UNK A 207 -14.71 -37.68 41.23
C UNK A 207 -15.44 -38.85 41.89
N UNK A 208 -15.49 -38.77 43.21
CA UNK A 208 -16.14 -39.80 44.04
C UNK A 208 -17.61 -39.94 43.63
N UNK A 209 -18.25 -38.80 43.49
CA UNK A 209 -19.66 -38.71 43.10
C UNK A 209 -19.89 -39.41 41.75
N UNK A 210 -18.99 -39.07 40.83
CA UNK A 210 -19.02 -39.62 39.47
C UNK A 210 -18.93 -41.15 39.52
N UNK A 211 -17.99 -41.61 40.32
CA UNK A 211 -17.74 -43.04 40.52
C UNK A 211 -19.00 -43.73 41.02
N UNK A 212 -19.61 -43.11 42.01
CA UNK A 212 -20.84 -43.60 42.64
C UNK A 212 -21.94 -43.75 41.58
N UNK A 213 -22.06 -42.71 40.78
CA UNK A 213 -23.06 -42.64 39.70
C UNK A 213 -22.87 -43.81 38.74
N UNK A 214 -21.61 -44.00 38.38
CA UNK A 214 -21.20 -45.08 37.45
C UNK A 214 -21.62 -46.44 38.01
N UNK A 215 -21.32 -46.60 39.28
CA UNK A 215 -21.64 -47.84 40.02
C UNK A 215 -23.14 -48.11 39.96
N UNK A 216 -23.89 -47.06 40.22
CA UNK A 216 -25.36 -47.09 40.22
C UNK A 216 -25.87 -47.56 38.86
N UNK A 217 -25.29 -46.95 37.84
CA UNK A 217 -25.63 -47.25 36.44
C UNK A 217 -25.41 -48.73 36.14
N UNK A 218 -24.26 -49.19 36.58
CA UNK A 218 -23.83 -50.59 36.40
C UNK A 218 -24.86 -51.53 37.04
N UNK A 219 -25.22 -51.17 38.25
CA UNK A 219 -26.20 -51.93 39.05
C UNK A 219 -27.51 -52.04 38.29
N UNK A 220 -27.94 -50.91 37.78
CA UNK A 220 -29.19 -50.78 37.02
C UNK A 220 -29.16 -51.72 35.81
N UNK A 221 -28.04 -51.69 35.09
CA UNK A 221 -27.86 -52.55 33.89
C UNK A 221 -27.70 -54.02 34.32
N UNK A 222 -28.21 -54.36 35.51
CA UNK A 222 -28.11 -55.74 36.03
C UNK A 222 -29.15 -56.63 35.33
N UNK A 223 -30.36 -56.72 35.88
CA UNK A 223 -31.43 -57.55 35.30
C UNK A 223 -32.67 -56.67 35.02
N UNK A 224 -32.53 -55.69 34.13
CA UNK A 224 -33.64 -54.78 33.78
C UNK A 224 -33.47 -54.29 32.33
N UNK A 225 -34.35 -54.73 31.43
CA UNK A 225 -34.30 -54.34 30.01
C UNK A 225 -35.69 -54.45 29.38
N UNK A 226 -36.17 -53.36 28.75
CA UNK A 226 -37.50 -53.36 28.11
C UNK A 226 -37.55 -52.25 27.05
N UNK A 227 -36.97 -52.53 25.87
CA UNK A 227 -36.95 -51.55 24.75
C UNK A 227 -36.44 -50.20 25.26
N UNK A 228 -35.20 -50.16 25.76
CA UNK A 228 -34.61 -48.91 26.30
C UNK A 228 -34.76 -47.78 25.28
N UNK A 229 -35.69 -46.85 25.54
CA UNK A 229 -35.92 -45.71 24.62
C UNK A 229 -36.54 -44.54 25.41
N UNK A 230 -36.11 -43.31 25.10
CA UNK A 230 -36.62 -42.10 25.78
C UNK A 230 -36.55 -42.29 27.30
N UNK A 231 -35.34 -42.46 27.85
CA UNK A 231 -35.15 -42.64 29.31
C UNK A 231 -34.89 -41.29 29.97
N UNK A 232 -34.53 -41.30 31.25
CA UNK A 232 -34.25 -40.05 32.00
C UNK A 232 -32.92 -40.19 32.75
N UNK A 233 -32.88 -41.04 33.77
CA UNK A 233 -31.67 -41.26 34.56
C UNK A 233 -30.42 -41.03 33.72
N UNK A 234 -30.41 -41.61 32.52
CA UNK A 234 -29.27 -41.46 31.62
C UNK A 234 -28.98 -40.00 31.31
N UNK A 235 -30.04 -39.25 30.99
CA UNK A 235 -29.91 -37.83 30.67
C UNK A 235 -29.27 -37.09 31.84
N UNK A 236 -29.80 -37.39 33.02
CA UNK A 236 -29.35 -36.78 34.27
C UNK A 236 -27.86 -37.07 34.48
N UNK A 237 -27.51 -38.33 34.27
CA UNK A 237 -26.14 -38.81 34.41
C UNK A 237 -25.20 -38.03 33.48
N UNK A 238 -25.67 -37.90 32.25
CA UNK A 238 -24.93 -37.18 31.20
C UNK A 238 -24.66 -35.74 31.63
N UNK A 239 -25.71 -35.12 32.13
CA UNK A 239 -25.67 -33.74 32.62
C UNK A 239 -24.61 -33.60 33.73
N UNK A 240 -24.66 -34.54 34.64
CA UNK A 240 -23.73 -34.59 35.78
C UNK A 240 -22.29 -34.65 35.28
N UNK A 241 -22.10 -35.54 34.32
CA UNK A 241 -20.79 -35.76 33.69
C UNK A 241 -20.27 -34.45 33.09
N UNK A 242 -21.15 -33.80 32.37
CA UNK A 242 -20.87 -32.52 31.70
C UNK A 242 -20.40 -31.49 32.74
N UNK A 243 -21.16 -31.43 33.81
CA UNK A 243 -20.91 -30.50 34.93
C UNK A 243 -19.51 -30.75 35.49
N UNK A 244 -19.22 -32.01 35.70
CA UNK A 244 -17.93 -32.47 36.24
C UNK A 244 -16.79 -31.99 35.34
N UNK A 245 -16.99 -32.21 34.05
CA UNK A 245 -16.04 -31.83 33.01
C UNK A 245 -15.76 -30.33 33.08
N UNK A 246 -16.83 -29.58 33.18
CA UNK A 246 -16.79 -28.12 33.26
C UNK A 246 -15.94 -27.69 34.46
N UNK A 247 -16.23 -28.32 35.57
CA UNK A 247 -15.53 -28.07 36.85
C UNK A 247 -14.03 -28.28 36.68
N UNK A 248 -13.72 -29.41 36.06
CA UNK A 248 -12.34 -29.82 35.79
C UNK A 248 -11.62 -28.75 34.97
N UNK A 249 -12.32 -28.32 33.93
CA UNK A 249 -11.81 -27.28 33.02
C UNK A 249 -11.49 -26.00 33.79
N UNK A 250 -12.42 -25.63 34.63
CA UNK A 250 -12.32 -24.43 35.48
C UNK A 250 -11.06 -24.52 36.35
N UNK A 251 -10.91 -25.68 36.95
CA UNK A 251 -9.78 -25.98 37.84
C UNK A 251 -8.46 -25.81 37.08
N UNK A 252 -8.44 -26.37 35.90
CA UNK A 252 -7.27 -26.32 34.99
C UNK A 252 -6.91 -24.87 34.71
N UNK A 253 -7.93 -24.10 34.38
CA UNK A 253 -7.80 -22.68 34.06
C UNK A 253 -7.16 -21.93 35.24
N UNK A 254 -7.67 -22.21 36.44
CA UNK A 254 -7.17 -21.56 37.68
C UNK A 254 -5.66 -21.83 37.81
N UNK A 255 -5.06 -22.41 36.77
CA UNK A 255 -3.61 -22.73 36.76
C UNK A 255 -3.11 -22.88 35.32
N UNK A 256 -3.77 -23.77 34.55
CA UNK A 256 -3.40 -23.98 33.13
C UNK A 256 -3.37 -22.65 32.38
N UNK A 257 -2.31 -22.39 31.63
CA UNK A 257 -2.17 -21.13 30.87
C UNK A 257 -2.84 -21.27 29.50
N UNK A 258 -3.01 -22.52 29.04
CA UNK A 258 -3.64 -22.78 27.73
C UNK A 258 -4.58 -23.99 27.84
N UNK A 259 -4.80 -24.69 26.73
CA UNK A 259 -5.68 -25.88 26.69
C UNK A 259 -6.84 -25.68 27.68
N UNK A 260 -6.67 -24.77 28.64
CA UNK A 260 -7.70 -24.47 29.64
C UNK A 260 -8.93 -23.88 28.96
N UNK A 261 -8.66 -22.92 28.10
CA UNK A 261 -9.70 -22.22 27.33
C UNK A 261 -10.51 -23.22 26.51
N UNK A 262 -9.78 -24.09 25.85
CA UNK A 262 -10.37 -25.14 25.00
C UNK A 262 -11.30 -26.02 25.82
N UNK A 263 -10.80 -26.41 26.97
CA UNK A 263 -11.54 -27.26 27.92
C UNK A 263 -12.85 -26.59 28.31
N UNK A 264 -12.73 -25.31 28.64
CA UNK A 264 -13.87 -24.48 29.04
C UNK A 264 -14.94 -24.47 27.94
N UNK A 265 -14.45 -24.25 26.73
CA UNK A 265 -15.29 -24.21 25.53
C UNK A 265 -16.07 -25.52 25.37
N UNK A 266 -15.33 -26.60 25.54
CA UNK A 266 -15.87 -27.96 25.43
C UNK A 266 -17.00 -28.15 26.45
N UNK A 267 -16.72 -27.73 27.67
CA UNK A 267 -17.65 -27.81 28.79
C UNK A 267 -18.95 -27.07 28.44
N UNK A 268 -18.76 -25.87 27.92
CA UNK A 268 -19.87 -24.99 27.52
C UNK A 268 -20.74 -25.69 26.49
N UNK A 269 -20.08 -26.27 25.51
CA UNK A 269 -20.72 -27.00 24.41
C UNK A 269 -21.58 -28.13 24.98
N UNK A 270 -20.99 -28.89 25.91
CA UNK A 270 -21.70 -30.03 26.55
C UNK A 270 -23.21 -29.73 26.63
N UNK A 271 -23.64 -29.12 27.73
CA UNK A 271 -25.08 -28.81 27.94
C UNK A 271 -25.30 -27.29 27.89
N UNK A 272 -26.20 -26.78 28.72
CA UNK A 272 -26.50 -25.33 28.76
C UNK A 272 -26.44 -24.83 30.21
N UNK A 273 -27.57 -24.36 30.74
CA UNK A 273 -27.65 -23.85 32.13
C UNK A 273 -26.53 -22.83 32.37
N UNK A 274 -25.67 -23.09 33.37
CA UNK A 274 -24.55 -22.18 33.70
C UNK A 274 -23.40 -22.41 32.70
N UNK A 275 -22.61 -23.46 32.91
CA UNK A 275 -21.49 -23.77 32.01
C UNK A 275 -21.25 -22.61 31.03
N UNK A 276 -22.35 -22.18 30.46
CA UNK A 276 -22.36 -21.07 29.48
C UNK A 276 -21.76 -19.82 30.12
N UNK A 277 -22.23 -19.54 31.32
CA UNK A 277 -21.79 -18.38 32.11
C UNK A 277 -20.27 -18.44 32.31
N UNK A 278 -19.83 -19.61 32.70
CA UNK A 278 -18.40 -19.89 32.96
C UNK A 278 -17.58 -19.59 31.71
N UNK A 279 -18.08 -20.09 30.60
CA UNK A 279 -17.45 -19.93 29.28
C UNK A 279 -17.30 -18.44 28.96
N UNK A 280 -18.39 -17.72 29.19
CA UNK A 280 -18.46 -16.28 28.95
C UNK A 280 -17.39 -15.55 29.76
N UNK A 281 -17.32 -15.94 31.02
CA UNK A 281 -16.36 -15.38 31.98
C UNK A 281 -14.93 -15.58 31.48
N UNK A 282 -14.68 -16.80 31.04
CA UNK A 282 -13.38 -17.21 30.50
C UNK A 282 -12.99 -16.33 29.31
N UNK A 283 -13.97 -16.16 28.44
CA UNK A 283 -13.81 -15.35 27.22
C UNK A 283 -13.41 -13.91 27.60
N UNK A 284 -14.14 -13.36 28.57
CA UNK A 284 -13.88 -11.98 29.05
C UNK A 284 -12.39 -11.79 29.33
N UNK A 285 -11.64 -12.89 29.40
CA UNK A 285 -10.18 -12.83 29.67
C UNK A 285 -9.51 -11.84 28.71
N UNK A 286 -9.75 -12.00 27.40
CA UNK A 286 -9.17 -11.11 26.38
C UNK A 286 -10.06 -11.13 25.13
N UNK A 287 -9.51 -11.55 23.98
CA UNK A 287 -10.29 -11.92 22.79
C UNK A 287 -11.15 -10.74 22.32
N UNK A 288 -12.36 -10.61 22.90
CA UNK A 288 -13.34 -9.54 22.57
C UNK A 288 -13.70 -9.57 21.08
N UNK A 289 -13.89 -8.39 20.47
CA UNK A 289 -14.26 -8.27 19.04
C UNK A 289 -15.45 -9.19 18.75
N UNK A 290 -15.17 -10.46 18.44
CA UNK A 290 -16.22 -11.46 18.15
C UNK A 290 -16.62 -12.16 19.46
N UNK A 291 -15.67 -12.32 20.37
CA UNK A 291 -15.92 -12.96 21.67
C UNK A 291 -17.14 -12.31 22.35
N UNK A 292 -17.12 -10.99 22.34
CA UNK A 292 -18.18 -10.17 22.92
C UNK A 292 -19.53 -10.52 22.28
N UNK A 293 -19.53 -10.59 20.94
CA UNK A 293 -20.75 -10.93 20.17
C UNK A 293 -21.20 -12.34 20.54
N UNK A 294 -20.24 -13.27 20.66
CA UNK A 294 -20.55 -14.68 21.04
C UNK A 294 -21.24 -14.68 22.41
N UNK A 295 -20.71 -13.91 23.35
CA UNK A 295 -21.30 -13.81 24.71
C UNK A 295 -22.66 -13.12 24.62
N UNK A 296 -22.78 -12.14 23.71
CA UNK A 296 -24.05 -11.40 23.51
C UNK A 296 -25.10 -12.36 22.96
N UNK A 297 -24.70 -13.23 22.03
CA UNK A 297 -25.63 -14.22 21.43
C UNK A 297 -26.22 -15.08 22.54
N UNK A 298 -25.38 -15.55 23.46
CA UNK A 298 -25.84 -16.39 24.60
C UNK A 298 -26.64 -15.52 25.57
N UNK A 299 -26.28 -14.24 25.68
CA UNK A 299 -26.98 -13.29 26.57
C UNK A 299 -28.37 -13.00 26.00
N UNK A 300 -28.47 -12.91 24.67
CA UNK A 300 -29.76 -12.65 24.00
C UNK A 300 -30.60 -13.94 23.99
N UNK A 301 -29.92 -15.09 24.02
CA UNK A 301 -30.59 -16.42 24.02
C UNK A 301 -30.63 -16.96 25.45
N UNK A 302 -30.36 -16.09 26.44
CA UNK A 302 -30.38 -16.49 27.87
C UNK A 302 -31.82 -16.68 28.33
N UNK A 303 -32.77 -15.97 27.70
CA UNK A 303 -34.21 -16.09 28.05
C UNK A 303 -34.74 -17.42 27.50
N UNK A 304 -34.17 -17.91 26.41
CA UNK A 304 -34.36 -19.30 25.96
C UNK A 304 -33.52 -20.23 26.83
N UNK A 305 -32.31 -19.79 27.19
CA UNK A 305 -31.40 -20.59 28.04
C UNK A 305 -32.08 -20.89 29.38
N UNK A 306 -32.73 -19.87 29.97
CA UNK A 306 -33.44 -20.03 31.26
C UNK A 306 -34.45 -21.17 31.14
N UNK A 307 -35.24 -21.16 30.07
CA UNK A 307 -36.26 -22.21 29.83
C UNK A 307 -35.58 -23.58 29.79
N UNK A 308 -34.32 -23.61 29.32
CA UNK A 308 -33.55 -24.86 29.24
C UNK A 308 -33.20 -25.35 30.64
N UNK A 309 -32.71 -24.40 31.43
CA UNK A 309 -32.30 -24.64 32.82
C UNK A 309 -33.48 -25.19 33.63
N UNK A 310 -34.61 -24.53 33.45
CA UNK A 310 -35.85 -24.90 34.12
C UNK A 310 -36.24 -26.34 33.78
N UNK A 311 -36.15 -26.63 32.50
CA UNK A 311 -36.47 -27.96 31.96
C UNK A 311 -35.59 -29.01 32.63
N UNK A 312 -34.31 -28.69 32.68
CA UNK A 312 -33.29 -29.57 33.28
C UNK A 312 -33.65 -29.87 34.74
N UNK A 313 -34.00 -28.81 35.44
CA UNK A 313 -34.38 -28.87 36.85
C UNK A 313 -35.56 -29.83 37.03
N UNK A 314 -36.58 -29.66 36.17
CA UNK A 314 -37.80 -30.51 36.22
C UNK A 314 -37.54 -31.73 37.11
N UNK A 315 -36.29 -32.18 37.19
CA UNK A 315 -35.93 -33.35 38.01
C UNK A 315 -34.41 -33.36 38.26
N UNK A 316 -34.00 -33.04 39.48
CA UNK A 316 -32.57 -33.01 39.86
C UNK A 316 -32.43 -33.04 41.38
N UNK A 317 -31.60 -33.96 41.90
CA UNK A 317 -31.38 -34.08 43.37
C UNK A 317 -29.95 -34.57 43.63
N UNK A 318 -29.11 -33.70 44.21
CA UNK A 318 -27.71 -34.06 44.52
C UNK A 318 -27.14 -33.06 45.54
N UNK A 319 -26.23 -33.52 46.41
CA UNK A 319 -25.61 -32.65 47.43
C UNK A 319 -24.47 -31.83 46.80
N UNK A 320 -23.33 -32.47 46.53
CA UNK A 320 -22.17 -31.79 45.92
C UNK A 320 -22.59 -31.17 44.58
N UNK A 321 -23.42 -31.89 43.81
CA UNK A 321 -23.89 -31.40 42.51
C UNK A 321 -24.52 -30.01 42.66
N UNK A 322 -25.36 -29.92 43.67
CA UNK A 322 -26.08 -28.67 44.00
C UNK A 322 -25.08 -27.55 44.26
N UNK A 323 -24.09 -27.89 45.07
CA UNK A 323 -23.03 -26.96 45.45
C UNK A 323 -22.31 -26.43 44.20
N UNK A 324 -21.99 -27.38 43.33
CA UNK A 324 -21.29 -27.10 42.07
C UNK A 324 -22.11 -26.10 41.24
N UNK A 325 -23.40 -26.40 41.15
CA UNK A 325 -24.36 -25.58 40.40
C UNK A 325 -24.36 -24.15 40.94
N UNK A 326 -24.42 -24.07 42.25
CA UNK A 326 -24.43 -22.79 42.98
C UNK A 326 -23.18 -21.98 42.62
N UNK A 327 -22.06 -22.67 42.67
CA UNK A 327 -20.74 -22.08 42.36
C UNK A 327 -20.74 -21.51 40.95
N UNK A 328 -21.25 -22.30 40.04
CA UNK A 328 -21.36 -21.94 38.61
C UNK A 328 -22.16 -20.66 38.46
N UNK A 329 -23.29 -20.64 39.15
CA UNK A 329 -24.23 -19.52 39.14
C UNK A 329 -23.51 -18.25 39.61
N UNK A 330 -22.79 -18.40 40.71
CA UNK A 330 -22.02 -17.32 41.32
C UNK A 330 -21.02 -16.74 40.31
N UNK A 331 -20.33 -17.66 39.66
CA UNK A 331 -19.32 -17.33 38.64
C UNK A 331 -19.95 -16.49 37.53
N UNK A 332 -21.11 -16.95 37.05
CA UNK A 332 -21.85 -16.26 35.97
C UNK A 332 -21.75 -14.74 36.17
N UNK A 333 -22.46 -14.22 37.18
CA UNK A 333 -22.44 -12.76 37.47
C UNK A 333 -21.00 -12.27 37.58
N UNK A 334 -20.65 -12.04 35.95
CA UNK A 334 -20.03 -10.90 36.61
C UNK A 334 -20.09 -9.65 35.72
N UNK A 335 -19.63 -9.78 34.49
CA UNK A 335 -19.63 -8.65 33.53
C UNK A 335 -21.02 -8.00 33.50
N UNK A 336 -21.06 -6.67 33.40
CA UNK A 336 -22.35 -5.92 33.36
C UNK A 336 -22.16 -4.62 32.58
N UNK A 337 -20.92 -4.14 32.49
CA UNK A 337 -20.61 -2.89 31.75
C UNK A 337 -19.11 -2.84 31.42
N UNK A 338 -18.54 -3.97 31.01
CA UNK A 338 -17.11 -4.06 30.65
C UNK A 338 -16.94 -3.86 29.14
N UNK A 339 -15.73 -4.12 28.63
CA UNK A 339 -15.44 -3.97 27.18
C UNK A 339 -15.43 -5.35 26.52
N UNK B 12 -38.81 40.76 1.66
CA UNK B 12 -37.78 40.41 2.65
C UNK B 12 -37.36 38.95 2.58
N UNK B 13 -36.57 38.51 3.55
CA UNK B 13 -36.08 37.14 3.56
C UNK B 13 -36.80 36.30 4.61
N UNK B 14 -37.18 36.90 5.74
CA UNK B 14 -37.87 36.14 6.77
C UNK B 14 -39.10 35.44 6.25
N UNK B 15 -40.03 36.20 5.65
CA UNK B 15 -41.22 35.60 5.09
C UNK B 15 -40.85 34.63 3.97
N UNK B 16 -39.72 34.86 3.31
CA UNK B 16 -39.26 33.90 2.31
C UNK B 16 -38.92 32.57 2.96
N UNK B 17 -38.14 32.60 4.05
CA UNK B 17 -37.86 31.38 4.80
C UNK B 17 -39.16 30.72 5.25
N UNK B 18 -40.13 31.53 5.68
CA UNK B 18 -41.39 30.98 6.15
C UNK B 18 -42.11 30.22 5.04
N UNK B 19 -42.43 30.92 3.95
CA UNK B 19 -43.11 30.29 2.83
C UNK B 19 -42.34 29.07 2.35
N UNK B 20 -41.08 29.27 1.94
CA UNK B 20 -40.25 28.18 1.46
C UNK B 20 -40.16 27.03 2.45
N UNK B 21 -40.44 27.29 3.73
CA UNK B 21 -40.45 26.23 4.73
C UNK B 21 -41.82 25.63 4.94
N UNK B 22 -42.88 26.34 4.58
CA UNK B 22 -44.24 25.80 4.65
C UNK B 22 -44.44 24.62 3.71
N UNK B 23 -43.44 24.31 2.87
CA UNK B 23 -43.61 23.26 1.88
C UNK B 23 -43.52 21.87 2.51
N UNK B 24 -42.50 21.64 3.33
CA UNK B 24 -42.26 20.31 3.93
C UNK B 24 -43.51 19.64 4.47
N UNK B 25 -44.37 20.30 5.26
CA UNK B 25 -45.56 19.60 5.74
C UNK B 25 -46.47 19.11 4.62
N UNK B 26 -46.60 19.89 3.54
CA UNK B 26 -47.49 19.48 2.46
C UNK B 26 -47.08 18.14 1.87
N UNK B 27 -45.78 17.95 1.63
CA UNK B 27 -45.31 16.80 0.85
C UNK B 27 -45.03 15.67 1.85
N UNK B 28 -46.10 15.00 2.27
CA UNK B 28 -46.00 13.67 2.83
C UNK B 28 -46.85 12.66 2.09
N UNK B 29 -48.15 12.93 1.97
CA UNK B 29 -49.10 12.09 1.25
C UNK B 29 -49.99 12.89 0.30
N UNK B 30 -50.32 14.13 0.66
CA UNK B 30 -51.26 14.95 -0.08
C UNK B 30 -50.63 15.68 -1.26
N UNK B 31 -49.51 15.18 -1.78
CA UNK B 31 -48.88 15.77 -2.95
C UNK B 31 -49.73 15.44 -4.18
N UNK B 32 -50.94 15.96 -4.23
CA UNK B 32 -51.94 15.61 -5.23
C UNK B 32 -52.31 16.83 -6.06
N UNK B 33 -51.28 17.55 -6.53
CA UNK B 33 -51.43 18.74 -7.36
C UNK B 33 -51.75 19.98 -6.54
N UNK B 34 -51.69 19.89 -5.21
CA UNK B 34 -51.86 21.04 -4.36
C UNK B 34 -50.56 21.83 -4.15
N UNK B 35 -49.41 21.21 -4.43
CA UNK B 35 -48.14 21.90 -4.31
C UNK B 35 -47.95 22.81 -5.52
N UNK B 36 -48.89 23.73 -5.72
CA UNK B 36 -48.82 24.68 -6.83
C UNK B 36 -48.94 26.09 -6.28
N UNK B 37 -50.01 26.35 -5.53
CA UNK B 37 -50.20 27.68 -4.98
C UNK B 37 -49.08 28.07 -4.04
N UNK B 38 -48.48 27.09 -3.35
CA UNK B 38 -47.30 27.38 -2.55
C UNK B 38 -46.14 27.80 -3.44
N UNK B 39 -46.05 27.20 -4.63
CA UNK B 39 -45.06 27.64 -5.60
C UNK B 39 -45.39 29.03 -6.13
N UNK B 40 -46.67 29.31 -6.35
CA UNK B 40 -47.07 30.65 -6.76
C UNK B 40 -46.65 31.66 -5.70
N UNK B 41 -46.74 31.29 -4.43
CA UNK B 41 -46.34 32.20 -3.36
C UNK B 41 -44.82 32.36 -3.32
N UNK B 42 -44.10 31.25 -3.43
CA UNK B 42 -42.63 31.30 -3.50
C UNK B 42 -42.20 32.29 -4.58
N UNK B 43 -42.78 32.14 -5.78
CA UNK B 43 -42.35 32.96 -6.90
C UNK B 43 -42.83 34.39 -6.74
N UNK B 44 -44.00 34.57 -6.10
CA UNK B 44 -44.52 35.92 -5.87
C UNK B 44 -43.66 36.70 -4.91
N UNK B 45 -43.12 36.05 -3.88
CA UNK B 45 -42.29 36.73 -2.90
C UNK B 45 -40.82 36.78 -3.29
N UNK B 46 -40.37 35.87 -4.17
CA UNK B 46 -38.99 35.92 -4.63
C UNK B 46 -38.73 37.10 -5.55
N UNK B 47 -39.78 37.75 -6.06
CA UNK B 47 -39.61 38.86 -6.98
C UNK B 47 -38.74 39.96 -6.38
N UNK B 48 -38.75 40.09 -5.05
CA UNK B 48 -38.12 41.19 -4.36
C UNK B 48 -36.95 40.63 -3.57
N UNK B 49 -35.74 40.81 -4.11
CA UNK B 49 -34.53 40.37 -3.43
C UNK B 49 -33.29 40.95 -4.12
N UNK B 73 -16.70 38.83 -5.26
CA UNK B 73 -17.81 38.12 -5.88
C UNK B 73 -18.68 37.47 -4.82
N UNK B 74 -19.82 36.91 -5.26
CA UNK B 74 -20.74 36.21 -4.37
C UNK B 74 -21.19 37.13 -3.23
N UNK B 75 -21.89 38.20 -3.59
CA UNK B 75 -22.38 39.15 -2.61
C UNK B 75 -23.37 38.46 -1.67
N UNK B 76 -23.77 39.19 -0.63
CA UNK B 76 -24.65 38.60 0.38
C UNK B 76 -26.07 38.48 -0.14
N UNK B 77 -26.49 39.35 -1.06
CA UNK B 77 -27.83 39.22 -1.64
C UNK B 77 -28.00 37.87 -2.33
N UNK B 78 -26.91 37.33 -2.89
CA UNK B 78 -26.95 36.08 -3.64
C UNK B 78 -26.36 34.91 -2.87
N UNK B 79 -25.18 35.09 -2.29
CA UNK B 79 -24.56 34.00 -1.53
C UNK B 79 -25.47 33.51 -0.40
N UNK B 80 -26.47 34.29 -0.02
CA UNK B 80 -27.37 33.89 1.06
C UNK B 80 -28.65 33.27 0.53
N UNK B 81 -29.16 33.75 -0.61
CA UNK B 81 -30.41 33.20 -1.14
C UNK B 81 -30.17 31.83 -1.77
N UNK B 82 -29.06 31.67 -2.48
CA UNK B 82 -28.75 30.37 -3.07
C UNK B 82 -28.87 29.26 -2.05
N UNK B 83 -28.07 29.33 -0.99
CA UNK B 83 -28.09 28.30 0.05
C UNK B 83 -29.42 28.23 0.77
N UNK B 84 -30.37 29.11 0.45
CA UNK B 84 -31.73 29.05 0.96
C UNK B 84 -32.67 28.34 0.01
N UNK B 85 -32.54 28.57 -1.30
CA UNK B 85 -33.29 27.80 -2.28
C UNK B 85 -32.84 26.35 -2.30
N UNK B 86 -31.55 26.14 -2.59
CA UNK B 86 -30.98 24.80 -2.67
C UNK B 86 -31.32 23.98 -1.43
N UNK B 87 -31.03 24.52 -0.24
CA UNK B 87 -31.16 23.74 0.98
C UNK B 87 -32.57 23.18 1.15
N UNK B 88 -33.59 23.91 0.71
CA UNK B 88 -34.95 23.40 0.79
C UNK B 88 -35.09 22.03 0.15
N UNK B 89 -34.29 21.76 -0.89
CA UNK B 89 -34.32 20.45 -1.53
C UNK B 89 -33.92 19.36 -0.55
N UNK B 90 -32.70 19.43 -0.03
CA UNK B 90 -32.21 18.40 0.87
C UNK B 90 -33.16 18.11 2.02
N UNK B 91 -34.07 19.02 2.32
CA UNK B 91 -35.05 18.80 3.38
C UNK B 91 -36.35 18.20 2.85
N UNK B 92 -36.89 18.76 1.76
CA UNK B 92 -38.14 18.24 1.21
C UNK B 92 -37.96 16.81 0.73
N UNK B 93 -36.89 16.55 -0.01
CA UNK B 93 -36.59 15.19 -0.46
C UNK B 93 -36.61 14.22 0.72
N UNK B 94 -35.79 14.49 1.73
CA UNK B 94 -35.69 13.57 2.86
C UNK B 94 -37.03 13.45 3.57
N UNK B 95 -37.84 14.52 3.57
CA UNK B 95 -39.16 14.43 4.18
C UNK B 95 -40.05 13.46 3.42
N UNK B 96 -40.01 13.51 2.08
CA UNK B 96 -40.88 12.65 1.29
C UNK B 96 -40.32 11.25 1.10
N UNK B 97 -39.02 11.06 1.30
CA UNK B 97 -38.40 9.75 1.09
C UNK B 97 -38.64 8.78 2.24
N UNK B 98 -39.45 9.17 3.22
CA UNK B 98 -39.78 8.28 4.31
C UNK B 98 -41.16 7.68 4.15
N UNK B 99 -42.05 8.45 3.53
CA UNK B 99 -43.41 7.96 3.28
C UNK B 99 -43.40 6.92 2.17
N UNK B 100 -42.92 7.30 1.00
CA UNK B 100 -42.83 6.39 -0.14
C UNK B 100 -41.54 6.67 -0.89
N UNK B 101 -41.07 5.71 -1.68
CA UNK B 101 -39.85 5.92 -2.47
C UNK B 101 -40.09 6.94 -3.58
N UNK B 102 -39.09 7.19 -4.43
CA UNK B 102 -39.25 8.23 -5.46
C UNK B 102 -40.07 7.79 -6.66
N UNK B 103 -40.18 6.49 -6.92
CA UNK B 103 -40.94 6.01 -8.07
C UNK B 103 -42.30 6.69 -8.14
N UNK B 104 -43.07 6.61 -7.06
CA UNK B 104 -44.44 7.09 -7.07
C UNK B 104 -44.52 8.60 -6.90
N UNK B 105 -43.80 9.14 -5.92
CA UNK B 105 -43.81 10.58 -5.70
C UNK B 105 -42.88 11.25 -6.71
N UNK B 106 -42.66 12.55 -6.54
CA UNK B 106 -41.80 13.29 -7.43
C UNK B 106 -42.50 13.93 -8.61
N UNK B 107 -43.55 14.70 -8.32
CA UNK B 107 -44.14 15.62 -9.28
C UNK B 107 -43.92 17.08 -8.89
N UNK B 108 -43.43 17.32 -7.67
CA UNK B 108 -43.02 18.65 -7.21
C UNK B 108 -41.65 19.04 -7.76
N UNK B 109 -40.65 18.15 -7.75
CA UNK B 109 -39.28 18.63 -8.03
C UNK B 109 -39.15 19.30 -9.38
N UNK B 110 -39.60 18.63 -10.43
CA UNK B 110 -39.61 19.26 -11.74
C UNK B 110 -40.30 20.61 -11.70
N UNK B 111 -41.35 20.72 -10.89
CA UNK B 111 -42.12 21.96 -10.83
C UNK B 111 -41.32 23.06 -10.15
N UNK B 112 -40.70 22.74 -9.01
CA UNK B 112 -39.87 23.71 -8.30
C UNK B 112 -38.71 24.17 -9.18
N UNK B 113 -38.10 23.25 -9.92
CA UNK B 113 -36.95 23.60 -10.74
C UNK B 113 -37.39 24.43 -11.94
N UNK B 114 -38.55 24.13 -12.51
CA UNK B 114 -39.07 24.96 -13.59
C UNK B 114 -39.37 26.36 -13.08
N UNK B 115 -39.91 26.47 -11.87
CA UNK B 115 -40.10 27.80 -11.27
C UNK B 115 -38.77 28.53 -11.18
N UNK B 116 -37.75 27.88 -10.60
CA UNK B 116 -36.45 28.52 -10.45
C UNK B 116 -35.91 28.99 -11.79
N UNK B 117 -35.80 28.06 -12.76
CA UNK B 117 -35.30 28.42 -14.08
C UNK B 117 -36.16 29.48 -14.75
N UNK B 118 -37.41 29.63 -14.33
CA UNK B 118 -38.24 30.68 -14.87
C UNK B 118 -37.64 32.06 -14.68
N UNK B 119 -36.78 32.21 -13.67
CA UNK B 119 -36.06 33.46 -13.46
C UNK B 119 -34.70 33.40 -14.17
N UNK B 120 -33.97 34.50 -14.13
CA UNK B 120 -32.73 34.61 -14.89
C UNK B 120 -31.55 35.02 -14.01
N UNK B 121 -31.79 35.88 -13.02
CA UNK B 121 -30.71 36.39 -12.19
C UNK B 121 -30.47 35.55 -10.94
N UNK B 122 -31.22 34.47 -10.76
CA UNK B 122 -31.01 33.56 -9.64
C UNK B 122 -30.50 32.21 -10.11
N UNK B 123 -31.04 31.68 -11.20
CA UNK B 123 -30.56 30.41 -11.74
C UNK B 123 -29.08 30.48 -12.10
N UNK B 124 -28.53 31.68 -12.24
CA UNK B 124 -27.11 31.84 -12.51
C UNK B 124 -26.29 32.05 -11.25
N UNK B 125 -26.92 32.02 -10.07
CA UNK B 125 -26.22 32.05 -8.80
C UNK B 125 -26.06 30.67 -8.19
N UNK B 126 -27.06 29.80 -8.37
CA UNK B 126 -26.97 28.44 -7.85
C UNK B 126 -25.76 27.73 -8.42
N UNK B 127 -25.45 28.00 -9.69
CA UNK B 127 -24.33 27.31 -10.33
C UNK B 127 -23.01 27.64 -9.64
N UNK B 128 -22.69 28.93 -9.54
CA UNK B 128 -21.45 29.33 -8.89
C UNK B 128 -21.44 28.96 -7.42
N UNK B 129 -22.60 29.02 -6.76
CA UNK B 129 -22.66 28.61 -5.37
C UNK B 129 -22.30 27.15 -5.22
N UNK B 130 -22.79 26.30 -6.11
CA UNK B 130 -22.46 24.88 -6.04
C UNK B 130 -20.99 24.64 -6.41
N UNK B 131 -20.47 25.42 -7.36
CA UNK B 131 -19.03 25.35 -7.62
C UNK B 131 -18.24 25.56 -6.33
N UNK B 132 -18.46 26.70 -5.68
CA UNK B 132 -17.73 27.00 -4.46
C UNK B 132 -17.99 25.96 -3.38
N UNK B 133 -19.22 25.45 -3.30
CA UNK B 133 -19.60 24.52 -2.25
C UNK B 133 -19.10 23.11 -2.51
N UNK B 134 -18.59 22.83 -3.71
CA UNK B 134 -17.95 21.55 -3.99
C UNK B 134 -16.47 21.67 -4.25
N UNK B 135 -15.92 22.89 -4.25
CA UNK B 135 -14.47 23.08 -4.37
C UNK B 135 -13.80 23.21 -3.01
N UNK B 136 -14.22 24.22 -2.23
CA UNK B 136 -13.53 24.56 -1.00
C UNK B 136 -14.02 23.74 0.19
N UNK B 137 -15.31 23.84 0.51
CA UNK B 137 -15.88 23.11 1.62
C UNK B 137 -16.14 21.65 1.30
N UNK B 138 -15.74 21.17 0.13
CA UNK B 138 -16.07 19.81 -0.28
C UNK B 138 -15.45 18.76 0.62
N UNK B 139 -14.15 18.79 0.91
CA UNK B 139 -13.53 17.69 1.66
C UNK B 139 -14.25 17.35 2.96
N UNK B 140 -14.97 18.32 3.54
CA UNK B 140 -15.75 18.06 4.75
C UNK B 140 -16.92 19.03 4.78
N UNK B 141 -18.07 18.59 4.25
CA UNK B 141 -19.31 19.33 4.42
C UNK B 141 -20.39 18.51 5.10
N UNK B 142 -20.72 17.34 4.56
CA UNK B 142 -21.77 16.48 5.10
C UNK B 142 -21.83 15.24 4.20
N UNK B 143 -22.65 14.27 4.61
CA UNK B 143 -22.91 13.09 3.79
C UNK B 143 -24.34 13.02 3.28
N UNK B 144 -25.16 14.05 3.56
CA UNK B 144 -26.50 14.13 3.02
C UNK B 144 -26.77 15.47 2.35
N UNK B 145 -25.83 16.40 2.41
CA UNK B 145 -25.86 17.60 1.59
C UNK B 145 -25.36 17.34 0.18
N UNK B 146 -25.09 16.08 -0.14
CA UNK B 146 -24.62 15.66 -1.45
C UNK B 146 -25.80 15.18 -2.28
N UNK B 147 -26.53 14.18 -1.76
CA UNK B 147 -27.67 13.63 -2.48
C UNK B 147 -28.65 14.71 -2.87
N UNK B 148 -28.64 15.83 -2.15
CA UNK B 148 -29.42 16.98 -2.52
C UNK B 148 -28.76 17.85 -3.57
N UNK B 149 -27.70 17.35 -4.20
CA UNK B 149 -27.03 18.02 -5.31
C UNK B 149 -27.07 17.19 -6.57
N UNK B 150 -26.92 15.87 -6.46
CA UNK B 150 -27.12 14.99 -7.59
C UNK B 150 -28.52 15.14 -8.18
N UNK B 151 -29.52 15.21 -7.31
CA UNK B 151 -30.91 15.34 -7.71
C UNK B 151 -31.26 16.74 -8.18
N UNK B 152 -30.37 17.70 -7.98
CA UNK B 152 -30.50 19.02 -8.59
C UNK B 152 -29.72 19.12 -9.88
N UNK B 153 -28.71 18.26 -10.06
CA UNK B 153 -28.02 18.15 -11.33
C UNK B 153 -28.91 17.50 -12.36
N UNK B 154 -29.46 16.33 -12.03
CA UNK B 154 -30.33 15.62 -12.97
C UNK B 154 -31.49 16.51 -13.38
N UNK B 155 -32.31 16.91 -12.40
CA UNK B 155 -33.52 17.68 -12.72
C UNK B 155 -33.24 18.94 -13.51
N UNK B 156 -31.98 19.39 -13.55
CA UNK B 156 -31.58 20.46 -14.45
C UNK B 156 -31.27 19.95 -15.85
N UNK B 157 -31.48 18.66 -16.12
CA UNK B 157 -31.23 18.09 -17.43
C UNK B 157 -32.50 17.87 -18.23
N UNK B 158 -33.60 17.48 -17.57
CA UNK B 158 -34.87 17.26 -18.25
C UNK B 158 -35.60 18.55 -18.58
N UNK B 159 -35.02 19.71 -18.24
CA UNK B 159 -35.60 20.99 -18.61
C UNK B 159 -34.83 21.70 -19.71
N UNK B 160 -33.61 21.26 -20.01
CA UNK B 160 -32.76 21.85 -21.05
C UNK B 160 -32.94 23.37 -21.11
N UNK B 161 -32.62 24.08 -20.04
CA UNK B 161 -32.81 25.54 -20.06
C UNK B 161 -31.77 26.26 -20.90
N UNK B 162 -31.84 27.60 -20.91
CA UNK B 162 -30.94 28.43 -21.70
C UNK B 162 -30.13 29.31 -20.77
N UNK B 163 -28.80 29.29 -20.94
CA UNK B 163 -27.89 30.06 -20.11
C UNK B 163 -26.79 30.68 -20.96
N UNK B 164 -27.12 31.02 -22.21
CA UNK B 164 -26.12 31.53 -23.14
C UNK B 164 -25.27 32.65 -22.54
N UNK B 165 -25.82 33.37 -21.56
CA UNK B 165 -25.11 34.48 -20.92
C UNK B 165 -24.58 34.03 -19.56
N UNK B 166 -23.26 34.09 -19.40
CA UNK B 166 -22.62 33.76 -18.14
C UNK B 166 -21.14 34.14 -18.25
N UNK B 167 -20.48 34.19 -17.10
CA UNK B 167 -19.08 34.64 -17.08
C UNK B 167 -18.21 33.75 -17.96
N UNK B 168 -18.29 32.44 -17.75
CA UNK B 168 -17.46 31.49 -18.50
C UNK B 168 -18.30 30.54 -19.34
N UNK B 169 -19.22 29.80 -18.74
CA UNK B 169 -20.05 28.89 -19.49
C UNK B 169 -20.93 29.61 -20.49
N UNK B 170 -20.59 29.49 -21.78
CA UNK B 170 -21.36 30.14 -22.83
C UNK B 170 -22.28 29.12 -23.46
N UNK B 171 -21.84 27.87 -23.48
CA UNK B 171 -22.62 26.80 -24.08
C UNK B 171 -23.68 26.29 -23.10
N UNK B 172 -24.49 25.36 -23.59
CA UNK B 172 -25.42 24.64 -22.73
C UNK B 172 -24.65 23.90 -21.64
N UNK B 173 -25.41 23.37 -20.68
CA UNK B 173 -24.85 22.67 -19.53
C UNK B 173 -23.65 21.81 -19.89
N UNK B 174 -23.71 21.13 -21.04
CA UNK B 174 -22.67 20.16 -21.38
C UNK B 174 -21.27 20.75 -21.30
N UNK B 175 -21.13 22.07 -21.41
CA UNK B 175 -19.85 22.73 -21.22
C UNK B 175 -19.69 23.25 -19.81
N UNK B 176 -20.49 22.75 -18.88
CA UNK B 176 -20.38 23.10 -17.46
C UNK B 176 -20.13 21.90 -16.58
N UNK B 177 -20.79 20.77 -16.84
CA UNK B 177 -20.50 19.56 -16.07
C UNK B 177 -19.05 19.16 -16.16
N UNK B 178 -18.42 19.32 -17.32
CA UNK B 178 -17.04 18.87 -17.50
C UNK B 178 -16.06 19.73 -16.71
N UNK B 179 -16.22 21.05 -16.72
CA UNK B 179 -15.38 21.91 -15.89
C UNK B 179 -15.44 21.48 -14.44
N UNK B 180 -16.65 21.44 -13.87
CA UNK B 180 -16.85 21.00 -12.50
C UNK B 180 -16.16 19.67 -12.23
N UNK B 181 -16.56 18.63 -12.97
CA UNK B 181 -16.07 17.29 -12.68
C UNK B 181 -14.56 17.20 -12.83
N UNK B 182 -13.99 17.92 -13.79
CA UNK B 182 -12.55 17.84 -14.01
C UNK B 182 -11.79 18.52 -12.88
N UNK B 183 -12.15 19.76 -12.55
CA UNK B 183 -11.54 20.41 -11.39
C UNK B 183 -11.65 19.52 -10.17
N UNK B 184 -12.82 18.93 -9.97
CA UNK B 184 -13.07 18.18 -8.74
C UNK B 184 -12.22 16.92 -8.68
N UNK B 185 -12.27 16.09 -9.71
CA UNK B 185 -11.45 14.88 -9.75
C UNK B 185 -9.96 15.20 -9.82
N UNK B 186 -9.59 16.45 -10.14
CA UNK B 186 -8.19 16.83 -10.07
C UNK B 186 -7.80 17.17 -8.64
N UNK B 187 -8.70 17.79 -7.89
CA UNK B 187 -8.43 18.12 -6.50
C UNK B 187 -8.91 17.02 -5.55
N UNK B 188 -10.21 16.72 -5.58
CA UNK B 188 -10.82 15.76 -4.68
C UNK B 188 -11.38 14.59 -5.48
N UNK B 189 -10.98 13.37 -5.10
CA UNK B 189 -11.41 12.18 -5.80
C UNK B 189 -12.61 11.56 -5.10
N UNK B 190 -12.45 11.23 -3.81
CA UNK B 190 -13.51 10.56 -3.09
C UNK B 190 -14.86 11.22 -3.25
N UNK B 191 -14.87 12.54 -3.39
CA UNK B 191 -16.12 13.26 -3.56
C UNK B 191 -16.69 13.00 -4.95
N UNK B 192 -15.83 12.94 -5.96
CA UNK B 192 -16.31 12.68 -7.31
C UNK B 192 -17.06 11.37 -7.38
N UNK B 193 -16.56 10.33 -6.71
CA UNK B 193 -17.23 9.04 -6.73
C UNK B 193 -18.43 9.04 -5.81
N UNK B 194 -18.32 9.66 -4.63
CA UNK B 194 -19.49 9.79 -3.76
C UNK B 194 -20.63 10.46 -4.48
N UNK B 195 -20.35 11.33 -5.44
CA UNK B 195 -21.39 12.04 -6.15
C UNK B 195 -21.89 11.27 -7.36
N UNK B 196 -20.98 10.92 -8.28
CA UNK B 196 -21.38 10.20 -9.48
C UNK B 196 -22.28 9.01 -9.14
N UNK B 197 -21.98 8.30 -8.06
CA UNK B 197 -22.76 7.14 -7.65
C UNK B 197 -24.01 7.54 -6.86
N UNK B 198 -24.41 8.79 -6.92
CA UNK B 198 -25.67 9.24 -6.36
C UNK B 198 -26.55 9.97 -7.36
N UNK B 199 -26.01 10.39 -8.50
CA UNK B 199 -26.80 10.85 -9.62
C UNK B 199 -27.18 9.70 -10.54
N UNK B 200 -26.84 8.47 -10.16
CA UNK B 200 -27.23 7.28 -10.90
C UNK B 200 -28.33 6.57 -10.11
N UNK B 201 -28.02 6.23 -8.86
CA UNK B 201 -28.96 5.49 -8.03
C UNK B 201 -30.30 6.21 -7.92
N UNK B 202 -30.30 7.53 -8.05
CA UNK B 202 -31.55 8.29 -8.06
C UNK B 202 -32.23 8.27 -9.42
N UNK B 203 -31.59 7.68 -10.43
CA UNK B 203 -32.15 7.63 -11.77
C UNK B 203 -32.47 6.23 -12.25
N UNK B 204 -32.06 5.20 -11.53
CA UNK B 204 -32.59 3.87 -11.76
C UNK B 204 -33.85 3.61 -10.95
N UNK B 205 -34.03 4.33 -9.83
CA UNK B 205 -35.31 4.32 -9.15
C UNK B 205 -36.31 5.23 -9.87
N UNK B 206 -36.01 6.52 -9.92
CA UNK B 206 -36.81 7.43 -10.74
C UNK B 206 -36.47 7.21 -12.22
N UNK B 207 -37.35 7.69 -13.08
CA UNK B 207 -37.19 7.51 -14.52
C UNK B 207 -37.02 6.02 -14.86
N UNK B 208 -37.62 5.16 -14.05
CA UNK B 208 -37.73 3.74 -14.35
C UNK B 208 -39.09 3.46 -14.98
N UNK B 209 -39.34 2.20 -15.29
CA UNK B 209 -40.59 1.77 -15.90
C UNK B 209 -40.82 2.49 -17.22
N UNK B 210 -39.87 2.32 -18.13
CA UNK B 210 -39.98 2.85 -19.48
C UNK B 210 -38.98 2.12 -20.36
N UNK B 211 -39.33 1.99 -21.63
CA UNK B 211 -38.55 1.14 -22.52
C UNK B 211 -37.10 1.60 -22.56
N UNK B 212 -36.19 0.64 -22.67
CA UNK B 212 -34.75 0.87 -22.55
C UNK B 212 -34.16 1.64 -23.70
N UNK B 213 -34.94 2.14 -24.65
CA UNK B 213 -34.38 2.88 -25.78
C UNK B 213 -34.21 4.36 -25.48
N UNK B 214 -35.13 4.96 -24.72
CA UNK B 214 -35.09 6.39 -24.44
C UNK B 214 -34.58 6.69 -23.03
N UNK B 215 -34.52 5.70 -22.15
CA UNK B 215 -34.06 5.94 -20.78
C UNK B 215 -32.69 6.57 -20.75
N UNK B 216 -31.81 6.15 -21.66
CA UNK B 216 -30.41 6.58 -21.64
C UNK B 216 -30.23 8.06 -21.94
N UNK B 217 -31.30 8.82 -22.12
CA UNK B 217 -31.17 10.24 -22.39
C UNK B 217 -31.40 11.09 -21.16
N UNK B 218 -31.89 10.46 -20.08
CA UNK B 218 -32.12 11.21 -18.84
C UNK B 218 -30.81 11.62 -18.19
N UNK B 219 -29.99 10.66 -17.81
CA UNK B 219 -28.72 10.97 -17.15
C UNK B 219 -27.75 11.54 -18.17
N UNK B 220 -26.89 12.49 -17.80
CA UNK B 220 -25.87 12.96 -18.72
C UNK B 220 -24.86 11.86 -19.01
N UNK B 221 -24.03 12.02 -20.04
CA UNK B 221 -23.10 10.96 -20.40
C UNK B 221 -21.86 10.91 -19.51
N UNK B 222 -21.40 12.07 -19.08
CA UNK B 222 -20.07 12.14 -18.46
C UNK B 222 -20.02 11.41 -17.13
N UNK B 223 -21.11 11.41 -16.36
CA UNK B 223 -21.12 10.68 -15.10
C UNK B 223 -20.73 9.22 -15.32
N UNK B 224 -21.34 8.58 -16.31
CA UNK B 224 -20.97 7.21 -16.63
C UNK B 224 -19.58 7.14 -17.23
N UNK B 225 -19.24 8.09 -18.10
CA UNK B 225 -17.93 8.10 -18.74
C UNK B 225 -16.81 8.30 -17.74
N UNK B 226 -17.14 8.61 -16.49
CA UNK B 226 -16.17 8.81 -15.43
C UNK B 226 -16.25 7.75 -14.34
N UNK B 227 -17.44 7.21 -14.09
CA UNK B 227 -17.57 6.05 -13.23
C UNK B 227 -17.07 4.78 -13.89
N UNK B 228 -16.85 4.82 -15.20
CA UNK B 228 -16.15 3.73 -15.88
C UNK B 228 -14.65 3.79 -15.61
N UNK B 229 -14.16 4.86 -15.00
CA UNK B 229 -12.75 5.10 -14.79
C UNK B 229 -12.36 5.15 -13.32
N UNK B 230 -13.20 5.73 -12.48
CA UNK B 230 -12.84 5.90 -11.07
C UNK B 230 -12.96 4.59 -10.31
N UNK B 231 -14.09 3.91 -10.43
CA UNK B 231 -14.39 2.73 -9.64
C UNK B 231 -13.21 1.76 -9.65
N UNK B 232 -12.80 1.20 -10.79
CA UNK B 232 -11.71 0.23 -10.78
C UNK B 232 -10.37 0.81 -10.38
N UNK B 233 -10.27 2.13 -10.20
CA UNK B 233 -9.06 2.72 -9.64
C UNK B 233 -9.05 2.61 -8.13
N UNK B 234 -10.03 3.24 -7.48
CA UNK B 234 -10.11 3.21 -6.03
C UNK B 234 -10.53 1.82 -5.55
N UNK B 235 -11.71 1.37 -5.97
CA UNK B 235 -12.27 0.11 -5.51
C UNK B 235 -11.67 -1.00 -6.37
N UNK B 236 -10.61 -1.62 -5.88
CA UNK B 236 -10.19 -2.87 -6.47
C UNK B 236 -11.19 -3.96 -6.11
N UNK B 237 -10.88 -5.20 -6.50
CA UNK B 237 -11.79 -6.34 -6.41
C UNK B 237 -12.82 -6.34 -7.52
N UNK B 238 -12.78 -5.33 -8.40
CA UNK B 238 -13.74 -5.20 -9.48
C UNK B 238 -13.02 -4.91 -10.80
N UNK B 239 -11.76 -5.32 -10.91
CA UNK B 239 -10.97 -5.05 -12.10
C UNK B 239 -11.06 -6.18 -13.12
N UNK B 240 -11.31 -7.40 -12.67
CA UNK B 240 -11.38 -8.54 -13.56
C UNK B 240 -10.39 -9.62 -13.18
N UNK B 241 -9.99 -9.62 -11.92
CA UNK B 241 -8.99 -10.58 -11.43
C UNK B 241 -9.58 -11.70 -10.59
N UNK B 242 -10.63 -11.43 -9.82
CA UNK B 242 -10.99 -12.32 -8.72
C UNK B 242 -12.22 -13.17 -9.03
N UNK B 243 -13.39 -12.54 -9.20
CA UNK B 243 -14.64 -13.28 -9.32
C UNK B 243 -15.73 -12.30 -9.74
N UNK B 244 -16.78 -12.84 -10.36
CA UNK B 244 -17.99 -12.07 -10.65
C UNK B 244 -19.09 -12.60 -9.73
N UNK B 245 -19.22 -11.98 -8.56
CA UNK B 245 -20.27 -12.34 -7.62
C UNK B 245 -21.57 -11.65 -8.02
N UNK B 246 -22.65 -12.43 -8.08
CA UNK B 246 -23.94 -11.92 -8.53
C UNK B 246 -25.05 -12.69 -7.83
N UNK B 247 -25.80 -12.00 -6.98
CA UNK B 247 -26.97 -12.58 -6.32
C UNK B 247 -28.22 -11.72 -6.48
N UNK B 248 -28.07 -10.41 -6.63
CA UNK B 248 -29.17 -9.49 -6.90
C UNK B 248 -28.77 -8.70 -8.14
N UNK B 249 -29.10 -9.25 -9.32
CA UNK B 249 -28.67 -8.67 -10.58
C UNK B 249 -29.79 -7.98 -11.35
N UNK B 250 -31.01 -8.49 -11.27
CA UNK B 250 -32.16 -7.93 -12.00
C UNK B 250 -33.23 -7.53 -10.99
N UNK B 251 -33.07 -6.34 -10.42
CA UNK B 251 -34.06 -5.77 -9.51
C UNK B 251 -33.70 -4.30 -9.25
N UNK B 252 -34.66 -3.39 -9.22
CA UNK B 252 -34.33 -2.01 -8.88
C UNK B 252 -33.66 -1.93 -7.51
N UNK B 253 -32.39 -1.52 -7.49
CA UNK B 253 -31.64 -1.51 -6.25
C UNK B 253 -32.28 -0.56 -5.24
N UNK B 254 -32.19 -0.90 -3.97
CA UNK B 254 -32.94 -0.20 -2.94
C UNK B 254 -32.42 1.23 -2.75
N UNK B 255 -33.35 2.16 -2.61
CA UNK B 255 -33.04 3.56 -2.34
C UNK B 255 -32.73 3.70 -0.85
N UNK B 256 -31.48 3.39 -0.51
CA UNK B 256 -31.07 3.29 0.89
C UNK B 256 -30.03 4.34 1.30
N UNK B 257 -29.71 5.29 0.43
CA UNK B 257 -28.61 6.21 0.72
C UNK B 257 -28.86 7.04 1.97
N UNK B 258 -30.09 7.05 2.49
CA UNK B 258 -30.42 7.83 3.68
C UNK B 258 -30.40 7.00 4.95
N UNK B 259 -30.32 5.68 4.84
CA UNK B 259 -30.18 4.79 5.99
C UNK B 259 -29.13 3.72 5.67
N UNK B 260 -28.01 4.15 5.09
CA UNK B 260 -27.08 3.24 4.45
C UNK B 260 -26.06 2.72 5.46
N UNK B 261 -25.07 1.99 4.96
CA UNK B 261 -23.95 1.51 5.75
C UNK B 261 -22.61 2.11 5.34
N UNK B 262 -22.44 2.45 4.06
CA UNK B 262 -21.19 3.04 3.61
C UNK B 262 -21.27 3.29 2.11
N UNK B 263 -20.20 3.89 1.60
CA UNK B 263 -20.09 4.22 0.19
C UNK B 263 -19.34 3.16 -0.60
N UNK B 264 -19.16 1.96 -0.04
CA UNK B 264 -18.55 0.85 -0.74
C UNK B 264 -19.56 -0.21 -1.12
N UNK B 265 -20.84 -0.02 -0.80
CA UNK B 265 -21.90 -0.92 -1.23
C UNK B 265 -23.01 -0.21 -1.99
N UNK B 266 -22.99 1.11 -2.05
CA UNK B 266 -23.91 1.85 -2.91
C UNK B 266 -23.36 2.01 -4.33
N UNK B 267 -22.04 1.92 -4.48
CA UNK B 267 -21.40 2.00 -5.79
C UNK B 267 -20.88 0.66 -6.25
N UNK B 268 -21.01 -0.39 -5.45
CA UNK B 268 -20.73 -1.75 -5.88
C UNK B 268 -21.99 -2.57 -6.08
N UNK B 269 -23.08 -2.22 -5.40
CA UNK B 269 -24.39 -2.76 -5.71
C UNK B 269 -25.01 -2.11 -6.94
N UNK B 270 -24.23 -1.30 -7.65
CA UNK B 270 -24.62 -0.63 -8.87
C UNK B 270 -23.77 -1.04 -10.05
N UNK B 271 -22.45 -1.18 -9.86
CA UNK B 271 -21.57 -1.69 -10.88
C UNK B 271 -21.80 -3.15 -11.18
N UNK B 272 -22.66 -3.82 -10.42
CA UNK B 272 -22.97 -5.23 -10.62
C UNK B 272 -24.38 -5.45 -11.17
N UNK B 273 -25.17 -4.39 -11.30
CA UNK B 273 -26.51 -4.51 -11.85
C UNK B 273 -26.42 -4.68 -13.36
N UNK B 274 -27.04 -5.74 -13.89
CA UNK B 274 -26.87 -6.09 -15.29
C UNK B 274 -27.23 -4.92 -16.21
N UNK B 275 -28.32 -4.21 -15.90
CA UNK B 275 -28.80 -3.17 -16.80
C UNK B 275 -27.76 -2.09 -17.03
N UNK B 276 -26.81 -1.91 -16.11
CA UNK B 276 -25.73 -0.95 -16.31
C UNK B 276 -24.52 -1.60 -16.96
N UNK B 277 -24.02 -2.67 -16.35
CA UNK B 277 -22.84 -3.35 -16.88
C UNK B 277 -23.03 -3.78 -18.33
N UNK B 278 -24.27 -3.86 -18.79
CA UNK B 278 -24.57 -4.08 -20.19
C UNK B 278 -24.90 -2.81 -20.93
N UNK B 279 -24.83 -1.66 -20.26
CA UNK B 279 -25.05 -0.36 -20.86
C UNK B 279 -23.76 0.39 -21.15
N UNK B 280 -22.64 -0.05 -20.56
CA UNK B 280 -21.35 0.58 -20.79
C UNK B 280 -20.67 -0.01 -22.03
N UNK B 281 -21.40 -0.05 -23.13
CA UNK B 281 -20.88 -0.54 -24.39
C UNK B 281 -21.25 0.34 -25.57
N UNK B 282 -22.18 1.28 -25.41
CA UNK B 282 -22.57 2.19 -26.47
C UNK B 282 -21.41 3.12 -26.82
N UNK B 283 -21.62 3.95 -27.83
CA UNK B 283 -20.62 4.91 -28.27
C UNK B 283 -20.85 6.30 -27.71
N UNK B 284 -22.08 6.63 -27.29
CA UNK B 284 -22.34 7.94 -26.72
C UNK B 284 -21.42 8.22 -25.55
N UNK B 285 -20.97 7.18 -24.87
CA UNK B 285 -20.00 7.32 -23.78
C UNK B 285 -19.05 6.12 -23.79
N UNK B 286 -17.90 6.29 -24.44
CA UNK B 286 -16.80 5.35 -24.34
C UNK B 286 -15.65 6.03 -23.62
N UNK B 287 -14.66 5.23 -23.26
CA UNK B 287 -13.42 5.71 -22.66
C UNK B 287 -12.28 5.04 -23.41
N UNK B 288 -11.46 5.85 -24.09
CA UNK B 288 -10.46 5.35 -25.01
C UNK B 288 -9.08 5.73 -24.52
N UNK B 289 -8.06 5.12 -25.11
CA UNK B 289 -6.69 5.32 -24.66
C UNK B 289 -6.07 6.58 -25.24
N UNK B 290 -6.82 7.67 -25.21
CA UNK B 290 -6.27 9.02 -25.29
C UNK B 290 -7.03 9.97 -24.38
N UNK B 291 -8.09 9.50 -23.73
CA UNK B 291 -8.82 10.26 -22.73
C UNK B 291 -8.46 9.84 -21.32
N UNK B 292 -8.16 8.57 -21.13
CA UNK B 292 -7.67 8.11 -19.83
C UNK B 292 -6.43 8.89 -19.42
N UNK B 293 -5.52 9.13 -20.35
CA UNK B 293 -4.30 9.86 -20.04
C UNK B 293 -4.62 11.27 -19.58
N UNK B 294 -5.31 12.04 -20.43
CA UNK B 294 -5.58 13.43 -20.13
C UNK B 294 -6.32 13.64 -18.82
N UNK B 295 -6.81 12.56 -18.21
CA UNK B 295 -7.33 12.60 -16.85
C UNK B 295 -6.27 12.18 -15.84
N UNK B 296 -5.59 11.07 -16.08
CA UNK B 296 -4.56 10.56 -15.19
C UNK B 296 -3.25 11.31 -15.30
N UNK B 297 -3.06 12.08 -16.37
CA UNK B 297 -1.84 12.85 -16.58
C UNK B 297 -2.00 14.29 -16.11
N UNK B 298 -3.06 14.57 -15.33
CA UNK B 298 -3.24 15.87 -14.72
C UNK B 298 -3.73 15.76 -13.28
N UNK B 299 -3.50 14.61 -12.64
CA UNK B 299 -3.91 14.38 -11.26
C UNK B 299 -2.66 14.43 -10.40
N UNK B 300 -2.46 15.54 -9.71
CA UNK B 300 -1.24 15.78 -8.95
C UNK B 300 -1.30 15.04 -7.62
N UNK B 301 -0.23 14.32 -7.31
CA UNK B 301 -0.10 13.72 -5.99
C UNK B 301 -0.16 14.82 -4.93
N UNK B 302 -0.24 14.39 -3.67
CA UNK B 302 -0.56 15.21 -2.51
C UNK B 302 -2.07 15.44 -2.45
N UNK B 303 -2.83 14.93 -3.41
CA UNK B 303 -4.28 15.05 -3.43
C UNK B 303 -4.99 13.71 -3.56
N UNK B 304 -4.36 12.73 -4.21
CA UNK B 304 -4.98 11.42 -4.35
C UNK B 304 -5.10 10.73 -3.00
N UNK B 305 -5.71 9.55 -3.02
CA UNK B 305 -5.97 8.78 -1.81
C UNK B 305 -5.22 7.45 -1.82
N UNK B 306 -4.26 7.29 -2.72
CA UNK B 306 -3.54 6.02 -2.88
C UNK B 306 -2.07 6.21 -2.57
N UNK B 307 -1.48 5.18 -1.98
CA UNK B 307 -0.04 5.15 -1.78
C UNK B 307 0.67 5.11 -3.13
N UNK B 308 1.99 5.29 -3.09
CA UNK B 308 2.75 5.35 -4.33
C UNK B 308 2.78 3.98 -5.02
N UNK B 309 2.98 2.91 -4.25
CA UNK B 309 3.10 1.57 -4.81
C UNK B 309 1.76 0.92 -5.05
N UNK B 310 0.68 1.69 -5.10
CA UNK B 310 -0.59 1.30 -5.67
C UNK B 310 -0.99 2.19 -6.82
N UNK B 311 -0.67 3.49 -6.70
CA UNK B 311 -0.74 4.39 -7.84
C UNK B 311 0.19 3.95 -8.95
N UNK B 312 1.16 3.08 -8.65
CA UNK B 312 2.07 2.55 -9.66
C UNK B 312 1.78 1.09 -9.97
N UNK B 313 0.64 0.58 -9.52
CA UNK B 313 0.09 -0.68 -10.02
C UNK B 313 -1.18 -0.48 -10.81
N UNK B 314 -2.01 0.50 -10.44
CA UNK B 314 -3.18 0.83 -11.23
C UNK B 314 -2.81 1.04 -12.69
N UNK B 315 -1.87 1.97 -12.93
CA UNK B 315 -1.47 2.28 -14.29
C UNK B 315 -1.00 1.04 -15.03
N UNK B 316 -0.01 0.34 -14.46
CA UNK B 316 0.51 -0.85 -15.10
C UNK B 316 -0.57 -1.89 -15.37
N UNK B 317 -1.70 -1.82 -14.65
CA UNK B 317 -2.84 -2.65 -15.03
C UNK B 317 -3.57 -2.05 -16.21
N UNK B 318 -3.79 -0.73 -16.20
CA UNK B 318 -4.53 -0.08 -17.26
C UNK B 318 -3.84 -0.23 -18.59
N UNK B 319 -2.61 0.29 -18.70
CA UNK B 319 -1.82 0.23 -19.91
C UNK B 319 -1.88 -1.16 -20.51
N UNK B 320 -1.73 -2.18 -19.67
CA UNK B 320 -1.77 -3.57 -20.11
C UNK B 320 -3.20 -4.07 -20.29
N UNK B 321 -4.17 -3.17 -20.35
CA UNK B 321 -5.55 -3.49 -20.68
C UNK B 321 -6.06 -2.72 -21.88
N UNK B 322 -5.54 -1.53 -22.14
CA UNK B 322 -5.76 -0.82 -23.38
C UNK B 322 -4.69 -1.15 -24.42
N UNK B 323 -3.82 -2.12 -24.11
CA UNK B 323 -2.81 -2.60 -25.04
C UNK B 323 -3.16 -3.95 -25.63
N UNK B 324 -4.21 -4.60 -25.13
CA UNK B 324 -4.71 -5.86 -25.64
C UNK B 324 -6.18 -5.73 -26.01
N UNK B 325 -6.55 -4.58 -26.56
CA UNK B 325 -7.93 -4.25 -26.87
C UNK B 325 -8.01 -3.80 -28.32
N UNK B 326 -9.12 -4.15 -28.98
CA UNK B 326 -9.26 -3.88 -30.40
C UNK B 326 -9.18 -2.37 -30.68
N UNK B 327 -9.09 -2.05 -31.96
CA UNK B 327 -8.91 -0.67 -32.38
C UNK B 327 -10.21 0.04 -32.70
N UNK B 328 -11.23 -0.68 -33.16
CA UNK B 328 -12.54 -0.06 -33.32
C UNK B 328 -12.97 0.57 -32.00
N UNK B 329 -12.75 -0.15 -30.91
CA UNK B 329 -12.81 0.48 -29.59
C UNK B 329 -11.49 1.18 -29.32
N UNK B 330 -11.52 2.11 -28.38
CA UNK B 330 -10.29 2.77 -27.97
C UNK B 330 -9.27 1.77 -27.50
N UNK B 331 -8.13 1.71 -28.16
CA UNK B 331 -7.11 0.74 -27.81
C UNK B 331 -6.21 0.43 -29.00
N UNK B 332 -5.22 -0.41 -28.74
CA UNK B 332 -4.29 -0.88 -29.75
C UNK B 332 -4.04 -2.36 -29.52
N UNK B 333 -4.12 -3.15 -30.59
CA UNK B 333 -4.19 -4.60 -30.46
C UNK B 333 -3.00 -5.15 -29.67
N UNK B 334 -1.81 -5.06 -30.22
CA UNK B 334 -0.61 -5.47 -29.51
C UNK B 334 0.59 -4.62 -29.89
N UNK B 335 0.35 -3.50 -30.56
CA UNK B 335 1.41 -2.71 -31.16
C UNK B 335 2.00 -1.78 -30.11
N UNK B 336 3.03 -2.27 -29.41
CA UNK B 336 3.79 -1.42 -28.50
C UNK B 336 4.15 -0.11 -29.19
N UNK B 337 4.50 -0.18 -30.47
CA UNK B 337 4.76 1.04 -31.24
C UNK B 337 3.58 2.00 -31.14
N UNK B 338 2.37 1.50 -31.38
CA UNK B 338 1.20 2.36 -31.32
C UNK B 338 0.98 2.90 -29.92
N UNK B 339 1.28 2.09 -28.90
CA UNK B 339 1.19 2.55 -27.54
C UNK B 339 2.07 3.76 -27.30
N UNK B 340 3.36 3.61 -27.55
CA UNK B 340 4.30 4.72 -27.37
C UNK B 340 3.88 5.93 -28.19
N UNK B 341 3.43 5.69 -29.42
CA UNK B 341 2.98 6.79 -30.27
C UNK B 341 1.87 7.57 -29.58
N UNK B 342 0.86 6.85 -29.07
CA UNK B 342 -0.27 7.51 -28.43
C UNK B 342 0.18 8.29 -27.19
N UNK B 343 1.06 7.70 -26.38
CA UNK B 343 1.51 8.39 -25.17
C UNK B 343 2.23 9.67 -25.54
N UNK B 344 3.12 9.61 -26.53
CA UNK B 344 3.85 10.81 -26.93
C UNK B 344 2.90 11.86 -27.47
N UNK B 345 1.92 11.45 -28.28
CA UNK B 345 0.98 12.40 -28.82
C UNK B 345 0.19 13.09 -27.72
N UNK B 346 -0.19 12.34 -26.68
CA UNK B 346 -0.91 12.95 -25.57
C UNK B 346 -0.03 13.93 -24.81
N UNK B 347 1.20 13.50 -24.47
CA UNK B 347 2.13 14.38 -23.78
C UNK B 347 2.27 15.69 -24.55
N UNK B 348 2.38 15.60 -25.88
CA UNK B 348 2.46 16.82 -26.67
C UNK B 348 1.17 17.62 -26.61
N UNK B 349 0.03 16.95 -26.67
CA UNK B 349 -1.26 17.60 -26.54
C UNK B 349 -1.74 17.59 -25.09
N UNK B 350 -0.85 17.98 -24.20
CA UNK B 350 -1.21 18.28 -22.82
C UNK B 350 -0.66 19.66 -22.44
N UNK B 351 0.47 20.03 -23.04
CA UNK B 351 1.05 21.34 -22.79
C UNK B 351 0.04 22.45 -23.05
N UNK B 352 -0.71 22.34 -24.15
CA UNK B 352 -1.70 23.34 -24.51
C UNK B 352 -2.96 23.21 -23.67
N UNK B 369 10.61 22.64 -15.40
CA UNK B 369 9.56 22.73 -14.41
C UNK B 369 9.40 21.41 -13.65
N UNK B 370 8.51 21.40 -12.67
CA UNK B 370 8.28 20.23 -11.82
C UNK B 370 6.81 19.86 -11.85
N UNK B 371 6.52 18.64 -12.31
CA UNK B 371 5.17 18.10 -12.28
C UNK B 371 5.26 16.62 -11.97
N UNK B 372 4.30 16.12 -11.20
CA UNK B 372 4.37 14.77 -10.62
C UNK B 372 3.67 13.73 -11.47
N UNK B 373 2.47 14.01 -11.97
CA UNK B 373 1.74 13.01 -12.74
C UNK B 373 2.46 12.64 -14.02
N UNK B 374 2.93 13.64 -14.76
CA UNK B 374 3.60 13.40 -16.03
C UNK B 374 4.79 12.45 -15.87
N UNK B 375 5.46 12.51 -14.72
CA UNK B 375 6.60 11.66 -14.50
C UNK B 375 6.26 10.19 -14.56
N UNK B 376 5.07 9.82 -14.10
CA UNK B 376 4.67 8.42 -14.11
C UNK B 376 4.48 7.93 -15.55
N UNK B 377 3.79 8.71 -16.38
CA UNK B 377 3.64 8.36 -17.78
C UNK B 377 5.00 8.20 -18.43
N UNK B 378 5.91 9.16 -18.18
CA UNK B 378 7.23 9.07 -18.78
C UNK B 378 8.06 7.95 -18.18
N UNK B 379 7.66 7.40 -17.05
CA UNK B 379 8.31 6.21 -16.51
C UNK B 379 7.73 4.93 -17.09
N UNK B 380 6.48 4.95 -17.56
CA UNK B 380 5.96 3.79 -18.25
C UNK B 380 6.46 3.71 -19.68
N UNK B 381 6.70 4.85 -20.32
CA UNK B 381 7.38 4.82 -21.61
C UNK B 381 8.63 3.97 -21.55
N UNK B 382 9.43 4.14 -20.49
CA UNK B 382 10.68 3.39 -20.39
C UNK B 382 10.41 1.90 -20.21
N UNK B 383 9.48 1.55 -19.33
CA UNK B 383 9.17 0.14 -19.12
C UNK B 383 8.72 -0.51 -20.42
N UNK B 384 8.07 0.25 -21.30
CA UNK B 384 7.66 -0.29 -22.59
C UNK B 384 8.84 -0.40 -23.55
N UNK B 385 9.62 0.66 -23.65
CA UNK B 385 10.67 0.75 -24.66
C UNK B 385 11.79 -0.23 -24.38
N UNK B 386 12.26 -0.27 -23.14
CA UNK B 386 13.41 -1.10 -22.80
C UNK B 386 13.25 -2.54 -23.29
N UNK B 387 12.03 -2.97 -23.58
CA UNK B 387 11.79 -4.26 -24.20
C UNK B 387 12.06 -4.25 -25.70
N UNK B 388 12.44 -3.11 -26.27
CA UNK B 388 12.70 -2.99 -27.69
C UNK B 388 14.20 -2.98 -27.95
N UNK B 389 14.89 -2.02 -27.35
CA UNK B 389 16.32 -1.87 -27.58
C UNK B 389 17.06 -3.16 -27.24
N UNK B 390 16.50 -3.96 -26.33
CA UNK B 390 17.09 -5.25 -25.98
C UNK B 390 16.69 -6.36 -26.94
N UNK B 391 15.99 -6.04 -28.02
CA UNK B 391 15.54 -7.03 -29.00
C UNK B 391 16.18 -6.85 -30.37
N UNK B 392 16.53 -5.62 -30.75
CA UNK B 392 17.18 -5.34 -32.03
C UNK B 392 16.29 -5.75 -33.20
N UNK B 393 15.13 -5.10 -33.28
CA UNK B 393 14.18 -5.34 -34.35
C UNK B 393 14.86 -5.38 -35.72
N UNK B 394 15.51 -4.29 -36.10
CA UNK B 394 16.13 -4.08 -37.40
C UNK B 394 15.11 -3.97 -38.53
N UNK B 395 13.83 -4.12 -38.25
CA UNK B 395 12.77 -3.95 -39.24
C UNK B 395 11.84 -2.81 -38.88
N UNK B 396 11.43 -2.73 -37.61
CA UNK B 396 10.78 -1.53 -37.11
C UNK B 396 11.73 -0.80 -36.17
N UNK B 397 12.30 0.31 -36.63
CA UNK B 397 13.36 1.00 -35.90
C UNK B 397 12.88 2.40 -35.59
N UNK B 398 13.78 3.21 -35.03
CA UNK B 398 13.40 4.48 -34.41
C UNK B 398 12.60 5.38 -35.35
N UNK B 399 12.62 5.13 -36.65
CA UNK B 399 11.92 5.99 -37.59
C UNK B 399 10.45 6.13 -37.23
N UNK B 400 9.84 5.08 -36.67
CA UNK B 400 8.43 5.15 -36.35
C UNK B 400 8.11 6.24 -35.34
N UNK B 401 9.10 6.66 -34.55
CA UNK B 401 8.87 7.59 -33.46
C UNK B 401 8.98 9.04 -33.93
N UNK B 402 10.16 9.41 -34.43
CA UNK B 402 10.42 10.80 -34.80
C UNK B 402 9.35 11.35 -35.73
N UNK B 403 8.76 10.51 -36.58
CA UNK B 403 7.72 10.96 -37.50
C UNK B 403 6.71 11.85 -36.78
N UNK B 404 6.29 11.45 -35.58
CA UNK B 404 5.31 12.23 -34.84
C UNK B 404 5.69 13.70 -34.83
N UNK B 405 6.88 13.99 -34.30
CA UNK B 405 7.34 15.36 -34.23
C UNK B 405 7.16 16.06 -35.57
N UNK B 406 7.63 15.44 -36.65
CA UNK B 406 7.64 16.07 -37.95
C UNK B 406 6.25 16.56 -38.33
N UNK B 407 5.21 15.84 -37.94
CA UNK B 407 3.85 16.23 -38.33
C UNK B 407 3.20 17.14 -37.31
N UNK B 408 3.65 17.11 -36.06
CA UNK B 408 3.22 18.12 -35.09
C UNK B 408 3.88 19.46 -35.36
N UNK B 409 4.91 19.50 -36.20
CA UNK B 409 5.72 20.69 -36.42
C UNK B 409 5.54 21.27 -37.82
N UNK B 410 4.53 20.81 -38.55
CA UNK B 410 4.18 21.38 -39.84
C UNK B 410 2.96 22.28 -39.79
N UNK B 411 2.06 22.04 -38.84
CA UNK B 411 0.87 22.88 -38.71
C UNK B 411 1.25 24.34 -38.52
N UNK B 412 2.37 24.62 -37.85
CA UNK B 412 2.80 25.98 -37.57
C UNK B 412 3.72 26.52 -38.67
N UNK B 413 3.27 26.43 -39.92
CA UNK B 413 3.96 27.02 -41.05
C UNK B 413 3.24 28.22 -41.63
N UNK B 414 1.99 28.46 -41.24
CA UNK B 414 1.27 29.64 -41.66
C UNK B 414 1.66 30.85 -40.85
N UNK B 415 2.86 31.38 -41.12
CA UNK B 415 3.39 32.52 -40.40
C UNK B 415 2.30 33.57 -40.15
N UNK B 416 2.26 34.07 -38.93
CA UNK B 416 1.17 34.93 -38.48
C UNK B 416 1.73 35.93 -37.46
N UNK B 417 0.82 36.55 -36.71
CA UNK B 417 1.18 37.62 -35.78
C UNK B 417 1.62 37.01 -34.45
N UNK B 418 2.88 36.58 -34.41
CA UNK B 418 3.56 36.18 -33.19
C UNK B 418 2.67 35.29 -32.31
N UNK B 419 2.00 34.34 -32.94
CA UNK B 419 1.13 33.40 -32.25
C UNK B 419 1.51 31.95 -32.42
N UNK B 420 2.18 31.59 -33.50
CA UNK B 420 2.56 30.19 -33.76
C UNK B 420 4.02 29.89 -33.45
N UNK B 421 4.92 30.83 -33.70
CA UNK B 421 6.33 30.62 -33.35
C UNK B 421 6.46 30.22 -31.88
N UNK B 422 5.76 30.93 -31.00
CA UNK B 422 5.80 30.61 -29.58
C UNK B 422 5.35 29.17 -29.34
N UNK B 423 4.23 28.78 -29.94
CA UNK B 423 3.77 27.41 -29.82
C UNK B 423 4.80 26.44 -30.39
N UNK B 424 5.50 26.84 -31.45
CA UNK B 424 6.51 25.96 -32.05
C UNK B 424 7.62 25.67 -31.05
N UNK B 425 8.23 26.71 -30.50
CA UNK B 425 9.30 26.47 -29.55
C UNK B 425 8.77 25.81 -28.28
N UNK B 426 7.51 26.05 -27.94
CA UNK B 426 6.94 25.41 -26.76
C UNK B 426 6.76 23.92 -26.94
N UNK B 427 6.40 23.49 -28.16
CA UNK B 427 6.31 22.07 -28.41
C UNK B 427 7.71 21.48 -28.56
N UNK B 428 8.66 22.28 -29.05
CA UNK B 428 10.01 21.78 -29.25
C UNK B 428 10.69 21.49 -27.91
N UNK B 429 10.54 22.38 -26.94
CA UNK B 429 11.09 22.11 -25.61
C UNK B 429 10.54 20.83 -25.04
N UNK B 430 9.29 20.49 -25.36
CA UNK B 430 8.71 19.24 -24.86
C UNK B 430 9.23 18.04 -25.65
N UNK B 431 9.42 18.21 -26.97
CA UNK B 431 10.09 17.19 -27.74
C UNK B 431 11.44 16.85 -27.14
N UNK B 432 12.13 17.85 -26.60
CA UNK B 432 13.41 17.61 -25.94
C UNK B 432 13.21 16.93 -24.59
N UNK B 433 12.35 17.50 -23.74
CA UNK B 433 12.09 16.91 -22.43
C UNK B 433 11.74 15.43 -22.54
N UNK B 434 11.05 15.04 -23.60
CA UNK B 434 10.68 13.64 -23.76
C UNK B 434 11.92 12.79 -23.90
N UNK B 435 12.74 13.08 -24.92
CA UNK B 435 13.95 12.29 -25.16
C UNK B 435 14.77 12.10 -23.90
N UNK B 436 14.70 13.03 -22.96
CA UNK B 436 15.35 12.89 -21.68
C UNK B 436 14.50 12.12 -20.68
N UNK B 437 13.36 11.60 -21.10
CA UNK B 437 12.42 10.94 -20.21
C UNK B 437 12.09 9.53 -20.66
N UNK B 438 12.56 9.14 -21.85
CA UNK B 438 12.56 7.74 -22.25
C UNK B 438 13.97 7.28 -22.64
N UNK B 439 15.00 7.67 -21.91
CA UNK B 439 16.30 7.06 -22.15
C UNK B 439 16.52 5.84 -21.29
N UNK B 440 16.70 4.69 -21.89
CA UNK B 440 17.69 3.75 -21.39
C UNK B 440 19.06 4.22 -21.83
N UNK B 441 19.09 5.44 -22.38
CA UNK B 441 20.24 6.25 -22.72
C UNK B 441 20.88 5.89 -24.05
N UNK B 442 20.37 4.87 -24.77
CA UNK B 442 20.87 4.63 -26.11
C UNK B 442 19.75 4.22 -27.06
N UNK B 443 18.53 4.73 -26.84
CA UNK B 443 17.53 4.65 -27.89
C UNK B 443 18.03 5.35 -29.15
N UNK B 444 18.79 6.42 -28.97
CA UNK B 444 19.33 7.19 -30.10
C UNK B 444 20.66 6.56 -30.45
N UNK B 445 20.58 5.41 -31.13
CA UNK B 445 21.72 4.71 -31.72
C UNK B 445 21.19 3.54 -32.53
N UNK B 446 21.64 3.40 -33.78
CA UNK B 446 21.07 2.44 -34.72
C UNK B 446 22.14 1.42 -35.10
N UNK B 447 22.40 0.44 -34.24
CA UNK B 447 23.32 -0.63 -34.60
C UNK B 447 22.77 -1.52 -35.70
N UNK B 448 23.53 -2.56 -36.06
CA UNK B 448 23.13 -3.46 -37.11
C UNK B 448 23.62 -4.86 -36.75
N UNK B 449 23.58 -5.79 -37.71
CA UNK B 449 24.00 -7.16 -37.44
C UNK B 449 24.30 -7.86 -38.75
N UNK B 450 25.57 -8.23 -38.94
CA UNK B 450 25.98 -9.11 -40.03
C UNK B 450 27.01 -10.12 -39.54
N UNK B 451 26.89 -10.52 -38.28
CA UNK B 451 27.94 -11.20 -37.56
C UNK B 451 28.70 -10.30 -36.61
N UNK B 452 28.66 -8.99 -36.85
CA UNK B 452 29.23 -7.98 -35.97
C UNK B 452 28.22 -6.86 -35.81
N UNK B 453 28.62 -5.80 -35.10
CA UNK B 453 27.78 -4.65 -34.86
C UNK B 453 28.55 -3.38 -35.14
N UNK B 454 28.00 -2.53 -36.00
CA UNK B 454 28.71 -1.36 -36.53
C UNK B 454 28.47 -0.10 -35.72
N UNK B 455 27.36 -0.01 -34.99
CA UNK B 455 27.07 1.06 -34.03
C UNK B 455 26.60 2.36 -34.69
N UNK B 456 26.51 2.44 -36.00
CA UNK B 456 26.13 3.68 -36.65
C UNK B 456 24.85 4.27 -36.12
N UNK B 457 24.61 5.56 -36.40
CA UNK B 457 23.38 6.26 -36.03
C UNK B 457 22.97 7.14 -37.20
N UNK B 458 22.15 6.59 -38.10
CA UNK B 458 21.69 7.35 -39.25
C UNK B 458 20.52 8.26 -38.92
N UNK B 459 19.94 8.15 -37.73
CA UNK B 459 18.86 9.00 -37.28
C UNK B 459 19.32 9.82 -36.08
N UNK B 460 18.51 10.82 -35.73
CA UNK B 460 18.88 11.83 -34.75
C UNK B 460 19.90 12.81 -35.33
N UNK B 461 20.37 12.52 -36.54
CA UNK B 461 21.21 13.48 -37.23
C UNK B 461 20.38 14.38 -38.13
N UNK B 462 19.37 13.81 -38.80
CA UNK B 462 18.44 14.63 -39.56
C UNK B 462 17.59 15.49 -38.64
N UNK B 463 17.10 14.90 -37.54
CA UNK B 463 16.30 15.66 -36.60
C UNK B 463 17.07 16.86 -36.07
N UNK B 464 18.36 16.67 -35.81
CA UNK B 464 19.19 17.77 -35.31
C UNK B 464 19.44 18.79 -36.41
N UNK B 465 19.81 18.32 -37.60
CA UNK B 465 20.11 19.25 -38.68
C UNK B 465 18.88 20.03 -39.14
N UNK B 466 17.68 19.56 -38.81
CA UNK B 466 16.46 20.20 -39.29
C UNK B 466 15.71 20.97 -38.22
N UNK B 467 15.38 20.35 -37.07
CA UNK B 467 14.39 20.93 -36.18
C UNK B 467 14.80 20.84 -34.72
N UNK B 468 16.09 20.81 -34.43
CA UNK B 468 16.55 20.86 -33.04
C UNK B 468 17.59 21.95 -32.85
N UNK B 469 18.45 22.15 -33.84
CA UNK B 469 19.47 23.18 -33.74
C UNK B 469 18.87 24.56 -33.51
N UNK B 470 17.61 24.76 -33.88
CA UNK B 470 16.91 26.02 -33.62
C UNK B 470 16.08 25.94 -32.35
N UNK B 471 16.74 25.57 -31.25
CA UNK B 471 16.07 25.35 -29.97
C UNK B 471 16.52 26.34 -28.91
N UNK B 472 17.81 26.40 -28.63
CA UNK B 472 18.30 27.09 -27.46
C UNK B 472 19.05 28.37 -27.77
N UNK B 473 19.65 28.96 -26.76
CA UNK B 473 20.37 30.21 -26.93
C UNK B 473 21.79 29.96 -27.44
N UNK B 474 22.53 31.06 -27.58
CA UNK B 474 23.91 31.05 -28.06
C UNK B 474 23.99 30.77 -29.56
N UNK B 475 22.89 30.38 -30.18
CA UNK B 475 22.89 30.25 -31.62
C UNK B 475 23.45 28.92 -32.08
N UNK B 476 24.74 28.95 -32.39
CA UNK B 476 25.47 27.85 -33.00
C UNK B 476 25.52 26.57 -32.19
N UNK B 477 24.94 26.55 -30.99
CA UNK B 477 25.12 25.43 -30.07
C UNK B 477 23.77 24.91 -29.60
N UNK B 478 23.84 23.76 -28.94
CA UNK B 478 22.74 23.16 -28.21
C UNK B 478 22.96 23.36 -26.72
N UNK B 479 21.98 23.00 -25.90
CA UNK B 479 22.18 23.05 -24.45
C UNK B 479 22.91 21.81 -23.94
N UNK B 480 23.41 21.92 -22.71
CA UNK B 480 24.12 20.81 -22.08
C UNK B 480 23.15 19.97 -21.24
N UNK B 481 22.10 19.53 -21.91
CA UNK B 481 21.25 18.47 -21.38
C UNK B 481 20.87 17.44 -22.42
N UNK B 482 21.10 17.72 -23.69
CA UNK B 482 20.82 16.77 -24.75
C UNK B 482 22.07 16.34 -25.50
N UNK B 483 23.15 17.11 -25.44
CA UNK B 483 24.40 16.76 -26.10
C UNK B 483 25.26 15.83 -25.26
N UNK B 484 24.84 15.49 -24.05
CA UNK B 484 25.53 14.49 -23.26
C UNK B 484 24.96 13.10 -23.44
N UNK B 485 23.71 13.00 -23.88
CA UNK B 485 23.10 11.69 -24.10
C UNK B 485 23.75 10.98 -25.27
N UNK B 486 24.15 11.71 -26.31
CA UNK B 486 24.81 11.07 -27.44
C UNK B 486 26.15 10.48 -27.01
N UNK B 487 26.93 11.21 -26.22
CA UNK B 487 28.23 10.70 -25.80
C UNK B 487 28.07 9.61 -24.75
N UNK B 488 27.28 9.86 -23.72
CA UNK B 488 26.98 8.85 -22.72
C UNK B 488 26.21 7.67 -23.31
N UNK B 489 25.83 7.74 -24.58
CA UNK B 489 25.17 6.65 -25.25
C UNK B 489 26.12 5.85 -26.12
N UNK B 490 27.05 6.52 -26.81
CA UNK B 490 28.10 5.79 -27.50
C UNK B 490 28.99 5.08 -26.50
N UNK B 491 29.14 5.67 -25.31
CA UNK B 491 29.93 5.02 -24.27
C UNK B 491 29.23 3.77 -23.75
N UNK B 492 27.90 3.77 -23.74
CA UNK B 492 27.15 2.67 -23.16
C UNK B 492 26.76 1.61 -24.19
N UNK B 493 26.74 1.97 -25.48
CA UNK B 493 26.48 1.03 -26.55
C UNK B 493 27.76 0.45 -27.13
N UNK B 494 28.91 0.98 -26.73
CA UNK B 494 30.20 0.44 -27.14
C UNK B 494 30.56 -0.82 -26.37
N UNK B 495 29.61 -1.38 -25.64
CA UNK B 495 29.83 -2.63 -24.92
C UNK B 495 29.51 -3.84 -25.80
N UNK B 496 28.43 -3.72 -26.59
CA UNK B 496 27.98 -4.86 -27.40
C UNK B 496 29.08 -5.32 -28.34
N UNK B 497 29.81 -4.39 -28.93
CA UNK B 497 30.83 -4.74 -29.91
C UNK B 497 31.95 -5.53 -29.24
N UNK B 498 32.89 -6.00 -30.05
CA UNK B 498 34.00 -6.80 -29.55
C UNK B 498 35.21 -5.95 -29.18
N UNK B 499 35.45 -4.85 -29.89
CA UNK B 499 36.58 -3.99 -29.56
C UNK B 499 36.25 -3.05 -28.41
N UNK B 500 35.22 -2.21 -28.60
CA UNK B 500 34.75 -1.19 -27.67
C UNK B 500 35.64 0.04 -27.67
N UNK B 501 36.73 0.05 -28.45
CA UNK B 501 37.57 1.23 -28.60
C UNK B 501 37.62 1.77 -30.02
N UNK B 502 37.23 0.97 -31.01
CA UNK B 502 37.17 1.41 -32.39
C UNK B 502 35.77 1.81 -32.81
N UNK B 503 34.74 1.14 -32.30
CA UNK B 503 33.36 1.51 -32.60
C UNK B 503 33.09 2.96 -32.24
N UNK B 504 33.78 3.49 -31.25
CA UNK B 504 33.58 4.88 -30.85
C UNK B 504 34.29 5.81 -31.82
N UNK B 505 35.53 5.46 -32.18
CA UNK B 505 36.29 6.28 -33.12
C UNK B 505 35.58 6.36 -34.46
N UNK B 506 34.93 5.29 -34.88
CA UNK B 506 34.20 5.30 -36.14
C UNK B 506 33.10 6.35 -36.12
N UNK B 507 32.24 6.28 -35.10
CA UNK B 507 31.14 7.24 -34.97
C UNK B 507 31.68 8.66 -34.92
N UNK B 508 32.69 8.88 -34.07
CA UNK B 508 33.16 10.24 -33.84
C UNK B 508 33.98 10.77 -34.99
N UNK B 509 34.44 9.90 -35.89
CA UNK B 509 35.07 10.36 -37.12
C UNK B 509 34.04 10.66 -38.20
N UNK B 510 32.96 9.89 -38.24
CA UNK B 510 31.88 10.19 -39.16
C UNK B 510 31.19 11.50 -38.78
N UNK B 511 31.09 11.79 -37.48
CA UNK B 511 30.36 12.96 -37.03
C UNK B 511 30.96 14.27 -37.50
N UNK B 512 32.18 14.26 -38.02
CA UNK B 512 32.78 15.51 -38.48
C UNK B 512 32.12 16.00 -39.77
N UNK B 513 31.72 15.08 -40.65
CA UNK B 513 31.08 15.48 -41.89
C UNK B 513 29.63 15.86 -41.65
N UNK B 514 28.84 14.95 -41.10
CA UNK B 514 27.42 15.17 -40.83
C UNK B 514 27.19 15.37 -39.35
N UNK B 515 26.24 16.24 -39.03
CA UNK B 515 25.90 16.58 -37.65
C UNK B 515 27.11 17.15 -36.92
N UNK B 516 27.74 18.20 -37.45
CA UNK B 516 28.84 18.83 -36.71
C UNK B 516 28.37 19.67 -35.54
N UNK B 517 27.12 20.13 -35.57
CA UNK B 517 26.59 20.99 -34.51
C UNK B 517 26.68 20.35 -33.13
N UNK B 518 27.02 19.06 -33.04
CA UNK B 518 27.14 18.42 -31.74
C UNK B 518 28.51 18.69 -31.13
N UNK B 519 29.58 18.36 -31.86
CA UNK B 519 30.94 18.58 -31.37
C UNK B 519 31.09 19.98 -30.78
N UNK B 520 30.74 20.99 -31.57
CA UNK B 520 30.82 22.37 -31.09
C UNK B 520 30.11 22.54 -29.77
N UNK B 521 28.97 21.87 -29.60
CA UNK B 521 28.24 21.94 -28.34
C UNK B 521 28.95 21.21 -27.22
N UNK B 522 29.91 20.34 -27.54
CA UNK B 522 30.78 19.79 -26.52
C UNK B 522 31.87 20.80 -26.16
N UNK B 523 32.61 21.25 -27.16
CA UNK B 523 33.64 22.26 -26.97
C UNK B 523 33.14 23.41 -26.09
N UNK B 524 32.00 23.99 -26.44
CA UNK B 524 31.44 25.10 -25.70
C UNK B 524 31.12 24.67 -24.27
N UNK B 525 30.88 23.37 -24.08
CA UNK B 525 30.46 22.85 -22.79
C UNK B 525 31.29 21.68 -22.31
N UNK B 526 32.59 21.72 -22.57
CA UNK B 526 33.47 20.60 -22.25
C UNK B 526 33.72 20.47 -20.75
N UNK B 527 34.13 21.55 -20.05
CA UNK B 527 34.62 21.37 -18.67
C UNK B 527 33.65 20.65 -17.75
N UNK B 528 32.35 20.82 -17.96
CA UNK B 528 31.34 20.09 -17.20
C UNK B 528 30.94 18.80 -17.89
N UNK B 529 31.79 18.29 -18.79
CA UNK B 529 31.53 17.06 -19.50
C UNK B 529 32.68 16.06 -19.40
N UNK B 530 33.90 16.51 -19.11
CA UNK B 530 35.04 15.60 -19.04
C UNK B 530 34.89 14.58 -17.92
N UNK B 531 34.77 14.97 -16.65
CA UNK B 531 34.72 13.97 -15.58
C UNK B 531 33.61 12.95 -15.76
N UNK B 532 32.47 13.36 -16.32
CA UNK B 532 31.37 12.44 -16.59
C UNK B 532 31.89 11.21 -17.34
N UNK B 533 32.49 11.45 -18.50
CA UNK B 533 32.96 10.35 -19.33
C UNK B 533 34.17 9.66 -18.69
N UNK B 534 35.08 10.45 -18.13
CA UNK B 534 36.27 9.88 -17.51
C UNK B 534 35.90 8.93 -16.38
N UNK B 535 34.73 9.11 -15.78
CA UNK B 535 34.25 8.23 -14.73
C UNK B 535 33.45 7.06 -15.29
N UNK B 536 32.59 7.32 -16.26
CA UNK B 536 31.82 6.25 -16.88
C UNK B 536 32.74 5.17 -17.44
N UNK B 537 33.72 5.58 -18.24
CA UNK B 537 34.64 4.61 -18.85
C UNK B 537 35.32 3.76 -17.78
N UNK B 538 35.84 4.40 -16.74
CA UNK B 538 36.51 3.65 -15.68
C UNK B 538 35.54 2.73 -14.95
N UNK B 539 34.27 3.12 -14.88
CA UNK B 539 33.28 2.26 -14.24
C UNK B 539 33.01 1.01 -15.06
N UNK B 540 33.00 1.14 -16.38
CA UNK B 540 32.64 0.01 -17.23
C UNK B 540 33.84 -0.88 -17.53
N UNK B 541 34.90 -0.31 -18.12
CA UNK B 541 36.06 -1.09 -18.53
C UNK B 541 37.23 -0.93 -17.57
N UNK B 542 37.68 0.28 -17.34
CA UNK B 542 38.83 0.52 -16.49
C UNK B 542 40.14 0.42 -17.23
N UNK B 543 40.20 0.98 -18.43
CA UNK B 543 41.40 1.02 -19.25
C UNK B 543 41.55 2.42 -19.83
N UNK B 544 42.57 2.60 -20.66
CA UNK B 544 42.85 3.90 -21.24
C UNK B 544 41.71 4.34 -22.14
N UNK B 545 41.61 5.64 -22.37
CA UNK B 545 40.59 6.21 -23.23
C UNK B 545 40.99 6.02 -24.69
N UNK B 546 40.03 6.17 -25.60
CA UNK B 546 40.35 6.01 -27.02
C UNK B 546 41.12 7.19 -27.58
N UNK B 547 41.34 7.19 -28.89
CA UNK B 547 42.17 8.17 -29.55
C UNK B 547 41.39 9.38 -30.06
N UNK B 548 40.07 9.38 -29.94
CA UNK B 548 39.24 10.47 -30.42
C UNK B 548 38.44 11.16 -29.33
N UNK B 549 38.48 10.66 -28.09
CA UNK B 549 37.88 11.33 -26.96
C UNK B 549 38.90 12.05 -26.08
N UNK B 550 40.17 12.05 -26.48
CA UNK B 550 41.20 12.72 -25.71
C UNK B 550 41.92 13.81 -26.49
N UNK B 551 41.86 13.80 -27.83
CA UNK B 551 42.38 14.93 -28.59
C UNK B 551 41.72 16.22 -28.16
N UNK B 552 40.44 16.15 -27.79
CA UNK B 552 39.73 17.32 -27.31
C UNK B 552 40.34 17.82 -26.01
N UNK B 553 40.63 16.90 -25.08
CA UNK B 553 41.33 17.25 -23.85
C UNK B 553 42.68 17.88 -24.16
N UNK B 554 43.42 17.32 -25.10
CA UNK B 554 44.73 17.87 -25.44
C UNK B 554 44.60 19.29 -25.97
N UNK B 555 43.61 19.54 -26.82
CA UNK B 555 43.44 20.89 -27.36
C UNK B 555 43.06 21.87 -26.25
N UNK B 556 42.14 21.47 -25.38
CA UNK B 556 41.79 22.32 -24.24
C UNK B 556 43.00 22.67 -23.40
N UNK B 557 43.80 21.65 -23.06
CA UNK B 557 44.96 21.89 -22.21
C UNK B 557 45.99 22.76 -22.91
N UNK B 558 46.20 22.55 -24.21
CA UNK B 558 47.11 23.40 -24.96
C UNK B 558 46.65 24.85 -24.93
N UNK B 559 45.37 25.08 -25.20
CA UNK B 559 44.83 26.44 -25.17
C UNK B 559 45.09 27.08 -23.81
N UNK B 560 44.72 26.37 -22.74
CA UNK B 560 44.91 26.91 -21.40
C UNK B 560 46.38 27.24 -21.15
N UNK B 561 47.25 26.25 -21.28
CA UNK B 561 48.67 26.45 -20.98
C UNK B 561 49.29 27.51 -21.86
N UNK B 562 48.70 27.79 -23.02
CA UNK B 562 49.27 28.80 -23.91
C UNK B 562 48.77 30.19 -23.57
N UNK B 563 47.55 30.30 -23.05
CA UNK B 563 47.00 31.61 -22.73
C UNK B 563 47.82 32.30 -21.65
N UNK B 564 48.11 31.58 -20.56
CA UNK B 564 48.73 32.21 -19.40
C UNK B 564 50.05 32.90 -19.76
N UNK B 565 50.85 32.27 -20.62
CA UNK B 565 52.17 32.77 -20.96
C UNK B 565 52.29 33.16 -22.42
N UNK B 566 51.94 32.26 -23.34
CA UNK B 566 52.02 32.55 -24.76
C UNK B 566 53.08 31.71 -25.44
N UNK B 567 52.66 30.75 -26.26
CA UNK B 567 53.62 29.81 -26.85
C UNK B 567 53.31 29.49 -28.32
N UNK B 568 52.62 30.38 -29.03
CA UNK B 568 52.37 30.20 -30.46
C UNK B 568 51.65 28.88 -30.73
N UNK B 569 50.42 28.83 -30.20
CA UNK B 569 49.56 27.66 -30.28
C UNK B 569 49.66 26.95 -31.62
N UNK B 570 49.64 25.62 -31.57
CA UNK B 570 49.63 24.77 -32.76
C UNK B 570 48.22 24.65 -33.32
N UNK B 571 48.05 23.81 -34.34
CA UNK B 571 46.79 23.70 -35.06
C UNK B 571 46.56 22.25 -35.45
N UNK B 572 45.42 21.69 -35.05
CA UNK B 572 45.09 20.29 -35.34
C UNK B 572 44.23 20.17 -36.60
N UNK B 573 44.65 20.81 -37.69
CA UNK B 573 44.07 20.59 -39.02
C UNK B 573 42.55 20.46 -39.01
N UNK B 574 41.87 21.24 -38.18
CA UNK B 574 40.41 21.20 -38.10
C UNK B 574 39.92 22.57 -37.64
N UNK B 575 39.86 23.52 -38.56
CA UNK B 575 39.75 24.94 -38.14
C UNK B 575 38.36 25.41 -37.75
N UNK B 576 37.42 24.50 -37.51
CA UNK B 576 36.15 24.87 -36.90
C UNK B 576 35.96 24.23 -35.54
N UNK B 577 36.92 23.44 -35.07
CA UNK B 577 36.97 22.99 -33.68
C UNK B 577 37.96 23.81 -32.87
N UNK B 578 39.22 23.86 -33.30
CA UNK B 578 40.28 24.52 -32.56
C UNK B 578 40.07 26.02 -32.45
N UNK B 579 39.00 26.56 -33.02
CA UNK B 579 38.64 27.96 -32.85
C UNK B 579 37.35 28.13 -32.08
N UNK B 580 36.79 27.04 -31.56
CA UNK B 580 35.69 27.11 -30.61
C UNK B 580 36.21 27.13 -29.18
N UNK B 581 37.06 26.15 -28.84
CA UNK B 581 37.80 26.20 -27.58
C UNK B 581 38.37 27.59 -27.36
N UNK B 582 39.20 28.03 -28.31
CA UNK B 582 39.89 29.31 -28.20
C UNK B 582 38.93 30.45 -27.94
N UNK B 583 37.70 30.35 -28.43
CA UNK B 583 36.75 31.44 -28.28
C UNK B 583 36.03 31.39 -26.95
N UNK B 584 35.56 30.19 -26.55
CA UNK B 584 34.78 30.08 -25.32
C UNK B 584 35.65 30.27 -24.08
N UNK B 585 36.86 29.68 -24.09
CA UNK B 585 37.76 29.87 -22.96
C UNK B 585 37.98 31.34 -22.69
N UNK B 586 38.15 32.13 -23.75
CA UNK B 586 38.26 33.57 -23.60
C UNK B 586 36.96 34.15 -23.08
N UNK B 587 35.86 33.93 -23.81
CA UNK B 587 34.61 34.61 -23.51
C UNK B 587 34.11 34.34 -22.10
N UNK B 588 34.53 33.24 -21.48
CA UNK B 588 34.08 32.98 -20.11
C UNK B 588 34.96 33.71 -19.09
N UNK B 589 36.27 33.73 -19.30
CA UNK B 589 37.21 34.38 -18.40
C UNK B 589 37.33 35.88 -18.63
N UNK B 590 36.46 36.46 -19.46
CA UNK B 590 36.37 37.90 -19.67
C UNK B 590 37.66 38.51 -20.20
N UNK B 591 38.60 37.69 -20.69
CA UNK B 591 39.79 38.25 -21.31
C UNK B 591 39.41 39.00 -22.59
N UNK B 592 40.24 39.95 -23.00
CA UNK B 592 39.94 40.72 -24.22
C UNK B 592 40.49 40.06 -25.48
N UNK B 593 40.30 40.74 -26.61
CA UNK B 593 40.75 40.20 -27.90
C UNK B 593 42.26 40.00 -27.93
N UNK B 594 43.01 41.09 -27.69
CA UNK B 594 44.45 41.10 -27.91
C UNK B 594 45.12 39.82 -27.44
N UNK B 595 44.63 39.24 -26.35
CA UNK B 595 45.16 37.98 -25.85
C UNK B 595 44.41 36.78 -26.44
N UNK B 596 43.78 36.95 -27.60
CA UNK B 596 43.04 35.87 -28.26
C UNK B 596 43.69 35.44 -29.56
N UNK B 597 44.09 36.38 -30.41
CA UNK B 597 44.74 36.05 -31.67
C UNK B 597 46.19 36.51 -31.73
N UNK B 598 46.74 37.01 -30.63
CA UNK B 598 48.16 37.29 -30.53
C UNK B 598 49.00 36.03 -30.43
N UNK B 599 48.37 34.86 -30.36
CA UNK B 599 49.07 33.60 -30.08
C UNK B 599 48.95 32.63 -31.25
N UNK B 600 48.57 33.12 -32.42
CA UNK B 600 48.46 32.29 -33.62
C UNK B 600 49.73 32.37 -34.44
N UNK B 601 50.07 31.27 -35.09
CA UNK B 601 51.35 31.10 -35.76
C UNK B 601 51.17 30.98 -37.27
N UNK B 602 50.30 31.82 -37.83
CA UNK B 602 49.98 31.70 -39.23
C UNK B 602 50.99 32.32 -40.18
N UNK B 603 51.77 31.47 -40.83
CA UNK B 603 52.64 31.89 -41.93
C UNK B 603 52.21 31.24 -43.24
N UNK B 604 52.05 29.92 -43.26
CA UNK B 604 51.52 29.23 -44.44
C UNK B 604 50.50 28.15 -44.11
N UNK B 605 50.37 27.73 -42.85
CA UNK B 605 49.41 26.70 -42.50
C UNK B 605 47.98 27.23 -42.57
N UNK B 606 47.04 26.38 -42.19
CA UNK B 606 45.62 26.76 -42.21
C UNK B 606 45.41 27.82 -41.13
N UNK B 607 45.40 29.08 -41.56
CA UNK B 607 45.29 30.23 -40.67
C UNK B 607 44.03 31.03 -40.93
N UNK B 608 43.77 31.40 -42.18
CA UNK B 608 42.62 32.23 -42.50
C UNK B 608 41.32 31.57 -42.05
N UNK B 609 41.25 30.24 -42.09
CA UNK B 609 40.02 29.57 -41.67
C UNK B 609 39.82 29.68 -40.17
N UNK B 610 40.89 29.55 -39.40
CA UNK B 610 40.81 29.73 -37.96
C UNK B 610 40.56 31.18 -37.63
N UNK B 611 40.65 32.07 -38.61
CA UNK B 611 40.40 33.48 -38.42
C UNK B 611 39.07 33.92 -39.00
N UNK B 612 38.40 33.03 -39.72
CA UNK B 612 37.05 33.27 -40.24
C UNK B 612 36.01 32.62 -39.35
N UNK B 613 36.31 31.43 -38.84
CA UNK B 613 35.43 30.83 -37.85
C UNK B 613 35.19 31.77 -36.69
N UNK B 614 36.22 32.52 -36.28
CA UNK B 614 36.05 33.47 -35.19
C UNK B 614 35.15 34.62 -35.60
N UNK B 615 35.24 35.07 -36.86
CA UNK B 615 34.33 36.11 -37.33
C UNK B 615 32.89 35.63 -37.30
N UNK B 616 32.69 34.36 -37.66
CA UNK B 616 31.35 33.77 -37.57
C UNK B 616 30.86 33.78 -36.13
N UNK B 617 31.64 33.17 -35.24
CA UNK B 617 31.25 33.10 -33.83
C UNK B 617 31.12 34.46 -33.18
N UNK B 618 31.70 35.51 -33.78
CA UNK B 618 31.60 36.85 -33.24
C UNK B 618 30.50 37.68 -33.88
N UNK B 619 29.94 37.22 -35.00
CA UNK B 619 28.75 37.83 -35.59
C UNK B 619 27.51 37.03 -35.31
N UNK B 620 27.62 35.93 -34.58
CA UNK B 620 26.47 35.19 -34.07
C UNK B 620 26.30 35.35 -32.57
N UNK B 621 27.08 36.23 -31.96
CA UNK B 621 26.88 36.61 -30.56
C UNK B 621 26.68 38.10 -30.40
N UNK B 622 26.80 38.88 -31.48
CA UNK B 622 26.27 40.22 -31.50
C UNK B 622 24.76 40.18 -31.37
N UNK B 623 24.15 39.04 -31.69
CA UNK B 623 22.72 38.90 -31.73
C UNK B 623 22.17 38.39 -30.40
N UNK B 624 22.74 37.31 -29.87
CA UNK B 624 22.33 36.83 -28.56
C UNK B 624 22.42 37.92 -27.50
N UNK B 625 23.18 38.98 -27.77
CA UNK B 625 23.21 40.15 -26.90
C UNK B 625 22.34 41.28 -27.44
N UNK B 626 21.48 40.97 -28.41
CA UNK B 626 20.44 41.87 -28.88
C UNK B 626 19.05 41.38 -28.52
N UNK B 627 18.74 40.13 -28.86
CA UNK B 627 17.47 39.54 -28.44
C UNK B 627 17.35 39.47 -26.92
N UNK B 628 18.47 39.37 -26.21
CA UNK B 628 18.45 39.22 -24.76
C UNK B 628 18.59 40.58 -24.08
N UNK B 629 17.57 41.40 -24.26
CA UNK B 629 17.40 42.66 -23.53
C UNK B 629 18.62 43.57 -23.71
N UNK B 630 18.80 43.99 -24.96
CA UNK B 630 19.92 44.86 -25.28
C UNK B 630 19.65 45.66 -26.53
N UNK B 631 20.61 46.52 -26.87
CA UNK B 631 20.55 47.35 -28.07
C UNK B 631 21.72 47.09 -29.00
N UNK B 632 22.93 46.97 -28.46
CA UNK B 632 24.12 46.78 -29.28
C UNK B 632 25.29 46.45 -28.36
N UNK B 633 26.15 45.55 -28.81
CA UNK B 633 27.27 45.05 -28.02
C UNK B 633 28.59 45.51 -28.64
N UNK B 634 29.59 45.74 -27.78
CA UNK B 634 30.90 46.19 -28.23
C UNK B 634 31.87 45.00 -28.32
N UNK B 635 31.68 44.22 -29.37
CA UNK B 635 32.65 43.25 -29.83
C UNK B 635 32.95 43.38 -31.31
N UNK B 636 32.17 44.18 -32.05
CA UNK B 636 32.42 44.39 -33.46
C UNK B 636 33.84 44.87 -33.72
N UNK B 637 34.50 45.45 -32.71
CA UNK B 637 35.91 45.80 -32.85
C UNK B 637 36.75 44.55 -33.08
N UNK B 638 36.41 43.46 -32.39
CA UNK B 638 37.10 42.20 -32.62
C UNK B 638 37.05 41.82 -34.09
N UNK B 639 35.92 42.03 -34.74
CA UNK B 639 35.79 41.68 -36.14
C UNK B 639 36.50 42.67 -37.04
N UNK B 640 36.44 43.97 -36.72
CA UNK B 640 37.20 44.96 -37.46
C UNK B 640 38.70 44.73 -37.34
N UNK B 641 39.14 43.95 -36.36
CA UNK B 641 40.54 43.57 -36.22
C UNK B 641 40.85 42.27 -36.95
N UNK B 642 39.98 41.28 -36.83
CA UNK B 642 40.16 40.04 -37.61
C UNK B 642 40.24 40.35 -39.09
N UNK B 643 39.48 41.36 -39.53
CA UNK B 643 39.48 41.72 -40.95
C UNK B 643 40.82 42.33 -41.34
N UNK B 644 41.36 43.21 -40.50
CA UNK B 644 42.66 43.80 -40.76
C UNK B 644 43.77 42.78 -40.70
N UNK B 645 43.58 41.69 -39.95
CA UNK B 645 44.55 40.60 -39.97
C UNK B 645 44.41 39.72 -41.21
N UNK B 646 43.20 39.50 -41.70
CA UNK B 646 43.02 38.77 -42.95
C UNK B 646 43.47 39.57 -44.17
N UNK B 647 43.49 40.90 -44.08
CA UNK B 647 44.01 41.72 -45.17
C UNK B 647 45.53 41.62 -45.31
N UNK B 648 46.26 41.64 -44.20
CA UNK B 648 47.72 41.55 -44.28
C UNK B 648 48.14 40.32 -45.07
N UNK B 649 47.43 39.21 -44.92
CA UNK B 649 47.67 38.04 -45.74
C UNK B 649 47.21 38.30 -47.17
N UNK B 650 47.37 37.28 -48.02
CA UNK B 650 47.02 37.41 -49.44
C UNK B 650 45.50 37.34 -49.60
N UNK B 651 44.84 38.35 -49.09
CA UNK B 651 43.41 38.48 -49.33
C UNK B 651 42.57 37.69 -48.36
N UNK B 652 42.17 36.50 -48.78
CA UNK B 652 41.31 35.62 -47.99
C UNK B 652 39.97 36.31 -47.69
N UNK B 653 39.24 36.56 -48.76
CA UNK B 653 37.98 37.28 -48.71
C UNK B 653 37.01 36.73 -47.68
N UNK B 654 36.09 37.57 -47.20
CA UNK B 654 35.10 37.23 -46.18
C UNK B 654 33.72 37.69 -46.66
N UNK B 655 33.12 36.91 -47.55
CA UNK B 655 31.72 37.15 -47.91
C UNK B 655 30.98 35.82 -47.96
N UNK B 656 31.72 34.71 -47.89
CA UNK B 656 31.10 33.39 -47.87
C UNK B 656 29.95 33.35 -46.88
N UNK B 657 30.14 34.00 -45.73
CA UNK B 657 29.17 33.88 -44.65
C UNK B 657 27.89 34.64 -44.98
N UNK B 658 28.02 35.76 -45.67
CA UNK B 658 26.87 36.61 -45.98
C UNK B 658 26.25 36.24 -47.33
N UNK B 659 25.93 34.96 -47.49
CA UNK B 659 25.30 34.48 -48.70
C UNK B 659 24.59 33.17 -48.37
N UNK B 660 23.28 33.14 -48.61
CA UNK B 660 22.45 32.02 -48.17
C UNK B 660 22.48 30.84 -49.11
N UNK B 661 22.58 31.09 -50.42
CA UNK B 661 22.61 30.00 -51.38
C UNK B 661 23.89 29.18 -51.20
N UNK B 662 23.98 28.09 -51.96
CA UNK B 662 25.13 27.19 -51.92
C UNK B 662 25.85 27.18 -53.27
N UNK B 663 25.88 28.33 -53.95
CA UNK B 663 26.43 28.39 -55.29
C UNK B 663 27.91 28.01 -55.31
N UNK B 664 28.74 28.80 -54.62
CA UNK B 664 30.17 28.56 -54.63
C UNK B 664 30.79 28.69 -53.23
N UNK B 665 29.98 28.65 -52.19
CA UNK B 665 30.50 28.67 -50.83
C UNK B 665 31.41 27.47 -50.60
N UNK B 666 32.70 27.69 -50.31
CA UNK B 666 33.59 26.54 -50.07
C UNK B 666 33.13 25.66 -48.93
N UNK B 667 33.88 24.58 -48.69
CA UNK B 667 33.40 23.52 -47.81
C UNK B 667 33.04 24.05 -46.43
N UNK B 668 34.02 24.61 -45.72
CA UNK B 668 33.73 25.08 -44.37
C UNK B 668 32.62 26.12 -44.38
N UNK B 669 32.47 26.86 -45.48
CA UNK B 669 31.41 27.85 -45.56
C UNK B 669 30.02 27.27 -45.48
N UNK B 670 29.88 25.97 -45.75
CA UNK B 670 28.61 25.28 -45.60
C UNK B 670 28.66 24.20 -44.54
N UNK B 671 29.82 23.95 -43.94
CA UNK B 671 29.87 23.17 -42.71
C UNK B 671 29.55 24.01 -41.50
N UNK B 672 29.45 25.32 -41.65
CA UNK B 672 29.10 26.21 -40.55
C UNK B 672 27.60 26.47 -40.50
N UNK B 673 27.05 27.01 -41.60
CA UNK B 673 25.62 27.30 -41.65
C UNK B 673 24.77 26.07 -41.36
N UNK B 674 25.32 24.87 -41.55
CA UNK B 674 24.63 23.65 -41.16
C UNK B 674 24.63 23.42 -39.66
N UNK B 675 25.14 24.37 -38.88
CA UNK B 675 25.11 24.30 -37.43
C UNK B 675 24.37 25.48 -36.80
N UNK B 676 24.08 26.52 -37.56
CA UNK B 676 23.39 27.68 -37.03
C UNK B 676 21.90 27.40 -36.91
N UNK B 677 21.14 28.40 -36.53
CA UNK B 677 19.69 28.33 -36.46
C UNK B 677 19.08 29.28 -37.49
N UNK B 678 17.87 28.96 -37.92
CA UNK B 678 17.18 29.78 -38.90
C UNK B 678 16.59 31.04 -38.29
N UNK B 679 16.61 31.17 -36.97
CA UNK B 679 16.19 32.42 -36.34
C UNK B 679 17.25 33.50 -36.53
N UNK B 680 18.52 33.11 -36.62
CA UNK B 680 19.61 34.04 -36.81
C UNK B 680 19.88 34.31 -38.28
N UNK B 681 20.04 33.24 -39.08
CA UNK B 681 20.30 33.40 -40.49
C UNK B 681 19.23 34.27 -41.17
N UNK B 682 18.04 34.34 -40.58
CA UNK B 682 17.01 35.26 -41.01
C UNK B 682 17.23 36.67 -40.45
N UNK B 683 18.35 36.89 -39.77
CA UNK B 683 18.60 38.12 -39.05
C UNK B 683 19.98 38.69 -39.29
N UNK B 684 20.81 38.03 -40.09
CA UNK B 684 22.15 38.53 -40.40
C UNK B 684 22.17 39.93 -41.00
N UNK B 685 21.31 40.28 -41.98
CA UNK B 685 21.41 41.62 -42.60
C UNK B 685 21.54 42.73 -41.57
N UNK B 686 20.85 42.55 -40.44
CA UNK B 686 20.94 43.48 -39.32
C UNK B 686 22.41 43.73 -38.95
N UNK B 687 23.16 42.64 -38.73
CA UNK B 687 24.57 42.76 -38.36
C UNK B 687 25.41 43.25 -39.53
N UNK B 688 25.13 42.72 -40.72
CA UNK B 688 25.89 43.12 -41.90
C UNK B 688 25.83 44.63 -42.10
N UNK B 689 24.71 45.25 -41.78
CA UNK B 689 24.55 46.68 -41.95
C UNK B 689 24.89 47.46 -40.68
N UNK B 690 24.99 46.79 -39.54
CA UNK B 690 25.57 47.42 -38.37
C UNK B 690 27.06 47.67 -38.57
N UNK B 691 27.81 46.62 -38.93
CA UNK B 691 29.27 46.71 -38.81
C UNK B 691 29.93 47.35 -40.03
N UNK B 692 29.38 47.12 -41.22
CA UNK B 692 29.97 47.61 -42.46
C UNK B 692 30.45 49.06 -42.35
N UNK B 693 29.61 50.01 -41.92
CA UNK B 693 30.01 51.42 -41.99
C UNK B 693 31.34 51.74 -41.30
N UNK B 694 31.94 50.81 -40.58
CA UNK B 694 33.24 51.01 -39.97
C UNK B 694 34.40 50.70 -40.93
N UNK B 695 34.13 50.59 -42.23
CA UNK B 695 35.14 50.22 -43.19
C UNK B 695 34.81 50.88 -44.52
N UNK B 696 35.84 51.05 -45.36
CA UNK B 696 35.63 51.63 -46.68
C UNK B 696 36.93 51.60 -47.47
N UNK B 697 36.79 51.70 -48.80
CA UNK B 697 37.86 51.77 -49.78
C UNK B 697 38.65 50.48 -49.90
N UNK B 698 38.35 49.47 -49.09
CA UNK B 698 38.98 48.16 -49.18
C UNK B 698 37.95 47.04 -49.12
N UNK B 699 36.70 47.34 -48.76
CA UNK B 699 35.65 46.33 -48.67
C UNK B 699 35.17 45.88 -50.05
N UNK B 700 35.52 46.62 -51.10
CA UNK B 700 34.97 46.35 -52.43
C UNK B 700 36.08 46.12 -53.45
N UNK B 701 36.92 47.13 -53.66
CA UNK B 701 37.83 47.16 -54.81
C UNK B 701 38.70 45.91 -54.85
N UNK B 702 38.97 45.33 -53.68
CA UNK B 702 39.78 44.11 -53.60
C UNK B 702 38.95 42.91 -53.17
N UNK B 703 37.63 42.99 -53.29
CA UNK B 703 36.74 41.89 -52.95
C UNK B 703 36.06 41.37 -54.21
N UNK B 704 35.39 40.22 -54.05
CA UNK B 704 34.70 39.55 -55.14
C UNK B 704 33.25 39.35 -54.73
N UNK B 705 32.34 39.79 -55.59
CA UNK B 705 30.90 39.64 -55.35
C UNK B 705 30.47 40.35 -54.07
N UNK B 706 30.67 41.67 -54.08
CA UNK B 706 30.19 42.52 -52.99
C UNK B 706 28.81 43.09 -53.30
N UNK B 707 28.71 43.83 -54.41
CA UNK B 707 27.44 44.44 -54.80
C UNK B 707 26.31 43.44 -54.77
N UNK B 708 26.50 42.29 -55.44
CA UNK B 708 25.47 41.26 -55.46
C UNK B 708 25.01 40.92 -54.05
N UNK B 709 25.97 40.72 -53.14
CA UNK B 709 25.63 40.33 -51.78
C UNK B 709 24.91 41.46 -51.06
N UNK B 710 25.41 42.69 -51.20
CA UNK B 710 24.75 43.83 -50.59
C UNK B 710 23.30 43.92 -50.99
N UNK B 711 22.99 43.71 -52.28
CA UNK B 711 21.61 43.78 -52.73
C UNK B 711 20.80 42.60 -52.21
N UNK B 712 21.34 41.39 -52.33
CA UNK B 712 20.69 40.21 -51.77
C UNK B 712 20.32 40.42 -50.31
N UNK B 713 21.08 41.25 -49.59
CA UNK B 713 20.81 41.50 -48.19
C UNK B 713 19.80 42.62 -47.99
N UNK B 714 20.01 43.75 -48.67
CA UNK B 714 19.07 44.86 -48.59
C UNK B 714 17.67 44.46 -49.01
N UNK B 715 17.54 43.36 -49.76
CA UNK B 715 16.21 42.85 -50.10
C UNK B 715 15.52 42.27 -48.86
N UNK B 716 16.23 41.44 -48.10
CA UNK B 716 15.65 40.84 -46.91
C UNK B 716 15.54 41.84 -45.77
N UNK B 717 16.40 42.85 -45.73
CA UNK B 717 16.25 43.92 -44.75
C UNK B 717 14.93 44.64 -44.93
N UNK B 718 14.30 44.49 -46.09
CA UNK B 718 12.96 45.01 -46.36
C UNK B 718 11.88 43.94 -46.21
N UNK B 719 12.16 42.70 -46.60
CA UNK B 719 11.19 41.64 -46.42
C UNK B 719 11.02 41.19 -44.98
N UNK B 720 11.61 41.88 -44.01
CA UNK B 720 11.44 41.50 -42.61
C UNK B 720 10.16 42.09 -42.04
N UNK B 721 10.03 43.41 -42.07
CA UNK B 721 8.86 44.07 -41.53
C UNK B 721 7.75 44.11 -42.58
N UNK C 11 8.55 43.62 37.36
CA UNK C 11 9.06 44.06 36.07
C UNK C 11 10.19 43.16 35.58
N UNK C 12 9.86 41.89 35.31
CA UNK C 12 10.89 40.96 34.82
C UNK C 12 11.37 41.25 33.42
N UNK C 13 10.78 42.23 32.73
CA UNK C 13 11.13 42.53 31.34
C UNK C 13 12.00 43.77 31.22
N UNK C 14 11.57 44.90 31.78
CA UNK C 14 12.32 46.13 31.63
C UNK C 14 13.79 45.97 31.97
N UNK C 15 14.07 45.36 33.12
CA UNK C 15 15.46 45.14 33.51
C UNK C 15 16.14 44.23 32.52
N UNK C 16 15.40 43.27 31.95
CA UNK C 16 15.98 42.36 30.98
C UNK C 16 16.51 43.11 29.77
N UNK C 17 15.67 43.96 29.17
CA UNK C 17 16.09 44.72 27.99
C UNK C 17 17.16 45.73 28.35
N UNK C 18 17.04 46.39 29.50
CA UNK C 18 18.09 47.31 29.93
C UNK C 18 19.44 46.60 29.98
N UNK C 19 19.47 45.39 30.55
CA UNK C 19 20.73 44.68 30.70
C UNK C 19 21.26 44.21 29.35
N UNK C 20 20.39 43.59 28.54
CA UNK C 20 20.83 43.10 27.25
C UNK C 20 21.10 44.23 26.25
N UNK C 21 20.79 45.48 26.63
CA UNK C 21 21.26 46.63 25.88
C UNK C 21 22.60 47.14 26.40
N UNK C 22 22.75 47.22 27.73
CA UNK C 22 24.04 47.61 28.28
C UNK C 22 25.14 46.66 27.83
N UNK C 23 24.79 45.41 27.56
CA UNK C 23 25.73 44.46 26.99
C UNK C 23 26.01 44.72 25.52
N UNK C 24 25.27 45.64 24.89
CA UNK C 24 25.49 45.90 23.46
C UNK C 24 26.78 46.67 23.21
N UNK C 25 26.96 47.87 23.75
CA UNK C 25 28.18 48.63 23.43
C UNK C 25 29.42 48.15 24.17
N UNK C 26 29.25 47.54 25.33
CA UNK C 26 30.39 47.11 26.14
C UNK C 26 31.28 46.09 25.44
N UNK C 27 30.84 45.56 24.29
CA UNK C 27 31.60 44.50 23.61
C UNK C 27 32.34 45.00 22.38
N UNK C 28 32.04 46.21 21.89
CA UNK C 28 32.77 46.73 20.74
C UNK C 28 34.27 46.71 20.99
N UNK C 29 34.68 46.99 22.23
CA UNK C 29 36.07 46.85 22.65
C UNK C 29 36.16 45.75 23.69
N UNK C 30 37.22 44.94 23.59
CA UNK C 30 37.42 43.81 24.51
C UNK C 30 37.89 44.36 25.86
N UNK C 31 36.99 45.08 26.51
CA UNK C 31 37.28 45.62 27.83
C UNK C 31 37.53 44.49 28.81
N UNK C 32 38.75 44.42 29.31
CA UNK C 32 39.17 43.29 30.13
C UNK C 32 38.31 43.19 31.39
N UNK C 33 37.81 41.98 31.66
CA UNK C 33 37.14 41.66 32.91
C UNK C 33 35.76 42.30 33.01
N UNK C 34 35.34 43.01 31.97
CA UNK C 34 34.00 43.63 31.95
C UNK C 34 32.96 42.58 31.56
N UNK C 35 32.74 41.65 32.48
CA UNK C 35 31.85 40.51 32.24
C UNK C 35 30.83 40.28 33.34
N UNK C 36 31.10 40.73 34.57
CA UNK C 36 30.17 40.47 35.67
C UNK C 36 28.78 41.03 35.37
N UNK C 37 28.68 42.01 34.47
CA UNK C 37 27.37 42.45 34.01
C UNK C 37 26.57 41.29 33.42
N UNK C 38 27.22 40.16 33.13
CA UNK C 38 26.50 38.96 32.75
C UNK C 38 25.73 38.39 33.94
N UNK C 39 26.43 38.17 35.05
CA UNK C 39 25.78 37.63 36.24
C UNK C 39 24.51 38.38 36.58
N UNK C 40 24.47 39.68 36.32
CA UNK C 40 23.30 40.48 36.67
C UNK C 40 22.05 39.88 36.05
N UNK C 41 22.12 39.53 34.76
CA UNK C 41 20.93 39.00 34.09
C UNK C 41 20.37 37.79 34.82
N UNK C 42 21.23 36.99 35.46
CA UNK C 42 20.75 35.85 36.24
C UNK C 42 19.61 36.29 37.14
N UNK C 43 19.85 37.33 37.94
CA UNK C 43 18.81 37.83 38.84
C UNK C 43 17.51 38.04 38.07
N UNK C 44 17.59 38.73 36.93
CA UNK C 44 16.40 38.99 36.13
C UNK C 44 15.70 37.69 35.78
N UNK C 45 16.45 36.70 35.28
CA UNK C 45 15.83 35.41 34.97
C UNK C 45 15.31 34.74 36.24
N UNK C 46 16.06 34.87 37.35
CA UNK C 46 15.57 34.36 38.62
C UNK C 46 14.33 35.11 39.09
N UNK C 47 14.07 36.28 38.53
CA UNK C 47 12.88 37.05 38.85
C UNK C 47 11.73 36.79 37.88
N UNK C 48 11.83 35.75 37.05
CA UNK C 48 10.78 35.43 36.09
C UNK C 48 10.33 33.98 36.14
N UNK C 49 11.04 33.10 36.85
CA UNK C 49 10.65 31.70 36.93
C UNK C 49 10.24 31.36 38.37
N UNK C 73 5.58 19.48 22.66
CA UNK C 73 4.49 20.44 22.50
C UNK C 73 5.03 21.80 22.09
N UNK C 74 4.13 22.67 21.60
CA UNK C 74 4.49 24.02 21.17
C UNK C 74 4.14 24.98 22.31
N UNK C 75 5.07 25.08 23.26
CA UNK C 75 4.84 25.93 24.42
C UNK C 75 4.75 27.40 24.00
N UNK C 76 3.82 28.11 24.61
CA UNK C 76 3.64 29.53 24.33
C UNK C 76 3.39 30.35 25.59
N UNK C 77 3.65 29.79 26.77
CA UNK C 77 3.44 30.53 28.01
C UNK C 77 4.23 31.83 27.99
N UNK C 78 5.56 31.73 27.99
CA UNK C 78 6.42 32.88 27.79
C UNK C 78 6.88 32.98 26.34
N UNK C 79 7.64 32.00 25.86
CA UNK C 79 8.08 31.90 24.48
C UNK C 79 8.60 33.24 23.94
N UNK C 80 9.06 34.10 24.82
CA UNK C 80 9.65 35.38 24.43
C UNK C 80 11.02 35.58 25.07
N UNK C 81 11.20 35.12 26.32
CA UNK C 81 12.53 35.07 26.90
C UNK C 81 13.50 34.43 25.93
N UNK C 82 13.06 33.39 25.21
CA UNK C 82 13.92 32.74 24.23
C UNK C 82 14.40 33.74 23.19
N UNK C 83 13.46 34.39 22.50
CA UNK C 83 13.83 35.33 21.44
C UNK C 83 14.59 36.52 22.02
N UNK C 84 14.14 37.01 23.17
CA UNK C 84 14.81 38.14 23.80
C UNK C 84 16.28 37.83 24.06
N UNK C 85 16.57 36.61 24.52
CA UNK C 85 17.91 36.23 24.91
C UNK C 85 18.73 35.78 23.71
N UNK C 86 18.08 35.39 22.63
CA UNK C 86 18.79 34.97 21.43
C UNK C 86 19.16 36.16 20.55
N UNK C 87 18.28 37.18 20.49
CA UNK C 87 18.57 38.35 19.68
C UNK C 87 19.75 39.13 20.24
N UNK C 88 19.96 39.11 21.56
CA UNK C 88 21.13 39.76 22.13
C UNK C 88 22.40 39.27 21.44
N UNK C 89 22.54 37.95 21.35
CA UNK C 89 23.68 37.37 20.63
C UNK C 89 23.63 37.74 19.16
N UNK C 90 22.52 37.41 18.50
CA UNK C 90 22.40 37.61 17.06
C UNK C 90 22.63 39.05 16.64
N UNK C 91 22.61 40.00 17.57
CA UNK C 91 22.82 41.41 17.26
C UNK C 91 24.16 41.92 17.75
N UNK C 92 24.60 41.51 18.94
CA UNK C 92 25.90 41.92 19.44
C UNK C 92 27.02 41.38 18.58
N UNK C 93 26.86 40.16 18.04
CA UNK C 93 27.86 39.63 17.12
C UNK C 93 28.06 40.58 15.95
N UNK C 94 26.99 40.83 15.18
CA UNK C 94 27.11 41.66 13.98
C UNK C 94 27.47 43.09 14.34
N UNK C 95 27.18 43.53 15.57
CA UNK C 95 27.52 44.88 15.96
C UNK C 95 29.01 45.01 16.26
N UNK C 96 29.59 44.01 16.91
CA UNK C 96 31.02 44.06 17.20
C UNK C 96 31.83 43.82 15.94
N UNK C 97 31.56 42.71 15.25
CA UNK C 97 32.18 42.47 13.95
C UNK C 97 32.13 43.74 13.11
N UNK C 98 33.27 44.08 12.52
CA UNK C 98 33.43 45.38 11.88
C UNK C 98 34.48 46.18 12.63
N UNK C 99 34.47 46.02 13.96
CA UNK C 99 35.52 46.58 14.80
C UNK C 99 36.71 45.63 14.94
N UNK C 100 36.46 44.33 14.97
CA UNK C 100 37.51 43.34 15.10
C UNK C 100 37.00 42.02 14.55
N UNK C 101 37.89 41.11 14.18
CA UNK C 101 37.47 39.78 13.76
C UNK C 101 37.16 38.91 14.96
N UNK C 102 36.54 37.75 14.75
CA UNK C 102 36.10 36.93 15.90
C UNK C 102 37.24 36.51 16.81
N UNK C 103 38.34 36.00 16.26
CA UNK C 103 39.42 35.48 17.09
C UNK C 103 39.88 36.53 18.11
N UNK C 104 40.09 37.75 17.66
CA UNK C 104 40.46 38.85 18.55
C UNK C 104 39.22 39.64 19.00
N UNK C 105 38.25 38.94 19.57
CA UNK C 105 37.01 39.54 20.03
C UNK C 105 36.86 39.54 21.53
N UNK C 106 37.19 38.43 22.20
CA UNK C 106 37.20 38.39 23.65
C UNK C 106 36.67 37.07 24.17
N UNK C 107 36.36 37.06 25.46
CA UNK C 107 35.86 35.88 26.17
C UNK C 107 34.37 36.03 26.49
N UNK C 108 33.63 36.69 25.62
CA UNK C 108 32.23 37.05 25.80
C UNK C 108 31.27 35.88 25.62
N UNK C 109 31.26 35.24 24.44
CA UNK C 109 30.23 34.23 24.17
C UNK C 109 30.22 33.09 25.17
N UNK C 110 31.39 32.64 25.63
CA UNK C 110 31.42 31.57 26.63
C UNK C 110 30.64 31.97 27.87
N UNK C 111 30.90 33.17 28.39
CA UNK C 111 30.21 33.60 29.60
C UNK C 111 28.73 33.80 29.35
N UNK C 112 28.36 34.30 28.19
CA UNK C 112 26.95 34.41 27.85
C UNK C 112 26.29 33.03 27.90
N UNK C 113 26.90 32.05 27.23
CA UNK C 113 26.30 30.72 27.19
C UNK C 113 26.22 30.12 28.58
N UNK C 114 27.19 30.44 29.44
CA UNK C 114 27.14 29.94 30.81
C UNK C 114 25.99 30.56 31.57
N UNK C 115 25.91 31.89 31.60
CA UNK C 115 24.81 32.56 32.27
C UNK C 115 23.46 32.16 31.73
N UNK C 116 23.43 31.59 30.52
CA UNK C 116 22.16 31.07 30.00
C UNK C 116 21.90 29.64 30.48
N UNK C 117 22.90 28.78 30.40
CA UNK C 117 22.68 27.36 30.66
C UNK C 117 22.60 27.04 32.15
N UNK C 118 23.17 27.90 33.00
CA UNK C 118 23.17 27.66 34.42
C UNK C 118 21.78 27.60 35.04
N UNK C 119 20.76 27.92 34.25
CA UNK C 119 19.36 27.87 34.66
C UNK C 119 18.65 26.93 33.69
N UNK C 120 18.52 25.66 34.08
CA UNK C 120 18.10 24.64 33.13
C UNK C 120 16.59 24.65 32.91
N UNK C 121 16.06 25.82 32.61
CA UNK C 121 14.72 25.96 32.07
C UNK C 121 14.69 26.81 30.81
N UNK C 122 15.50 27.88 30.77
CA UNK C 122 15.60 28.67 29.55
C UNK C 122 16.30 27.89 28.45
N UNK C 123 17.36 27.15 28.80
CA UNK C 123 18.02 26.28 27.84
C UNK C 123 17.07 25.23 27.28
N UNK C 124 15.92 25.03 27.90
CA UNK C 124 14.89 24.13 27.38
C UNK C 124 13.88 24.86 26.51
N UNK C 125 14.10 26.13 26.22
CA UNK C 125 13.19 26.94 25.41
C UNK C 125 13.83 27.43 24.12
N UNK C 126 15.00 28.06 24.20
CA UNK C 126 15.64 28.60 23.00
C UNK C 126 15.76 27.53 21.94
N UNK C 127 16.09 26.30 22.34
CA UNK C 127 16.12 25.19 21.40
C UNK C 127 14.78 25.06 20.68
N UNK C 128 13.69 25.14 21.45
CA UNK C 128 12.37 24.95 20.87
C UNK C 128 12.02 26.06 19.89
N UNK C 129 12.32 27.31 20.25
CA UNK C 129 12.02 28.42 19.34
C UNK C 129 12.86 28.34 18.08
N UNK C 130 14.13 27.96 18.22
CA UNK C 130 14.99 27.85 17.06
C UNK C 130 14.49 26.78 16.10
N UNK C 131 14.21 25.58 16.63
CA UNK C 131 13.67 24.51 15.79
C UNK C 131 12.30 24.88 15.23
N UNK C 132 11.52 25.68 15.96
CA UNK C 132 10.19 26.05 15.52
C UNK C 132 10.23 27.07 14.38
N UNK C 133 11.19 27.98 14.41
CA UNK C 133 11.27 29.00 13.37
C UNK C 133 12.09 28.56 12.17
N UNK C 134 13.00 27.59 12.34
CA UNK C 134 13.73 27.07 11.19
C UNK C 134 12.80 26.31 10.26
N UNK C 135 11.96 25.44 10.81
CA UNK C 135 11.14 24.56 9.99
C UNK C 135 9.97 25.30 9.37
N UNK C 136 9.07 25.84 10.19
CA UNK C 136 7.84 26.43 9.68
C UNK C 136 8.14 27.62 8.78
N UNK C 137 8.71 28.70 9.33
CA UNK C 137 9.05 29.86 8.52
C UNK C 137 10.49 29.80 8.03
N UNK C 138 10.86 28.68 7.42
CA UNK C 138 12.18 28.54 6.84
C UNK C 138 12.51 29.66 5.85
N UNK C 139 11.66 29.98 4.87
CA UNK C 139 12.03 31.03 3.91
C UNK C 139 11.88 32.43 4.47
N UNK C 140 10.92 32.67 5.35
CA UNK C 140 10.69 34.00 5.91
C UNK C 140 11.73 34.31 6.98
N UNK C 141 12.99 34.34 6.55
CA UNK C 141 14.12 34.65 7.40
C UNK C 141 15.03 35.63 6.67
N UNK C 142 16.00 36.16 7.41
CA UNK C 142 16.96 37.11 6.88
C UNK C 142 18.29 36.44 6.62
N UNK C 143 19.20 37.19 6.00
CA UNK C 143 20.55 36.72 5.77
C UNK C 143 21.50 37.09 6.91
N UNK C 144 20.99 37.69 7.98
CA UNK C 144 21.80 38.07 9.12
C UNK C 144 21.44 37.32 10.38
N UNK C 145 20.28 36.67 10.43
CA UNK C 145 19.92 35.84 11.57
C UNK C 145 20.48 34.43 11.48
N UNK C 146 20.76 33.96 10.28
CA UNK C 146 21.26 32.59 10.10
C UNK C 146 22.59 32.42 10.84
N UNK C 147 23.58 33.23 10.49
CA UNK C 147 24.89 33.15 11.12
C UNK C 147 24.75 33.30 12.63
N UNK C 148 23.79 34.12 13.07
CA UNK C 148 23.59 34.31 14.50
C UNK C 148 23.13 33.05 15.20
N UNK C 149 22.51 32.13 14.46
CA UNK C 149 22.16 30.84 15.04
C UNK C 149 23.30 29.84 14.87
N UNK C 150 24.02 29.91 13.76
CA UNK C 150 25.12 28.98 13.53
C UNK C 150 26.21 29.14 14.59
N UNK C 151 26.66 30.37 14.80
CA UNK C 151 27.70 30.61 15.80
C UNK C 151 27.24 30.17 17.19
N UNK C 152 25.98 30.47 17.52
CA UNK C 152 25.43 30.03 18.80
C UNK C 152 25.45 28.51 18.90
N UNK C 153 25.15 27.83 17.80
CA UNK C 153 25.16 26.37 17.77
C UNK C 153 26.56 25.83 18.06
N UNK C 154 27.57 26.42 17.44
CA UNK C 154 28.94 25.98 17.68
C UNK C 154 29.32 26.22 19.13
N UNK C 155 29.01 27.41 19.64
CA UNK C 155 29.31 27.70 21.04
C UNK C 155 28.64 26.68 21.96
N UNK C 156 27.41 26.28 21.64
CA UNK C 156 26.78 25.20 22.37
C UNK C 156 27.63 23.94 22.31
N UNK C 157 28.04 23.55 21.11
CA UNK C 157 28.85 22.36 20.98
C UNK C 157 30.09 22.43 21.85
N UNK C 158 30.60 23.62 22.11
CA UNK C 158 31.79 23.74 22.95
C UNK C 158 31.48 23.43 24.40
N UNK C 159 30.26 23.73 24.86
CA UNK C 159 29.86 23.45 26.24
C UNK C 159 29.11 22.12 26.32
N UNK C 160 29.80 21.06 25.91
CA UNK C 160 29.24 19.71 25.99
C UNK C 160 28.61 19.41 27.35
N UNK C 161 29.16 19.86 28.49
CA UNK C 161 28.48 19.63 29.77
C UNK C 161 27.04 20.13 29.79
N UNK C 162 26.63 20.89 28.77
CA UNK C 162 25.23 21.29 28.66
C UNK C 162 24.39 20.10 28.26
N UNK C 163 23.79 19.42 29.23
CA UNK C 163 23.02 18.21 28.97
C UNK C 163 21.82 18.18 29.89
N UNK C 164 20.62 18.24 29.30
CA UNK C 164 19.37 18.18 30.03
C UNK C 164 18.64 16.89 29.68
N UNK C 165 17.89 16.36 30.64
CA UNK C 165 17.19 15.10 30.47
C UNK C 165 15.67 15.24 30.41
N UNK C 166 15.11 16.33 30.92
CA UNK C 166 13.66 16.52 30.93
C UNK C 166 13.19 17.22 29.66
N UNK C 167 13.55 16.66 28.51
CA UNK C 167 13.15 17.17 27.20
C UNK C 167 12.67 15.97 26.38
N UNK C 168 11.36 15.75 26.35
CA UNK C 168 10.82 14.61 25.63
C UNK C 168 11.29 14.62 24.18
N UNK C 169 11.41 13.43 23.61
CA UNK C 169 11.82 13.25 22.22
C UNK C 169 13.31 13.17 22.01
N UNK C 170 14.09 13.85 22.84
CA UNK C 170 15.54 13.89 22.73
C UNK C 170 16.15 13.46 24.06
N UNK C 171 17.26 12.74 24.00
CA UNK C 171 17.98 12.28 25.19
C UNK C 171 19.22 13.11 25.45
N UNK C 172 20.12 13.20 24.47
CA UNK C 172 21.36 13.96 24.56
C UNK C 172 21.30 15.13 23.59
N UNK C 173 22.40 15.86 23.49
CA UNK C 173 22.47 17.01 22.60
C UNK C 173 22.60 16.57 21.15
N UNK C 174 23.53 15.65 20.87
CA UNK C 174 23.79 15.17 19.52
C UNK C 174 22.50 14.89 18.74
N UNK C 175 21.52 14.28 19.41
CA UNK C 175 20.29 13.91 18.73
C UNK C 175 19.60 15.12 18.11
N UNK C 176 19.73 16.29 18.75
CA UNK C 176 19.04 17.48 18.27
C UNK C 176 19.49 17.85 16.86
N UNK C 177 20.79 17.72 16.58
CA UNK C 177 21.32 18.09 15.27
C UNK C 177 20.62 17.31 14.17
N UNK C 178 20.63 15.98 14.29
CA UNK C 178 19.95 15.18 13.28
C UNK C 178 18.47 15.49 13.27
N UNK C 179 17.87 15.67 14.46
CA UNK C 179 16.43 15.90 14.54
C UNK C 179 16.01 17.08 13.67
N UNK C 180 16.79 18.16 13.68
CA UNK C 180 16.36 19.31 12.89
C UNK C 180 16.90 19.28 11.47
N UNK C 181 18.10 18.74 11.25
CA UNK C 181 18.69 18.81 9.91
C UNK C 181 18.06 17.80 8.97
N UNK C 182 17.73 16.60 9.47
CA UNK C 182 17.04 15.65 8.61
C UNK C 182 15.60 16.04 8.36
N UNK C 183 15.15 17.17 8.90
CA UNK C 183 13.89 17.79 8.51
C UNK C 183 14.09 19.01 7.63
N UNK C 184 15.20 19.72 7.80
CA UNK C 184 15.54 20.83 6.91
C UNK C 184 15.94 20.36 5.52
N UNK C 185 16.77 19.33 5.43
CA UNK C 185 17.31 18.88 4.15
C UNK C 185 16.26 18.16 3.30
N UNK C 186 15.00 18.17 3.72
CA UNK C 186 13.91 17.61 2.94
C UNK C 186 12.87 18.65 2.58
N UNK C 187 12.45 19.49 3.53
CA UNK C 187 11.46 20.52 3.24
C UNK C 187 12.07 21.65 2.43
N UNK C 188 13.29 22.08 2.78
CA UNK C 188 13.92 23.21 2.12
C UNK C 188 15.44 23.01 2.16
N UNK C 189 16.05 22.98 0.99
CA UNK C 189 17.47 22.65 0.88
C UNK C 189 18.30 23.93 0.86
N UNK C 190 17.70 25.02 0.41
CA UNK C 190 18.43 26.26 0.30
C UNK C 190 18.62 26.99 1.62
N UNK C 191 18.41 26.29 2.73
CA UNK C 191 18.61 26.88 4.06
C UNK C 191 19.48 25.96 4.90
N UNK C 192 19.70 24.73 4.42
CA UNK C 192 20.68 23.85 5.03
C UNK C 192 22.08 24.08 4.48
N UNK C 193 22.20 24.87 3.41
CA UNK C 193 23.48 25.26 2.83
C UNK C 193 23.94 26.62 3.33
N UNK C 194 23.04 27.59 3.39
CA UNK C 194 23.35 28.90 3.93
C UNK C 194 23.39 28.91 5.46
N UNK C 195 23.16 27.77 6.10
CA UNK C 195 23.32 27.63 7.53
C UNK C 195 24.47 26.72 7.92
N UNK C 196 24.89 25.82 7.03
CA UNK C 196 26.03 24.95 7.26
C UNK C 196 27.30 25.51 6.62
N UNK C 197 27.26 26.75 6.14
CA UNK C 197 28.43 27.43 5.61
C UNK C 197 28.92 28.54 6.50
N UNK C 198 28.02 29.27 7.15
CA UNK C 198 28.44 30.31 8.09
C UNK C 198 29.06 29.70 9.33
N UNK C 199 28.60 28.51 9.73
CA UNK C 199 29.19 27.82 10.86
C UNK C 199 30.67 27.55 10.61
N UNK C 200 30.99 27.00 9.45
CA UNK C 200 32.38 26.70 9.12
C UNK C 200 33.18 27.98 8.99
N UNK C 201 32.62 28.99 8.33
CA UNK C 201 33.32 30.25 8.15
C UNK C 201 33.52 30.99 9.46
N UNK C 202 32.78 30.62 10.51
CA UNK C 202 32.99 31.19 11.84
C UNK C 202 33.99 30.37 12.64
N UNK C 203 33.92 29.04 12.51
CA UNK C 203 34.87 28.20 13.23
C UNK C 203 36.29 28.40 12.72
N UNK C 204 36.44 28.53 11.40
CA UNK C 204 37.74 28.76 10.80
C UNK C 204 38.24 30.18 11.01
N UNK C 205 37.48 31.01 11.72
CA UNK C 205 37.92 32.33 12.12
C UNK C 205 38.01 32.50 13.62
N UNK C 206 37.45 31.57 14.40
CA UNK C 206 37.54 31.62 15.85
C UNK C 206 38.73 30.80 16.36
N UNK C 207 38.75 29.51 16.00
CA UNK C 207 39.80 28.60 16.44
C UNK C 207 40.94 28.48 15.44
N UNK C 208 41.03 29.39 14.47
CA UNK C 208 42.13 29.34 13.50
C UNK C 208 43.34 30.08 14.03
N UNK C 209 43.74 29.74 15.26
CA UNK C 209 44.99 30.22 15.84
C UNK C 209 45.86 29.10 16.35
N UNK C 210 45.31 27.92 16.62
CA UNK C 210 46.01 26.79 17.20
C UNK C 210 45.36 25.53 16.64
N UNK C 211 45.58 24.40 17.31
CA UNK C 211 44.89 23.17 16.98
C UNK C 211 45.32 22.65 15.61
N UNK C 212 46.62 22.35 15.48
CA UNK C 212 47.11 21.70 14.27
C UNK C 212 46.39 20.39 14.01
N UNK C 213 46.08 19.65 15.08
CA UNK C 213 45.42 18.35 14.99
C UNK C 213 44.10 18.27 15.74
N UNK C 214 44.02 18.91 16.91
CA UNK C 214 42.79 18.86 17.71
C UNK C 214 41.70 19.78 17.17
N UNK C 215 41.94 20.46 16.04
CA UNK C 215 40.89 21.24 15.41
C UNK C 215 39.63 20.40 15.22
N UNK C 216 39.78 19.21 14.64
CA UNK C 216 38.65 18.30 14.45
C UNK C 216 38.12 17.89 15.82
N UNK C 217 36.95 18.43 16.18
CA UNK C 217 36.40 18.22 17.49
C UNK C 217 35.73 19.47 18.01
N UNK C 218 36.01 20.61 17.36
CA UNK C 218 35.34 21.85 17.72
C UNK C 218 33.97 21.94 17.05
N UNK C 219 33.94 21.82 15.72
CA UNK C 219 32.68 21.83 14.98
C UNK C 219 31.91 20.55 15.29
N UNK C 220 30.60 20.53 15.13
CA UNK C 220 29.87 19.28 15.23
C UNK C 220 30.05 18.46 13.96
N UNK C 221 30.21 17.15 14.08
CA UNK C 221 30.56 16.36 12.89
C UNK C 221 29.52 16.43 11.78
N UNK C 222 28.24 16.34 12.12
CA UNK C 222 27.23 16.17 11.09
C UNK C 222 27.17 17.37 10.14
N UNK C 223 27.32 18.60 10.65
CA UNK C 223 27.41 19.74 9.76
C UNK C 223 28.38 19.47 8.62
N UNK C 224 29.54 18.91 8.93
CA UNK C 224 30.60 18.75 7.96
C UNK C 224 30.40 17.53 7.06
N UNK C 225 29.18 17.00 7.00
CA UNK C 225 28.81 15.95 6.06
C UNK C 225 27.78 16.43 5.04
N UNK C 226 26.72 17.09 5.51
CA UNK C 226 25.69 17.57 4.58
C UNK C 226 26.29 18.49 3.54
N UNK C 227 27.29 19.30 3.91
CA UNK C 227 28.03 20.09 2.93
C UNK C 227 28.49 19.20 1.79
N UNK C 228 29.25 18.15 2.12
CA UNK C 228 29.77 17.23 1.13
C UNK C 228 28.68 16.60 0.25
N UNK C 229 27.41 16.79 0.61
CA UNK C 229 26.30 16.27 -0.18
C UNK C 229 25.47 17.37 -0.83
N UNK C 230 25.53 18.59 -0.31
CA UNK C 230 24.67 19.66 -0.80
C UNK C 230 25.40 20.65 -1.70
N UNK C 231 26.71 20.79 -1.55
CA UNK C 231 27.47 21.77 -2.33
C UNK C 231 27.46 21.36 -3.79
N UNK C 232 28.05 20.21 -4.15
CA UNK C 232 28.05 19.84 -5.57
C UNK C 232 26.66 19.79 -6.18
N UNK C 233 25.72 19.12 -5.51
CA UNK C 233 24.35 19.06 -5.99
C UNK C 233 23.88 20.42 -6.51
N UNK C 234 24.02 21.46 -5.69
CA UNK C 234 23.43 22.75 -6.03
C UNK C 234 24.27 23.48 -7.08
N UNK C 235 25.58 23.27 -7.09
CA UNK C 235 26.47 24.00 -7.98
C UNK C 235 27.46 23.01 -8.59
N UNK C 236 27.65 23.10 -9.90
CA UNK C 236 28.36 22.10 -10.67
C UNK C 236 29.86 22.38 -10.79
N UNK C 237 30.29 23.60 -10.53
CA UNK C 237 31.67 24.01 -10.78
C UNK C 237 32.66 23.29 -9.88
N UNK C 238 32.19 22.40 -9.00
CA UNK C 238 33.05 21.67 -8.08
C UNK C 238 32.66 20.20 -8.00
N UNK C 239 32.20 19.63 -9.12
CA UNK C 239 31.70 18.26 -9.09
C UNK C 239 32.84 17.25 -9.03
N UNK C 240 33.71 17.24 -10.04
CA UNK C 240 34.68 16.17 -10.19
C UNK C 240 36.12 16.59 -10.00
N UNK C 241 36.41 17.88 -10.12
CA UNK C 241 37.77 18.36 -9.93
C UNK C 241 38.33 17.85 -8.61
N UNK C 249 46.93 29.58 1.14
CA UNK C 249 46.12 30.74 1.48
C UNK C 249 46.14 30.96 2.99
N UNK C 250 45.63 32.11 3.41
CA UNK C 250 45.65 32.50 4.81
C UNK C 250 44.34 32.11 5.52
N UNK C 251 43.22 32.62 5.01
CA UNK C 251 41.92 32.44 5.64
C UNK C 251 40.85 33.03 4.75
N UNK C 252 39.57 32.68 4.94
CA UNK C 252 38.52 33.36 4.20
C UNK C 252 38.59 34.87 4.37
N UNK C 253 37.77 35.60 3.62
CA UNK C 253 37.90 37.05 3.55
C UNK C 253 37.45 37.69 4.85
N UNK C 254 38.25 37.50 5.90
CA UNK C 254 38.09 38.15 7.20
C UNK C 254 36.62 38.35 7.57
N UNK C 255 35.86 37.26 7.50
CA UNK C 255 34.49 37.24 8.02
C UNK C 255 33.60 38.18 7.24
N UNK C 256 33.60 38.03 5.91
CA UNK C 256 32.85 38.91 5.03
C UNK C 256 31.35 38.65 5.05
N UNK C 257 30.90 37.58 5.71
CA UNK C 257 29.49 37.20 5.62
C UNK C 257 28.56 38.35 5.98
N UNK C 258 28.97 39.22 6.91
CA UNK C 258 28.08 40.28 7.35
C UNK C 258 27.72 41.25 6.22
N UNK C 259 28.58 41.37 5.21
CA UNK C 259 28.34 42.23 4.06
C UNK C 259 28.70 41.52 2.77
N UNK C 260 28.38 40.23 2.70
CA UNK C 260 28.74 39.40 1.57
C UNK C 260 28.08 39.90 0.28
N UNK C 261 28.56 39.37 -0.84
CA UNK C 261 27.97 39.62 -2.15
C UNK C 261 27.14 38.44 -2.65
N UNK C 262 27.14 37.33 -1.93
CA UNK C 262 26.38 36.16 -2.35
C UNK C 262 26.89 34.94 -1.62
N UNK C 263 26.30 33.80 -1.97
CA UNK C 263 26.66 32.53 -1.37
C UNK C 263 27.32 31.57 -2.34
N UNK C 264 27.23 31.82 -3.65
CA UNK C 264 27.91 30.98 -4.62
C UNK C 264 29.42 31.22 -4.63
N UNK C 265 29.89 32.26 -3.94
CA UNK C 265 31.31 32.53 -3.82
C UNK C 265 31.84 32.38 -2.40
N UNK C 266 30.96 32.39 -1.40
CA UNK C 266 31.37 32.08 -0.03
C UNK C 266 31.37 30.59 0.25
N UNK C 267 30.56 29.83 -0.48
CA UNK C 267 30.62 28.37 -0.45
C UNK C 267 31.69 27.82 -1.38
N UNK C 268 32.26 28.66 -2.23
CA UNK C 268 33.27 28.26 -3.18
C UNK C 268 34.67 28.73 -2.81
N UNK C 269 34.77 29.83 -2.07
CA UNK C 269 36.03 30.24 -1.47
C UNK C 269 36.42 29.38 -0.29
N UNK C 270 35.55 28.45 0.11
CA UNK C 270 35.78 27.57 1.24
C UNK C 270 35.97 26.12 0.85
N UNK C 271 35.40 25.70 -0.28
CA UNK C 271 35.58 24.33 -0.76
C UNK C 271 37.00 24.09 -1.28
N UNK C 272 37.66 25.15 -1.74
CA UNK C 272 39.03 25.05 -2.24
C UNK C 272 40.08 25.18 -1.14
N UNK C 273 39.68 25.59 0.06
CA UNK C 273 40.63 25.82 1.14
C UNK C 273 41.36 24.52 1.49
N UNK C 274 42.66 24.49 1.24
CA UNK C 274 43.44 23.27 1.41
C UNK C 274 43.42 22.76 2.84
N UNK C 275 42.92 23.56 3.80
CA UNK C 275 42.80 23.09 5.17
C UNK C 275 41.53 22.29 5.41
N UNK C 276 40.56 22.40 4.50
CA UNK C 276 39.31 21.64 4.63
C UNK C 276 39.37 20.34 3.84
N UNK C 277 39.72 20.41 2.55
CA UNK C 277 39.79 19.22 1.72
C UNK C 277 40.70 18.16 2.32
N UNK C 278 41.55 18.53 3.27
CA UNK C 278 42.36 17.55 3.97
C UNK C 278 41.77 17.24 5.33
N UNK C 279 40.50 17.61 5.52
CA UNK C 279 39.80 17.37 6.77
C UNK C 279 38.61 16.43 6.63
N UNK C 280 37.94 16.41 5.49
CA UNK C 280 36.83 15.48 5.26
C UNK C 280 37.31 14.17 4.67
N UNK C 281 38.35 13.61 5.29
CA UNK C 281 38.83 12.29 4.97
C UNK C 281 38.83 11.36 6.16
N UNK C 282 38.75 11.89 7.38
CA UNK C 282 38.65 11.06 8.57
C UNK C 282 37.34 10.29 8.57
N UNK C 283 37.20 9.38 9.52
CA UNK C 283 36.04 8.50 9.55
C UNK C 283 34.79 9.22 10.06
N UNK C 284 34.93 10.06 11.07
CA UNK C 284 33.80 10.78 11.63
C UNK C 284 33.25 11.85 10.70
N UNK C 285 33.79 11.98 9.50
CA UNK C 285 33.27 12.90 8.49
C UNK C 285 33.11 12.21 7.14
N UNK C 286 32.92 10.90 7.13
CA UNK C 286 32.94 10.10 5.91
C UNK C 286 31.52 9.77 5.49
N UNK C 287 31.06 10.40 4.41
CA UNK C 287 29.80 10.03 3.79
C UNK C 287 30.02 8.79 2.94
N UNK C 288 28.95 8.03 2.75
CA UNK C 288 29.03 6.74 2.07
C UNK C 288 27.88 6.64 1.09
N UNK C 289 27.67 5.42 0.56
CA UNK C 289 26.74 5.25 -0.54
C UNK C 289 25.31 5.05 -0.03
N UNK C 290 25.12 4.09 0.88
CA UNK C 290 23.80 3.89 1.46
C UNK C 290 23.30 5.14 2.16
N UNK C 291 24.16 5.78 2.96
CA UNK C 291 23.79 6.99 3.66
C UNK C 291 23.50 8.15 2.72
N UNK C 292 23.71 7.97 1.42
CA UNK C 292 23.35 8.97 0.42
C UNK C 292 21.97 8.68 -0.17
N UNK C 293 21.69 7.42 -0.47
CA UNK C 293 20.37 7.04 -0.92
C UNK C 293 19.33 7.36 0.15
N UNK C 294 19.67 7.08 1.42
CA UNK C 294 18.73 7.33 2.50
C UNK C 294 18.35 8.80 2.61
N UNK C 295 19.14 9.70 2.04
CA UNK C 295 18.84 11.12 2.06
C UNK C 295 18.27 11.62 0.76
N UNK C 296 18.57 10.96 -0.36
CA UNK C 296 18.00 11.36 -1.63
C UNK C 296 16.58 10.83 -1.79
N UNK C 297 16.25 9.71 -1.14
CA UNK C 297 14.91 9.17 -1.17
C UNK C 297 13.91 10.02 -0.41
N UNK C 298 14.37 10.99 0.37
CA UNK C 298 13.49 11.76 1.23
C UNK C 298 13.27 13.19 0.78
N UNK C 299 13.89 13.62 -0.31
CA UNK C 299 13.65 14.96 -0.81
C UNK C 299 12.26 15.06 -1.42
N UNK C 300 11.53 16.10 -1.03
CA UNK C 300 10.22 16.37 -1.60
C UNK C 300 10.40 16.93 -3.00
N UNK C 301 9.85 16.25 -4.00
CA UNK C 301 9.93 16.74 -5.37
C UNK C 301 9.59 18.23 -5.44
N UNK C 302 8.39 18.58 -5.01
CA UNK C 302 8.08 19.97 -4.78
C UNK C 302 8.82 20.46 -3.54
N UNK C 303 8.99 21.78 -3.45
CA UNK C 303 9.81 22.46 -2.46
C UNK C 303 11.30 22.32 -2.79
N UNK C 304 11.65 21.56 -3.82
CA UNK C 304 13.02 21.48 -4.27
C UNK C 304 13.40 22.77 -5.00
N UNK C 305 14.62 22.83 -5.50
CA UNK C 305 15.12 24.03 -6.17
C UNK C 305 15.62 23.68 -7.57
N UNK C 306 15.61 22.40 -7.91
CA UNK C 306 16.09 21.91 -9.20
C UNK C 306 14.93 21.40 -10.03
N UNK C 307 14.98 21.70 -11.33
CA UNK C 307 13.95 21.23 -12.23
C UNK C 307 14.12 19.73 -12.49
N UNK C 308 13.01 19.09 -12.86
CA UNK C 308 12.99 17.63 -12.96
C UNK C 308 13.98 17.10 -13.98
N UNK C 309 14.42 17.93 -14.92
CA UNK C 309 15.40 17.54 -15.92
C UNK C 309 16.80 17.99 -15.55
N UNK C 310 17.03 18.34 -14.29
CA UNK C 310 18.35 18.69 -13.80
C UNK C 310 18.76 17.95 -12.55
N UNK C 311 17.80 17.41 -11.78
CA UNK C 311 18.12 16.54 -10.67
C UNK C 311 18.23 15.09 -11.08
N UNK C 312 18.31 14.83 -12.39
CA UNK C 312 18.62 13.50 -12.91
C UNK C 312 20.00 13.41 -13.50
N UNK C 313 20.58 14.53 -13.93
CA UNK C 313 21.99 14.54 -14.28
C UNK C 313 22.84 14.36 -13.04
N UNK C 314 22.47 15.01 -11.95
CA UNK C 314 23.18 14.85 -10.68
C UNK C 314 23.25 13.39 -10.27
N UNK C 315 22.12 12.68 -10.39
CA UNK C 315 22.11 11.27 -10.01
C UNK C 315 22.92 10.43 -11.00
N UNK C 316 22.76 10.70 -12.29
CA UNK C 316 23.50 9.94 -13.29
C UNK C 316 25.01 10.14 -13.15
N UNK C 317 25.42 11.22 -12.51
CA UNK C 317 26.83 11.43 -12.20
C UNK C 317 27.24 10.76 -10.89
N UNK C 318 26.46 10.99 -9.84
CA UNK C 318 26.81 10.44 -8.53
C UNK C 318 26.87 8.93 -8.56
N UNK C 319 25.83 8.27 -9.09
CA UNK C 319 25.81 6.82 -9.16
C UNK C 319 27.08 6.28 -9.82
N UNK C 320 27.74 7.08 -10.65
CA UNK C 320 28.98 6.66 -11.28
C UNK C 320 30.20 7.08 -10.47
N UNK C 321 30.07 8.12 -9.65
CA UNK C 321 31.17 8.54 -8.80
C UNK C 321 31.35 7.63 -7.59
N UNK C 322 30.29 6.93 -7.17
CA UNK C 322 30.38 6.01 -6.05
C UNK C 322 30.63 4.58 -6.48
N UNK C 323 30.64 4.31 -7.79
CA UNK C 323 30.99 2.99 -8.29
C UNK C 323 32.48 2.87 -8.61
N UNK C 324 33.17 3.99 -8.75
CA UNK C 324 34.62 4.02 -8.96
C UNK C 324 35.26 4.58 -7.70
N UNK C 325 35.45 3.71 -6.72
CA UNK C 325 36.00 4.08 -5.42
C UNK C 325 36.61 2.82 -4.80
N UNK C 326 36.92 2.89 -3.52
CA UNK C 326 37.35 1.74 -2.74
C UNK C 326 36.32 1.46 -1.66
N UNK C 327 36.35 0.22 -1.16
CA UNK C 327 35.39 -0.20 -0.15
C UNK C 327 35.71 0.37 1.23
N UNK C 328 36.95 0.78 1.46
CA UNK C 328 37.29 1.41 2.73
C UNK C 328 36.43 2.63 2.97
N UNK C 329 36.08 3.36 1.91
CA UNK C 329 35.22 4.52 2.04
C UNK C 329 33.75 4.14 2.16
N UNK C 330 33.38 2.94 1.72
CA UNK C 330 32.00 2.51 1.67
C UNK C 330 31.46 2.35 0.27
N UNK C 331 32.12 2.94 -0.72
CA UNK C 331 31.69 2.80 -2.10
C UNK C 331 32.25 1.56 -2.75
N UNK C 332 31.62 1.17 -3.85
CA UNK C 332 32.01 -0.02 -4.58
C UNK C 332 33.47 0.09 -5.05
N UNK C 333 33.99 -1.03 -5.52
CA UNK C 333 35.37 -1.13 -5.95
C UNK C 333 35.52 -1.10 -7.47
N UNK C 334 34.45 -0.78 -8.19
CA UNK C 334 34.47 -0.78 -9.64
C UNK C 334 33.56 -1.79 -10.29
N UNK C 335 32.85 -2.62 -9.52
CA UNK C 335 31.94 -3.61 -10.07
C UNK C 335 30.56 -2.98 -10.26
N UNK C 336 29.57 -3.81 -10.57
CA UNK C 336 28.22 -3.32 -10.84
C UNK C 336 27.20 -4.10 -10.03
N UNK C 337 27.54 -5.34 -9.67
CA UNK C 337 26.69 -6.12 -8.79
C UNK C 337 26.43 -5.38 -7.49
N UNK C 338 27.50 -4.96 -6.80
CA UNK C 338 27.41 -4.19 -5.58
C UNK C 338 26.79 -2.82 -5.79
N UNK C 339 26.45 -2.45 -7.02
CA UNK C 339 25.83 -1.18 -7.29
C UNK C 339 24.32 -1.31 -7.45
N UNK C 340 23.84 -2.54 -7.60
CA UNK C 340 22.42 -2.84 -7.64
C UNK C 340 21.93 -3.50 -6.36
N UNK C 341 22.71 -4.43 -5.82
CA UNK C 341 22.44 -4.95 -4.49
C UNK C 341 22.20 -3.80 -3.51
N UNK C 342 23.06 -2.78 -3.60
CA UNK C 342 23.04 -1.69 -2.63
C UNK C 342 22.00 -0.63 -2.94
N UNK C 343 21.35 -0.69 -4.11
CA UNK C 343 20.20 0.16 -4.37
C UNK C 343 18.90 -0.56 -4.04
N UNK C 344 18.90 -1.89 -4.04
CA UNK C 344 17.70 -2.62 -3.62
C UNK C 344 17.62 -2.73 -2.10
N UNK C 345 18.76 -2.95 -1.44
CA UNK C 345 18.81 -3.07 0.01
C UNK C 345 18.44 -1.78 0.71
N UNK C 346 18.26 -0.68 -0.02
CA UNK C 346 17.79 0.57 0.55
C UNK C 346 16.30 0.79 0.35
N UNK C 347 15.78 0.42 -0.83
CA UNK C 347 14.34 0.48 -1.03
C UNK C 347 13.63 -0.49 -0.10
N UNK C 348 14.24 -1.66 0.13
CA UNK C 348 13.65 -2.56 1.12
C UNK C 348 13.86 -2.09 2.54
N UNK C 349 14.38 -0.88 2.75
CA UNK C 349 14.64 -0.34 4.07
C UNK C 349 14.01 1.04 4.29
N UNK C 350 13.57 1.70 3.23
CA UNK C 350 12.94 3.01 3.33
C UNK C 350 11.43 2.92 3.32
N UNK C 351 10.87 1.83 2.78
CA UNK C 351 9.43 1.66 2.78
C UNK C 351 8.93 1.23 4.16
N UNK C 352 9.76 0.55 4.94
CA UNK C 352 9.34 0.07 6.25
C UNK C 352 8.76 1.18 7.10
N UNK C 353 9.36 2.37 7.05
CA UNK C 353 8.88 3.52 7.80
C UNK C 353 7.87 4.35 7.02
N UNK C 354 7.34 3.81 5.93
CA UNK C 354 6.32 4.47 5.11
C UNK C 354 5.21 3.50 4.77
N UNK C 355 4.71 2.78 5.77
CA UNK C 355 3.59 1.86 5.56
C UNK C 355 2.50 2.56 4.75
N UNK C 356 2.13 3.77 5.17
CA UNK C 356 1.36 4.70 4.36
C UNK C 356 0.10 4.04 3.78
N UNK C 357 -0.82 3.71 4.68
CA UNK C 357 -2.06 3.06 4.30
C UNK C 357 -2.90 4.00 3.44
N UNK C 358 -4.05 3.49 3.00
CA UNK C 358 -4.94 4.23 2.12
C UNK C 358 -6.38 4.06 2.58
N UNK C 359 -7.19 5.11 2.38
CA UNK C 359 -8.60 5.09 2.69
C UNK C 359 -9.22 6.37 2.12
N UNK C 360 -10.43 6.25 1.59
CA UNK C 360 -11.11 7.37 0.95
C UNK C 360 -12.40 7.76 1.67
N UNK C 361 -13.31 6.80 1.89
CA UNK C 361 -14.57 7.12 2.55
C UNK C 361 -14.32 7.50 4.00
N UNK C 362 -14.95 8.60 4.44
CA UNK C 362 -14.81 9.09 5.80
C UNK C 362 -13.34 9.32 6.13
N UNK C 363 -12.73 10.23 5.39
CA UNK C 363 -11.31 10.49 5.50
C UNK C 363 -10.98 11.13 6.84
N UNK C 369 2.36 12.39 2.33
CA UNK C 369 3.73 12.82 2.06
C UNK C 369 3.92 13.05 0.57
N UNK C 370 4.45 14.22 0.23
CA UNK C 370 4.60 14.58 -1.17
C UNK C 370 5.46 13.57 -1.90
N UNK C 371 5.47 13.67 -3.22
CA UNK C 371 6.20 12.72 -4.06
C UNK C 371 7.67 12.70 -3.66
N UNK C 372 8.10 11.60 -3.07
CA UNK C 372 9.49 11.47 -2.66
C UNK C 372 10.39 11.31 -3.88
N UNK C 373 11.69 11.50 -3.65
CA UNK C 373 12.67 11.22 -4.69
C UNK C 373 12.68 9.78 -5.15
N UNK C 374 11.94 8.90 -4.48
CA UNK C 374 11.80 7.52 -4.91
C UNK C 374 11.26 7.47 -6.33
N UNK C 375 11.38 6.32 -6.97
CA UNK C 375 11.03 6.22 -8.37
C UNK C 375 12.19 6.60 -9.26
N UNK C 376 12.57 7.88 -9.22
CA UNK C 376 13.77 8.33 -9.91
C UNK C 376 14.91 7.35 -9.69
N UNK C 377 15.14 6.96 -8.45
CA UNK C 377 16.21 6.01 -8.14
C UNK C 377 16.01 4.73 -8.95
N UNK C 378 14.77 4.23 -9.00
CA UNK C 378 14.51 2.99 -9.69
C UNK C 378 14.61 3.12 -11.21
N UNK C 379 14.70 4.35 -11.72
CA UNK C 379 14.97 4.56 -13.13
C UNK C 379 16.47 4.58 -13.41
N UNK C 380 17.28 5.00 -12.44
CA UNK C 380 18.73 4.91 -12.55
C UNK C 380 19.24 3.52 -12.19
N UNK C 381 18.34 2.58 -11.92
CA UNK C 381 18.72 1.20 -11.68
C UNK C 381 18.47 0.31 -12.89
N UNK C 382 17.66 0.75 -13.84
CA UNK C 382 17.49 0.03 -15.09
C UNK C 382 18.45 0.51 -16.17
N UNK C 383 18.78 1.79 -16.18
CA UNK C 383 19.86 2.28 -17.02
C UNK C 383 21.17 1.56 -16.72
N UNK C 384 21.26 0.91 -15.56
CA UNK C 384 22.43 0.15 -15.17
C UNK C 384 22.26 -1.34 -15.37
N UNK C 385 21.02 -1.83 -15.42
CA UNK C 385 20.79 -3.25 -15.68
C UNK C 385 20.92 -3.55 -17.16
N UNK C 386 20.58 -2.59 -18.02
CA UNK C 386 20.77 -2.74 -19.46
C UNK C 386 22.24 -2.71 -19.87
N UNK C 387 23.16 -2.62 -18.91
CA UNK C 387 24.59 -2.57 -19.21
C UNK C 387 25.32 -3.83 -18.76
N UNK C 388 24.61 -4.83 -18.24
CA UNK C 388 25.21 -6.11 -17.89
C UNK C 388 24.44 -7.28 -18.49
N UNK C 389 23.29 -7.04 -19.10
CA UNK C 389 22.63 -8.04 -19.92
C UNK C 389 22.82 -7.79 -21.40
N UNK C 390 22.97 -6.54 -21.83
CA UNK C 390 23.37 -6.20 -23.19
C UNK C 390 24.89 -6.06 -23.19
N UNK C 391 25.58 -7.10 -23.63
CA UNK C 391 27.04 -7.09 -23.63
C UNK C 391 27.52 -8.25 -24.50
N UNK C 392 28.84 -8.49 -24.48
CA UNK C 392 29.46 -9.53 -25.26
C UNK C 392 30.09 -10.63 -24.42
N UNK C 393 30.07 -10.50 -23.10
CA UNK C 393 30.61 -11.47 -22.17
C UNK C 393 29.60 -11.72 -21.05
N UNK C 394 28.36 -12.02 -21.45
CA UNK C 394 27.25 -12.03 -20.49
C UNK C 394 27.54 -12.96 -19.32
N UNK C 395 27.64 -14.26 -19.59
CA UNK C 395 27.74 -15.26 -18.53
C UNK C 395 26.60 -15.05 -17.53
N UNK C 396 25.39 -15.31 -18.01
CA UNK C 396 24.19 -14.79 -17.38
C UNK C 396 23.74 -15.51 -16.14
N UNK C 397 24.44 -15.24 -15.03
CA UNK C 397 24.07 -15.73 -13.72
C UNK C 397 23.31 -14.63 -12.98
N UNK C 398 22.28 -15.04 -12.23
CA UNK C 398 21.42 -14.09 -11.53
C UNK C 398 21.08 -14.60 -10.13
N UNK C 399 21.94 -15.46 -9.56
CA UNK C 399 21.72 -15.88 -8.18
C UNK C 399 21.63 -14.68 -7.26
N UNK C 400 22.46 -13.67 -7.48
CA UNK C 400 22.30 -12.41 -6.78
C UNK C 400 21.02 -11.72 -7.24
N UNK C 401 20.62 -10.71 -6.48
CA UNK C 401 19.41 -9.93 -6.67
C UNK C 401 18.18 -10.71 -6.22
N UNK C 402 18.30 -12.01 -5.92
CA UNK C 402 17.23 -12.79 -5.34
C UNK C 402 17.54 -13.26 -3.93
N UNK C 403 18.80 -13.61 -3.65
CA UNK C 403 19.20 -13.85 -2.27
C UNK C 403 19.13 -12.60 -1.42
N UNK C 404 18.96 -11.43 -2.04
CA UNK C 404 18.72 -10.20 -1.30
C UNK C 404 17.30 -10.13 -0.75
N UNK C 405 16.35 -10.83 -1.39
CA UNK C 405 15.00 -10.91 -0.89
C UNK C 405 14.80 -12.04 0.09
N UNK C 406 15.64 -13.07 0.05
CA UNK C 406 15.58 -14.18 1.00
C UNK C 406 16.01 -13.77 2.40
N UNK C 407 16.31 -12.50 2.64
CA UNK C 407 16.72 -12.02 3.97
C UNK C 407 15.60 -11.26 4.65
N UNK C 408 15.01 -10.28 3.97
CA UNK C 408 13.91 -9.53 4.54
C UNK C 408 12.75 -10.44 4.93
N UNK C 409 12.53 -11.51 4.17
CA UNK C 409 11.49 -12.47 4.50
C UNK C 409 11.91 -13.42 5.61
N UNK C 410 13.15 -13.32 6.09
CA UNK C 410 13.62 -14.09 7.23
C UNK C 410 13.82 -13.25 8.48
N UNK C 411 13.89 -11.93 8.35
CA UNK C 411 13.87 -11.07 9.53
C UNK C 411 12.62 -11.34 10.36
N UNK C 412 11.47 -11.44 9.70
CA UNK C 412 10.22 -11.84 10.33
C UNK C 412 9.60 -12.89 9.41
N UNK C 413 9.98 -14.15 9.62
CA UNK C 413 9.46 -15.23 8.80
C UNK C 413 7.94 -15.34 8.93
N UNK C 422 3.41 -7.88 7.27
CA UNK C 422 3.77 -9.26 6.99
C UNK C 422 4.44 -9.40 5.63
N UNK C 423 5.00 -10.59 5.41
CA UNK C 423 5.63 -10.92 4.14
C UNK C 423 4.74 -10.53 2.97
N UNK C 424 3.52 -11.06 2.94
CA UNK C 424 2.62 -10.90 1.81
C UNK C 424 1.80 -9.63 1.88
N UNK C 425 2.27 -8.62 2.62
CA UNK C 425 1.54 -7.37 2.76
C UNK C 425 2.29 -6.17 2.18
N UNK C 426 3.57 -6.01 2.50
CA UNK C 426 4.27 -4.80 2.14
C UNK C 426 5.69 -4.99 1.66
N UNK C 427 6.18 -6.23 1.62
CA UNK C 427 7.49 -6.54 1.08
C UNK C 427 7.38 -7.30 -0.23
N UNK C 428 6.41 -8.19 -0.35
CA UNK C 428 6.15 -8.89 -1.60
C UNK C 428 5.43 -8.01 -2.60
N UNK C 429 5.18 -6.76 -2.28
CA UNK C 429 4.68 -5.77 -3.22
C UNK C 429 5.76 -4.81 -3.67
N UNK C 430 6.97 -4.94 -3.13
CA UNK C 430 8.15 -4.24 -3.64
C UNK C 430 9.08 -5.16 -4.41
N UNK C 431 9.14 -6.44 -4.05
CA UNK C 431 9.79 -7.44 -4.90
C UNK C 431 9.09 -7.59 -6.23
N UNK C 432 7.98 -6.91 -6.44
CA UNK C 432 7.30 -6.84 -7.73
C UNK C 432 7.45 -5.47 -8.38
N UNK C 433 7.23 -4.40 -7.61
CA UNK C 433 7.46 -3.06 -8.13
C UNK C 433 8.88 -2.91 -8.66
N UNK C 434 9.82 -3.64 -8.06
CA UNK C 434 11.19 -3.66 -8.58
C UNK C 434 11.27 -4.56 -9.80
N UNK C 435 10.88 -5.82 -9.64
CA UNK C 435 11.02 -6.82 -10.70
C UNK C 435 10.27 -6.45 -11.96
N UNK C 436 9.41 -5.45 -11.93
CA UNK C 436 8.68 -4.98 -13.11
C UNK C 436 9.41 -3.87 -13.83
N UNK C 437 9.90 -2.87 -13.11
CA UNK C 437 10.62 -1.77 -13.71
C UNK C 437 11.82 -2.22 -14.52
N UNK C 438 12.25 -3.45 -14.32
CA UNK C 438 13.34 -4.03 -15.08
C UNK C 438 12.82 -4.41 -16.46
N UNK C 439 13.71 -4.87 -17.35
CA UNK C 439 13.26 -5.38 -18.62
C UNK C 439 12.71 -6.79 -18.47
N UNK C 440 11.92 -7.26 -19.42
CA UNK C 440 11.39 -8.63 -19.33
C UNK C 440 12.41 -9.69 -19.68
N UNK C 441 13.67 -9.30 -19.79
CA UNK C 441 14.73 -10.24 -20.11
C UNK C 441 15.52 -10.67 -18.88
N UNK C 442 15.61 -9.80 -17.88
CA UNK C 442 16.41 -10.12 -16.70
C UNK C 442 15.89 -11.38 -16.02
N UNK C 443 14.59 -11.63 -16.10
CA UNK C 443 14.01 -12.81 -15.48
C UNK C 443 14.55 -14.11 -16.07
N UNK C 444 15.24 -14.05 -17.21
CA UNK C 444 15.78 -15.23 -17.85
C UNK C 444 17.30 -15.18 -17.78
N UNK C 445 17.91 -16.36 -17.87
CA UNK C 445 19.33 -16.50 -17.56
C UNK C 445 20.21 -16.07 -18.73
N UNK C 446 20.03 -16.69 -19.88
CA UNK C 446 20.89 -16.48 -21.05
C UNK C 446 22.32 -16.94 -20.81
N UNK C 447 22.56 -18.22 -20.57
CA UNK C 447 23.94 -18.72 -20.54
C UNK C 447 24.61 -18.56 -21.89
N UNK C 448 25.94 -18.64 -21.87
CA UNK C 448 26.77 -18.50 -23.06
C UNK C 448 27.91 -19.52 -23.03
N UNK C 449 27.58 -20.77 -22.71
CA UNK C 449 28.58 -21.80 -22.47
C UNK C 449 29.75 -21.74 -23.44
N UNK C 450 29.47 -21.88 -24.73
CA UNK C 450 30.51 -21.85 -25.77
C UNK C 450 30.02 -21.08 -26.99
N UNK C 451 29.33 -19.96 -26.76
CA UNK C 451 28.72 -19.20 -27.82
C UNK C 451 27.39 -19.75 -28.31
N UNK C 452 27.08 -21.02 -28.02
CA UNK C 452 25.79 -21.58 -28.41
C UNK C 452 24.67 -20.74 -27.84
N UNK C 453 24.80 -20.31 -26.58
CA UNK C 453 23.84 -19.42 -25.93
C UNK C 453 22.44 -20.05 -25.90
N UNK C 454 22.35 -21.16 -25.16
CA UNK C 454 21.07 -21.79 -24.94
C UNK C 454 20.23 -20.94 -23.96
N UNK C 455 19.07 -21.46 -23.58
CA UNK C 455 18.13 -20.73 -22.74
C UNK C 455 17.68 -21.61 -21.59
N UNK C 456 17.11 -20.95 -20.58
CA UNK C 456 16.63 -21.63 -19.41
C UNK C 456 16.45 -20.65 -18.27
N UNK C 457 15.78 -21.14 -17.22
CA UNK C 457 15.60 -20.34 -16.01
C UNK C 457 15.54 -21.28 -14.81
N UNK C 458 16.30 -20.94 -13.77
CA UNK C 458 16.32 -21.74 -12.56
C UNK C 458 16.33 -20.89 -11.29
N UNK C 459 16.23 -19.57 -11.41
CA UNK C 459 16.21 -18.68 -10.25
C UNK C 459 14.96 -17.84 -10.19
N UNK C 460 14.07 -17.93 -11.18
CA UNK C 460 12.74 -17.37 -11.09
C UNK C 460 11.68 -18.42 -10.80
N UNK C 461 11.97 -19.68 -11.08
CA UNK C 461 11.09 -20.77 -10.70
C UNK C 461 11.23 -21.09 -9.22
N UNK C 462 12.47 -21.38 -8.80
CA UNK C 462 12.77 -21.60 -7.39
C UNK C 462 12.34 -20.45 -6.50
N UNK C 463 12.06 -19.28 -7.07
CA UNK C 463 11.59 -18.13 -6.32
C UNK C 463 10.10 -17.90 -6.45
N UNK C 464 9.53 -18.09 -7.63
CA UNK C 464 8.09 -17.93 -7.80
C UNK C 464 7.34 -19.02 -7.04
N UNK C 465 7.99 -20.16 -6.80
CA UNK C 465 7.40 -21.14 -5.92
C UNK C 465 7.36 -20.69 -4.47
N UNK C 466 7.78 -19.46 -4.18
CA UNK C 466 7.67 -18.91 -2.83
C UNK C 466 7.25 -17.45 -2.84
N UNK C 467 6.65 -16.96 -3.92
CA UNK C 467 5.98 -15.66 -3.90
C UNK C 467 4.57 -15.76 -4.44
N UNK C 468 4.11 -16.96 -4.81
CA UNK C 468 2.71 -17.16 -5.11
C UNK C 468 1.84 -17.00 -3.87
N UNK C 469 2.43 -17.06 -2.68
CA UNK C 469 1.67 -16.86 -1.45
C UNK C 469 1.13 -15.43 -1.38
N UNK C 470 1.53 -14.56 -2.31
CA UNK C 470 1.07 -13.18 -2.33
C UNK C 470 -0.41 -13.06 -2.67
N UNK C 471 -0.83 -13.55 -3.83
CA UNK C 471 -2.17 -13.30 -4.31
C UNK C 471 -3.16 -14.17 -3.57
N UNK C 472 -3.75 -13.60 -2.51
CA UNK C 472 -4.86 -14.21 -1.81
C UNK C 472 -6.20 -14.11 -2.52
N UNK C 473 -6.35 -13.19 -3.49
CA UNK C 473 -7.62 -13.14 -4.23
C UNK C 473 -8.13 -14.48 -4.75
N UNK C 474 -7.31 -15.21 -5.50
CA UNK C 474 -7.75 -16.47 -6.12
C UNK C 474 -7.19 -17.66 -5.36
N UNK C 475 -5.87 -17.75 -5.20
CA UNK C 475 -5.24 -18.85 -4.51
C UNK C 475 -4.63 -19.88 -5.43
N UNK C 476 -5.21 -20.09 -6.60
CA UNK C 476 -4.67 -21.01 -7.59
C UNK C 476 -3.98 -20.29 -8.74
N UNK C 477 -3.60 -19.03 -8.58
CA UNK C 477 -3.08 -18.27 -9.69
C UNK C 477 -2.21 -17.13 -9.17
N UNK C 478 -1.23 -16.75 -10.00
CA UNK C 478 -0.49 -15.53 -9.79
C UNK C 478 -1.34 -14.35 -10.27
N UNK C 479 -0.85 -13.13 -10.11
CA UNK C 479 -1.49 -12.02 -10.81
C UNK C 479 -1.23 -12.11 -12.30
N UNK C 480 -1.74 -11.15 -13.07
CA UNK C 480 -1.52 -11.15 -14.50
C UNK C 480 -0.24 -10.40 -14.87
N UNK C 481 -0.03 -9.25 -14.25
CA UNK C 481 1.06 -8.35 -14.60
C UNK C 481 2.43 -8.92 -14.34
N UNK C 482 2.54 -10.05 -13.63
CA UNK C 482 3.81 -10.75 -13.46
C UNK C 482 3.82 -12.05 -14.24
N UNK C 483 2.82 -12.28 -15.09
CA UNK C 483 2.82 -13.40 -16.01
C UNK C 483 3.02 -12.96 -17.45
N UNK C 484 2.84 -11.68 -17.74
CA UNK C 484 3.08 -11.17 -19.08
C UNK C 484 4.57 -10.97 -19.35
N UNK C 485 5.31 -10.46 -18.36
CA UNK C 485 6.74 -10.23 -18.55
C UNK C 485 7.46 -11.52 -18.90
N UNK C 486 7.15 -12.61 -18.22
CA UNK C 486 7.80 -13.88 -18.51
C UNK C 486 7.62 -14.28 -19.96
N UNK C 487 6.37 -14.53 -20.37
CA UNK C 487 6.12 -14.97 -21.74
C UNK C 487 6.60 -13.96 -22.76
N UNK C 488 6.63 -12.69 -22.38
CA UNK C 488 7.16 -11.63 -23.24
C UNK C 488 8.67 -11.54 -23.20
N UNK C 489 9.32 -12.35 -22.36
CA UNK C 489 10.77 -12.36 -22.28
C UNK C 489 11.39 -13.46 -23.11
N UNK C 490 10.89 -14.68 -22.95
CA UNK C 490 11.32 -15.81 -23.77
C UNK C 490 11.26 -15.50 -25.25
N UNK C 491 10.49 -14.49 -25.65
CA UNK C 491 10.42 -14.05 -27.02
C UNK C 491 11.46 -12.97 -27.31
N UNK C 492 11.81 -12.17 -26.31
CA UNK C 492 12.84 -11.15 -26.45
C UNK C 492 14.23 -11.67 -26.10
N UNK C 493 14.38 -12.97 -25.91
CA UNK C 493 15.67 -13.60 -25.65
C UNK C 493 16.07 -14.59 -26.72
N UNK C 494 15.10 -15.28 -27.34
CA UNK C 494 15.43 -16.20 -28.41
C UNK C 494 16.17 -15.50 -29.54
N UNK C 495 15.95 -14.19 -29.69
CA UNK C 495 16.65 -13.41 -30.72
C UNK C 495 18.14 -13.72 -30.69
N UNK C 496 18.75 -13.60 -29.51
CA UNK C 496 20.18 -13.82 -29.39
C UNK C 496 20.57 -15.20 -29.89
N UNK C 497 19.73 -16.21 -29.64
CA UNK C 497 20.02 -17.55 -30.10
C UNK C 497 19.99 -17.58 -31.63
N UNK C 498 20.35 -18.75 -32.19
CA UNK C 498 20.37 -18.90 -33.64
C UNK C 498 18.98 -19.18 -34.18
N UNK C 499 18.38 -20.29 -33.76
CA UNK C 499 17.03 -20.67 -34.16
C UNK C 499 16.07 -20.19 -33.08
N UNK C 500 15.47 -19.03 -33.30
CA UNK C 500 14.66 -18.41 -32.27
C UNK C 500 13.34 -19.13 -32.03
N UNK C 501 13.07 -20.21 -32.77
CA UNK C 501 11.85 -20.98 -32.59
C UNK C 501 12.13 -22.44 -32.25
N UNK C 502 13.25 -22.70 -31.58
CA UNK C 502 13.54 -24.05 -31.09
C UNK C 502 14.01 -24.03 -29.65
N UNK C 503 14.22 -22.86 -29.06
CA UNK C 503 14.44 -22.73 -27.63
C UNK C 503 13.13 -22.63 -26.87
N UNK C 504 12.21 -21.82 -27.37
CA UNK C 504 10.89 -21.68 -26.75
C UNK C 504 10.27 -23.06 -26.54
N UNK C 505 10.16 -23.84 -27.62
CA UNK C 505 9.67 -25.21 -27.49
C UNK C 505 10.38 -25.97 -26.38
N UNK C 506 11.61 -25.58 -26.03
CA UNK C 506 12.36 -26.27 -24.99
C UNK C 506 12.04 -25.72 -23.61
N UNK C 507 12.00 -24.39 -23.47
CA UNK C 507 11.63 -23.79 -22.20
C UNK C 507 10.23 -24.24 -21.79
N UNK C 508 9.23 -23.91 -22.62
CA UNK C 508 7.85 -24.21 -22.31
C UNK C 508 7.55 -25.70 -22.27
N UNK C 509 8.52 -26.55 -22.53
CA UNK C 509 8.40 -27.98 -22.31
C UNK C 509 9.11 -28.44 -21.05
N UNK C 510 10.17 -27.74 -20.64
CA UNK C 510 10.73 -27.94 -19.31
C UNK C 510 9.73 -27.48 -18.26
N UNK C 511 9.13 -26.31 -18.47
CA UNK C 511 7.91 -25.97 -17.79
C UNK C 511 6.85 -27.02 -18.14
N UNK C 512 5.72 -26.97 -17.44
CA UNK C 512 4.73 -28.04 -17.30
C UNK C 512 5.20 -29.04 -16.25
N UNK C 513 6.41 -28.91 -15.72
CA UNK C 513 6.90 -29.84 -14.72
C UNK C 513 7.73 -29.19 -13.63
N UNK C 514 7.99 -27.88 -13.71
CA UNK C 514 8.82 -27.21 -12.72
C UNK C 514 8.17 -25.96 -12.16
N UNK C 515 7.28 -25.34 -12.95
CA UNK C 515 6.58 -24.12 -12.52
C UNK C 515 5.20 -24.08 -13.16
N UNK C 516 4.32 -25.00 -12.79
CA UNK C 516 2.96 -24.95 -13.32
C UNK C 516 2.25 -23.62 -13.05
N UNK C 517 2.50 -23.01 -11.90
CA UNK C 517 1.72 -21.86 -11.46
C UNK C 517 1.74 -20.69 -12.44
N UNK C 518 2.59 -20.72 -13.45
CA UNK C 518 2.65 -19.61 -14.40
C UNK C 518 1.69 -19.79 -15.56
N UNK C 519 1.51 -21.03 -16.03
CA UNK C 519 0.57 -21.29 -17.11
C UNK C 519 -0.85 -21.02 -16.67
N UNK C 520 -1.25 -21.61 -15.54
CA UNK C 520 -2.60 -21.47 -15.04
C UNK C 520 -2.99 -20.01 -14.84
N UNK C 521 -2.02 -19.12 -14.72
CA UNK C 521 -2.29 -17.69 -14.73
C UNK C 521 -2.35 -17.12 -16.14
N UNK C 522 -1.92 -17.88 -17.13
CA UNK C 522 -2.12 -17.51 -18.52
C UNK C 522 -3.49 -17.97 -19.00
N UNK C 523 -3.77 -19.26 -18.85
CA UNK C 523 -5.09 -19.83 -19.11
C UNK C 523 -6.19 -18.91 -18.62
N UNK C 524 -6.02 -18.37 -17.41
CA UNK C 524 -6.99 -17.45 -16.83
C UNK C 524 -6.98 -16.08 -17.48
N UNK C 525 -6.08 -15.84 -18.43
CA UNK C 525 -5.91 -14.51 -18.99
C UNK C 525 -5.68 -14.48 -20.49
N UNK C 526 -5.76 -15.65 -21.13
CA UNK C 526 -5.46 -15.79 -22.55
C UNK C 526 -6.04 -14.66 -23.39
N UNK C 527 -7.36 -14.45 -23.40
CA UNK C 527 -7.93 -13.44 -24.30
C UNK C 527 -7.38 -12.05 -24.11
N UNK C 528 -6.58 -11.81 -23.08
CA UNK C 528 -5.90 -10.54 -22.88
C UNK C 528 -4.41 -10.62 -23.17
N UNK C 529 -3.95 -11.74 -23.68
CA UNK C 529 -2.52 -12.00 -23.83
C UNK C 529 -2.11 -12.42 -25.23
N UNK C 530 -2.94 -13.18 -25.93
CA UNK C 530 -2.62 -13.64 -27.27
C UNK C 530 -2.26 -12.52 -28.24
N UNK C 531 -3.02 -11.42 -28.32
CA UNK C 531 -2.70 -10.36 -29.29
C UNK C 531 -1.42 -9.61 -28.97
N UNK C 532 -0.69 -9.99 -27.93
CA UNK C 532 0.63 -9.46 -27.67
C UNK C 532 1.70 -10.38 -28.21
N UNK C 533 1.65 -11.65 -27.84
CA UNK C 533 2.61 -12.61 -28.37
C UNK C 533 2.53 -12.67 -29.89
N UNK C 534 1.32 -12.66 -30.44
CA UNK C 534 1.18 -12.74 -31.89
C UNK C 534 1.78 -11.51 -32.56
N UNK C 535 1.43 -10.32 -32.08
CA UNK C 535 1.94 -9.09 -32.67
C UNK C 535 3.41 -8.88 -32.41
N UNK C 536 4.01 -9.64 -31.50
CA UNK C 536 5.45 -9.58 -31.29
C UNK C 536 6.18 -10.53 -32.22
N UNK C 537 5.73 -11.79 -32.27
CA UNK C 537 6.34 -12.74 -33.19
C UNK C 537 6.10 -12.37 -34.64
N UNK C 538 5.13 -11.51 -34.92
CA UNK C 538 4.91 -11.01 -36.27
C UNK C 538 5.55 -9.65 -36.50
N UNK C 539 6.20 -9.09 -35.49
CA UNK C 539 6.94 -7.84 -35.62
C UNK C 539 8.44 -8.05 -35.64
N UNK C 540 8.94 -9.10 -34.99
CA UNK C 540 10.36 -9.41 -35.11
C UNK C 540 10.66 -10.05 -36.46
N UNK C 541 9.91 -11.10 -36.82
CA UNK C 541 10.10 -11.76 -38.10
C UNK C 541 8.86 -12.59 -38.41
N UNK C 542 8.31 -12.40 -39.60
CA UNK C 542 7.04 -12.98 -39.96
C UNK C 542 7.11 -14.45 -40.32
N UNK C 543 7.26 -15.30 -39.31
CA UNK C 543 7.32 -16.75 -39.49
C UNK C 543 6.26 -17.38 -38.59
N UNK C 544 5.80 -18.56 -39.00
CA UNK C 544 4.72 -19.22 -38.28
C UNK C 544 5.10 -19.42 -36.81
N UNK C 545 4.08 -19.55 -35.96
CA UNK C 545 4.28 -19.66 -34.53
C UNK C 545 4.91 -21.00 -34.18
N UNK C 546 5.45 -21.14 -32.98
CA UNK C 546 5.97 -22.43 -32.53
C UNK C 546 4.83 -23.34 -32.06
N UNK C 547 5.18 -24.58 -31.77
CA UNK C 547 4.22 -25.59 -31.38
C UNK C 547 3.89 -25.55 -29.89
N UNK C 548 4.18 -24.44 -29.21
CA UNK C 548 3.83 -24.33 -27.79
C UNK C 548 3.18 -23.00 -27.44
N UNK C 549 3.17 -22.00 -28.31
CA UNK C 549 2.26 -20.87 -28.20
C UNK C 549 1.08 -21.00 -29.14
N UNK C 550 0.90 -22.18 -29.73
CA UNK C 550 -0.19 -22.48 -30.64
C UNK C 550 -1.16 -23.48 -30.06
N UNK C 551 -0.66 -24.58 -29.49
CA UNK C 551 -1.52 -25.55 -28.82
C UNK C 551 -2.53 -24.85 -27.92
N UNK C 552 -2.12 -23.74 -27.30
CA UNK C 552 -3.02 -23.04 -26.38
C UNK C 552 -4.18 -22.39 -27.13
N UNK C 553 -3.90 -21.77 -28.29
CA UNK C 553 -4.99 -21.22 -29.09
C UNK C 553 -5.97 -22.31 -29.50
N UNK C 554 -5.48 -23.48 -29.87
CA UNK C 554 -6.36 -24.56 -30.27
C UNK C 554 -7.20 -25.03 -29.09
N UNK C 555 -6.57 -25.17 -27.92
CA UNK C 555 -7.30 -25.63 -26.74
C UNK C 555 -8.27 -24.58 -26.22
N UNK C 556 -8.10 -23.32 -26.62
CA UNK C 556 -9.06 -22.29 -26.27
C UNK C 556 -10.21 -22.22 -27.28
N UNK C 557 -9.92 -22.45 -28.56
CA UNK C 557 -10.96 -22.38 -29.58
C UNK C 557 -11.82 -23.63 -29.55
N UNK C 558 -11.26 -24.76 -29.15
CA UNK C 558 -12.03 -25.98 -28.96
C UNK C 558 -12.91 -25.87 -27.72
N UNK C 559 -12.89 -24.71 -27.08
CA UNK C 559 -13.73 -24.41 -25.92
C UNK C 559 -14.74 -23.32 -26.25
N UNK C 560 -14.26 -22.15 -26.68
CA UNK C 560 -15.16 -21.03 -26.96
C UNK C 560 -16.22 -21.37 -27.99
N UNK C 561 -16.06 -22.47 -28.72
CA UNK C 561 -17.07 -22.89 -29.68
C UNK C 561 -18.03 -23.89 -29.05
N UNK C 562 -17.50 -25.00 -28.54
CA UNK C 562 -18.33 -26.07 -28.00
C UNK C 562 -19.19 -25.61 -26.82
N UNK C 563 -18.76 -24.60 -26.08
CA UNK C 563 -19.65 -23.99 -25.09
C UNK C 563 -20.86 -23.38 -25.78
N UNK C 564 -20.68 -22.87 -26.98
CA UNK C 564 -21.79 -22.37 -27.80
C UNK C 564 -22.38 -23.55 -28.57
N UNK C 565 -23.65 -23.84 -28.30
CA UNK C 565 -24.50 -24.75 -29.08
C UNK C 565 -24.10 -26.21 -28.93
N UNK C 566 -22.92 -26.50 -28.38
CA UNK C 566 -22.59 -27.84 -27.96
C UNK C 566 -22.09 -28.69 -29.11
N UNK C 567 -20.81 -29.07 -29.12
CA UNK C 567 -20.37 -30.10 -30.06
C UNK C 567 -19.67 -31.26 -29.36
N UNK C 568 -18.57 -30.95 -28.68
CA UNK C 568 -17.69 -31.97 -28.10
C UNK C 568 -16.52 -31.27 -27.41
N UNK C 569 -15.60 -32.01 -26.82
CA UNK C 569 -14.35 -31.43 -26.35
C UNK C 569 -13.19 -32.32 -26.78
N UNK C 570 -12.01 -31.72 -26.92
CA UNK C 570 -10.87 -32.41 -27.51
C UNK C 570 -10.04 -33.13 -26.47
N UNK C 571 -9.93 -32.59 -25.25
CA UNK C 571 -9.22 -33.24 -24.15
C UNK C 571 -7.75 -33.49 -24.50
N UNK C 572 -7.03 -32.38 -24.63
CA UNK C 572 -5.60 -32.43 -24.93
C UNK C 572 -4.84 -33.13 -23.81
N UNK C 573 -3.53 -33.27 -23.97
CA UNK C 573 -2.74 -34.16 -23.11
C UNK C 573 -2.90 -33.81 -21.64
N UNK C 574 -2.47 -32.61 -21.24
CA UNK C 574 -2.38 -32.30 -19.81
C UNK C 574 -3.74 -31.84 -19.29
N UNK C 575 -4.32 -32.53 -18.29
CA UNK C 575 -5.66 -32.17 -17.82
C UNK C 575 -5.77 -30.78 -17.20
N UNK C 576 -4.95 -30.54 -16.17
CA UNK C 576 -5.15 -29.39 -15.30
C UNK C 576 -4.97 -28.05 -16.01
N UNK C 577 -4.70 -28.08 -17.31
CA UNK C 577 -4.69 -26.88 -18.13
C UNK C 577 -5.99 -26.73 -18.92
N UNK C 578 -6.45 -27.81 -19.54
CA UNK C 578 -7.77 -27.83 -20.17
C UNK C 578 -8.85 -27.46 -19.17
N UNK C 579 -8.78 -28.05 -17.97
CA UNK C 579 -9.78 -27.75 -16.96
C UNK C 579 -9.77 -26.28 -16.58
N UNK C 580 -8.58 -25.69 -16.46
CA UNK C 580 -8.49 -24.27 -16.16
C UNK C 580 -9.16 -23.45 -17.26
N UNK C 581 -8.80 -23.72 -18.51
CA UNK C 581 -9.44 -23.04 -19.63
C UNK C 581 -10.95 -23.10 -19.50
N UNK C 582 -11.48 -24.31 -19.37
CA UNK C 582 -12.92 -24.52 -19.32
C UNK C 582 -13.57 -23.74 -18.18
N UNK C 583 -13.08 -23.95 -16.96
CA UNK C 583 -13.68 -23.34 -15.78
C UNK C 583 -13.64 -21.82 -15.87
N UNK C 584 -12.47 -21.27 -16.22
CA UNK C 584 -12.36 -19.82 -16.29
C UNK C 584 -13.25 -19.25 -17.37
N UNK C 585 -13.39 -19.95 -18.50
CA UNK C 585 -14.25 -19.46 -19.57
C UNK C 585 -15.69 -19.43 -19.11
N UNK C 586 -16.15 -20.51 -18.47
CA UNK C 586 -17.47 -20.52 -17.87
C UNK C 586 -17.66 -19.31 -16.98
N UNK C 587 -16.77 -19.13 -15.99
CA UNK C 587 -16.90 -18.02 -15.08
C UNK C 587 -16.95 -16.68 -15.82
N UNK C 588 -16.20 -16.57 -16.92
CA UNK C 588 -16.12 -15.29 -17.61
C UNK C 588 -17.36 -15.01 -18.45
N UNK C 589 -18.06 -16.04 -18.91
CA UNK C 589 -19.25 -15.86 -19.71
C UNK C 589 -20.54 -15.88 -18.88
N UNK C 590 -20.43 -16.10 -17.57
CA UNK C 590 -21.57 -16.09 -16.65
C UNK C 590 -22.52 -17.25 -16.88
N UNK C 591 -22.12 -18.25 -17.65
CA UNK C 591 -22.88 -19.46 -17.85
C UNK C 591 -23.16 -20.14 -16.52
N UNK C 592 -24.09 -21.09 -16.46
CA UNK C 592 -24.29 -21.87 -15.25
C UNK C 592 -23.25 -22.99 -15.15
N UNK C 593 -23.39 -23.81 -14.12
CA UNK C 593 -22.48 -24.91 -13.86
C UNK C 593 -23.06 -26.25 -14.32
N UNK C 594 -23.89 -26.24 -15.36
CA UNK C 594 -24.45 -27.45 -15.92
C UNK C 594 -23.94 -27.76 -17.32
N UNK C 595 -23.48 -26.76 -18.06
CA UNK C 595 -22.81 -27.04 -19.33
C UNK C 595 -21.47 -27.71 -19.10
N UNK C 596 -20.71 -27.21 -18.11
CA UNK C 596 -19.38 -27.72 -17.83
C UNK C 596 -19.35 -29.23 -17.72
N UNK C 597 -20.45 -29.85 -17.29
CA UNK C 597 -20.46 -31.26 -16.96
C UNK C 597 -21.05 -32.14 -18.05
N UNK C 598 -21.70 -31.56 -19.06
CA UNK C 598 -22.29 -32.34 -20.14
C UNK C 598 -21.45 -32.34 -21.41
N UNK C 599 -20.66 -31.30 -21.65
CA UNK C 599 -19.77 -31.26 -22.83
C UNK C 599 -18.44 -31.85 -22.35
N UNK C 600 -18.38 -33.18 -22.35
CA UNK C 600 -17.19 -33.87 -21.88
C UNK C 600 -17.28 -35.33 -22.29
N UNK C 601 -16.11 -35.92 -22.53
CA UNK C 601 -16.03 -37.33 -22.87
C UNK C 601 -16.58 -38.18 -21.73
N UNK C 602 -16.90 -39.43 -22.06
CA UNK C 602 -17.38 -40.39 -21.08
C UNK C 602 -16.66 -41.71 -21.19
N UNK C 603 -15.85 -41.88 -22.24
CA UNK C 603 -15.12 -43.11 -22.49
C UNK C 603 -13.61 -42.92 -22.44
N UNK C 604 -13.13 -41.71 -22.15
CA UNK C 604 -11.70 -41.44 -22.15
C UNK C 604 -11.08 -41.83 -20.82
N UNK C 605 -9.81 -42.23 -20.87
CA UNK C 605 -9.04 -42.47 -19.67
C UNK C 605 -8.58 -41.19 -19.00
N UNK C 606 -8.85 -40.03 -19.61
CA UNK C 606 -8.45 -38.73 -19.09
C UNK C 606 -9.67 -37.87 -18.80
N UNK C 607 -10.72 -38.49 -18.26
CA UNK C 607 -11.94 -37.77 -17.90
C UNK C 607 -11.92 -37.36 -16.43
N UNK C 608 -11.80 -38.34 -15.54
CA UNK C 608 -11.80 -38.07 -14.10
C UNK C 608 -10.79 -37.01 -13.74
N UNK C 609 -9.55 -37.17 -14.22
CA UNK C 609 -8.47 -36.26 -13.90
C UNK C 609 -8.82 -34.82 -14.27
N UNK C 610 -9.89 -34.64 -15.01
CA UNK C 610 -10.40 -33.30 -15.26
C UNK C 610 -11.41 -32.89 -14.19
N UNK C 611 -12.21 -33.86 -13.73
CA UNK C 611 -13.24 -33.55 -12.74
C UNK C 611 -12.63 -33.25 -11.38
N UNK C 612 -11.58 -33.97 -11.00
CA UNK C 612 -10.86 -33.66 -9.76
C UNK C 612 -10.37 -32.21 -9.80
N UNK C 613 -9.60 -31.89 -10.84
CA UNK C 613 -9.15 -30.52 -11.02
C UNK C 613 -10.30 -29.52 -11.00
N UNK C 614 -11.47 -29.90 -11.51
CA UNK C 614 -12.59 -28.98 -11.53
C UNK C 614 -13.16 -28.77 -10.14
N UNK C 615 -13.10 -29.81 -9.30
CA UNK C 615 -13.52 -29.70 -7.91
C UNK C 615 -12.58 -28.80 -7.13
N UNK C 616 -11.29 -28.83 -7.48
CA UNK C 616 -10.30 -28.06 -6.73
C UNK C 616 -10.59 -26.55 -6.80
N UNK C 617 -10.77 -26.03 -8.00
CA UNK C 617 -11.03 -24.60 -8.13
C UNK C 617 -12.32 -24.19 -7.43
N UNK C 618 -13.33 -25.07 -7.44
CA UNK C 618 -14.57 -24.77 -6.73
C UNK C 618 -14.30 -24.64 -5.24
N UNK C 619 -13.55 -25.59 -4.68
CA UNK C 619 -13.14 -25.48 -3.28
C UNK C 619 -12.51 -24.13 -3.02
N UNK C 620 -11.48 -23.80 -3.79
CA UNK C 620 -10.78 -22.54 -3.59
C UNK C 620 -11.69 -21.32 -3.71
N UNK C 621 -12.69 -21.37 -4.59
CA UNK C 621 -13.59 -20.23 -4.71
C UNK C 621 -14.50 -20.11 -3.48
N UNK C 622 -14.96 -21.25 -2.96
CA UNK C 622 -15.64 -21.23 -1.67
C UNK C 622 -14.78 -20.53 -0.63
N UNK C 623 -13.52 -20.96 -0.53
CA UNK C 623 -12.65 -20.44 0.52
C UNK C 623 -12.41 -18.95 0.34
N UNK C 624 -12.35 -18.47 -0.90
CA UNK C 624 -12.22 -17.03 -1.09
C UNK C 624 -13.48 -16.31 -0.68
N UNK C 625 -14.65 -16.86 -1.03
CA UNK C 625 -15.90 -16.22 -0.61
C UNK C 625 -16.04 -16.21 0.90
N UNK C 626 -15.36 -17.11 1.61
CA UNK C 626 -15.39 -17.05 3.07
C UNK C 626 -14.56 -15.89 3.59
N UNK C 627 -13.40 -15.63 3.00
CA UNK C 627 -12.60 -14.48 3.41
C UNK C 627 -13.06 -13.21 2.72
N UNK C 628 -14.38 -13.00 2.67
CA UNK C 628 -14.95 -11.74 2.21
C UNK C 628 -16.38 -11.72 2.74
N UNK C 629 -16.61 -11.01 3.84
CA UNK C 629 -17.91 -11.01 4.49
C UNK C 629 -18.38 -12.44 4.74
N UNK C 630 -17.64 -13.11 5.61
CA UNK C 630 -17.74 -14.55 5.80
C UNK C 630 -19.13 -15.14 5.68
N UNK C 631 -19.27 -16.10 4.77
CA UNK C 631 -20.51 -16.82 4.55
C UNK C 631 -20.16 -18.08 3.75
N UNK C 632 -21.18 -18.75 3.22
CA UNK C 632 -21.02 -20.09 2.66
C UNK C 632 -21.22 -20.17 1.16
N UNK C 633 -22.04 -19.30 0.56
CA UNK C 633 -22.29 -19.32 -0.88
C UNK C 633 -22.84 -20.69 -1.30
N UNK C 634 -24.03 -20.97 -0.79
CA UNK C 634 -24.63 -22.31 -0.91
C UNK C 634 -24.48 -22.90 -2.30
N UNK C 635 -24.76 -22.10 -3.35
CA UNK C 635 -24.82 -22.64 -4.70
C UNK C 635 -23.61 -23.49 -5.06
N UNK C 636 -22.40 -23.02 -4.76
CA UNK C 636 -21.20 -23.78 -5.10
C UNK C 636 -21.21 -25.16 -4.46
N UNK C 637 -21.56 -25.25 -3.18
CA UNK C 637 -21.62 -26.54 -2.52
C UNK C 637 -22.50 -27.55 -3.26
N UNK C 638 -23.37 -27.08 -4.15
CA UNK C 638 -24.13 -27.98 -5.00
C UNK C 638 -23.31 -28.45 -6.20
N UNK C 639 -22.72 -27.53 -6.95
CA UNK C 639 -21.90 -27.94 -8.09
C UNK C 639 -21.01 -29.12 -7.71
N UNK C 640 -20.22 -28.96 -6.65
CA UNK C 640 -19.27 -29.98 -6.27
C UNK C 640 -19.94 -31.35 -6.14
N UNK C 641 -21.07 -31.41 -5.43
CA UNK C 641 -21.67 -32.73 -5.22
C UNK C 641 -22.05 -33.35 -6.56
N UNK C 642 -22.61 -32.56 -7.47
CA UNK C 642 -22.85 -33.07 -8.81
C UNK C 642 -21.58 -33.68 -9.39
N UNK C 643 -20.49 -32.90 -9.38
CA UNK C 643 -19.23 -33.40 -9.88
C UNK C 643 -18.92 -34.76 -9.27
N UNK C 644 -19.11 -34.89 -7.96
CA UNK C 644 -18.78 -36.14 -7.30
C UNK C 644 -19.66 -37.26 -7.82
N UNK C 645 -20.96 -37.00 -7.93
CA UNK C 645 -21.85 -38.01 -8.48
C UNK C 645 -21.52 -38.31 -9.94
N UNK C 646 -20.88 -37.37 -10.64
CA UNK C 646 -20.50 -37.61 -12.02
C UNK C 646 -19.28 -38.50 -12.12
N UNK C 647 -18.66 -38.84 -10.99
CA UNK C 647 -17.48 -39.69 -10.97
C UNK C 647 -17.60 -40.82 -9.96
N UNK C 648 -18.71 -40.89 -9.22
CA UNK C 648 -18.87 -41.94 -8.22
C UNK C 648 -19.28 -43.28 -8.82
N UNK C 649 -19.91 -43.29 -9.99
CA UNK C 649 -20.17 -44.54 -10.70
C UNK C 649 -19.02 -44.88 -11.65
N UNK C 650 -17.80 -44.76 -11.13
CA UNK C 650 -16.61 -45.24 -11.83
C UNK C 650 -15.60 -45.93 -10.93
N UNK C 651 -15.69 -45.79 -9.62
CA UNK C 651 -14.79 -46.46 -8.70
C UNK C 651 -13.45 -45.78 -8.57
N UNK C 652 -13.46 -44.49 -8.24
CA UNK C 652 -12.24 -43.70 -8.08
C UNK C 652 -12.15 -43.17 -6.65
N UNK C 653 -11.14 -42.33 -6.40
CA UNK C 653 -10.84 -41.84 -5.06
C UNK C 653 -10.56 -40.34 -5.16
N UNK C 654 -11.52 -39.52 -4.75
CA UNK C 654 -11.36 -38.08 -4.76
C UNK C 654 -10.74 -37.53 -3.48
N UNK C 655 -10.66 -38.33 -2.41
CA UNK C 655 -10.12 -37.84 -1.15
C UNK C 655 -8.63 -38.08 -1.12
N UNK C 656 -7.88 -37.27 -1.85
CA UNK C 656 -6.45 -37.13 -1.63
C UNK C 656 -5.99 -35.70 -1.90
N UNK C 657 -6.90 -34.79 -2.23
CA UNK C 657 -6.59 -33.37 -2.15
C UNK C 657 -6.42 -32.92 -0.71
N UNK C 658 -7.04 -33.63 0.22
CA UNK C 658 -7.08 -33.25 1.63
C UNK C 658 -5.92 -33.86 2.41
N UNK C 659 -4.85 -34.22 1.72
CA UNK C 659 -3.60 -34.67 2.33
C UNK C 659 -2.62 -33.51 2.21
N UNK C 660 -2.43 -32.77 3.30
CA UNK C 660 -1.48 -31.67 3.28
C UNK C 660 -0.07 -32.20 3.51
N UNK C 661 0.30 -33.21 2.74
CA UNK C 661 1.62 -33.83 2.81
C UNK C 661 2.01 -34.26 1.40
N UNK C 662 3.07 -35.08 1.31
CA UNK C 662 3.53 -35.60 0.02
C UNK C 662 3.77 -37.09 0.07
N UNK C 663 3.12 -37.80 1.00
CA UNK C 663 3.37 -39.22 1.23
C UNK C 663 3.09 -40.06 -0.02
N UNK C 664 1.82 -40.09 -0.45
CA UNK C 664 1.43 -41.01 -1.51
C UNK C 664 0.52 -40.36 -2.56
N UNK C 665 0.27 -39.07 -2.48
CA UNK C 665 -0.57 -38.39 -3.45
C UNK C 665 -0.07 -38.66 -4.86
N UNK C 666 -0.87 -39.28 -5.73
CA UNK C 666 -0.45 -39.44 -7.13
C UNK C 666 0.03 -38.15 -7.75
N UNK C 667 0.81 -38.25 -8.82
CA UNK C 667 1.52 -37.11 -9.37
C UNK C 667 0.60 -35.94 -9.71
N UNK C 668 -0.71 -36.14 -9.78
CA UNK C 668 -1.60 -35.08 -10.24
C UNK C 668 -1.85 -34.01 -9.19
N UNK C 669 -1.69 -34.33 -7.90
CA UNK C 669 -1.92 -33.32 -6.87
C UNK C 669 -0.75 -32.37 -6.72
N UNK C 670 0.47 -32.93 -6.67
CA UNK C 670 1.65 -32.11 -6.49
C UNK C 670 1.68 -30.98 -7.49
N UNK C 671 1.47 -31.29 -8.76
CA UNK C 671 1.44 -30.26 -9.79
C UNK C 671 0.28 -29.30 -9.61
N UNK C 672 -0.61 -29.56 -8.66
CA UNK C 672 -1.69 -28.66 -8.29
C UNK C 672 -1.45 -27.97 -6.97
N UNK C 673 -1.11 -28.72 -5.91
CA UNK C 673 -0.87 -28.11 -4.61
C UNK C 673 0.34 -27.19 -4.64
N UNK C 674 1.30 -27.45 -5.53
CA UNK C 674 2.46 -26.60 -5.67
C UNK C 674 2.16 -25.33 -6.47
N UNK C 675 0.88 -25.09 -6.77
CA UNK C 675 0.43 -23.84 -7.34
C UNK C 675 -0.48 -23.06 -6.41
N UNK C 676 -0.83 -23.62 -5.26
CA UNK C 676 -1.80 -23.03 -4.36
C UNK C 676 -1.11 -22.36 -3.18
N UNK C 677 -1.59 -21.17 -2.84
CA UNK C 677 -1.05 -20.44 -1.72
C UNK C 677 -1.18 -21.27 -0.44
N UNK C 678 -0.50 -20.81 0.61
CA UNK C 678 -0.56 -21.47 1.91
C UNK C 678 -1.49 -20.74 2.87
N UNK C 679 -1.93 -19.54 2.52
CA UNK C 679 -3.03 -18.90 3.26
C UNK C 679 -4.30 -19.71 3.15
N UNK C 680 -4.39 -20.60 2.16
CA UNK C 680 -5.60 -21.34 1.87
C UNK C 680 -5.57 -22.76 2.40
N UNK C 681 -4.51 -23.52 2.08
CA UNK C 681 -4.39 -24.88 2.59
C UNK C 681 -4.42 -24.93 4.11
N UNK C 682 -4.25 -23.80 4.79
CA UNK C 682 -4.49 -23.73 6.22
C UNK C 682 -5.98 -23.68 6.54
N UNK C 683 -6.83 -23.61 5.53
CA UNK C 683 -8.27 -23.51 5.71
C UNK C 683 -9.04 -24.66 5.09
N UNK C 684 -8.40 -25.51 4.30
CA UNK C 684 -9.06 -26.59 3.58
C UNK C 684 -10.03 -27.35 4.49
N UNK C 685 -9.70 -27.56 5.77
CA UNK C 685 -10.67 -28.20 6.67
C UNK C 685 -11.95 -27.41 6.79
N UNK C 686 -11.87 -26.08 6.79
CA UNK C 686 -13.04 -25.23 6.83
C UNK C 686 -13.96 -25.49 5.65
N UNK C 687 -13.51 -26.24 4.65
CA UNK C 687 -14.32 -26.63 3.51
C UNK C 687 -14.55 -28.13 3.42
N UNK C 688 -13.86 -28.92 4.24
CA UNK C 688 -14.05 -30.36 4.22
C UNK C 688 -15.22 -30.80 5.07
N UNK C 689 -15.66 -29.97 6.01
CA UNK C 689 -16.79 -30.29 6.88
C UNK C 689 -18.04 -29.53 6.49
N UNK C 690 -18.13 -29.10 5.24
CA UNK C 690 -19.32 -28.50 4.66
C UNK C 690 -19.93 -29.37 3.58
N UNK C 691 -19.12 -30.05 2.79
CA UNK C 691 -19.60 -30.84 1.66
C UNK C 691 -19.39 -32.33 1.85
N UNK C 692 -18.84 -32.75 2.98
CA UNK C 692 -18.79 -34.16 3.33
C UNK C 692 -20.14 -34.60 3.87
N UNK C 693 -20.75 -33.87 4.81
CA UNK C 693 -22.06 -34.30 5.31
C UNK C 693 -23.18 -34.08 4.32
N UNK C 694 -23.00 -33.21 3.34
CA UNK C 694 -23.98 -33.02 2.27
C UNK C 694 -23.96 -34.15 1.26
N UNK C 695 -23.24 -35.23 1.54
CA UNK C 695 -23.20 -36.41 0.69
C UNK C 695 -23.96 -37.55 1.38
N UNK C 696 -23.95 -38.71 0.74
CA UNK C 696 -24.50 -39.90 1.36
C UNK C 696 -23.58 -40.38 2.47
N UNK C 697 -24.18 -40.95 3.51
CA UNK C 697 -23.43 -41.43 4.67
C UNK C 697 -22.68 -42.72 4.40
N UNK C 698 -22.74 -43.25 3.18
CA UNK C 698 -22.13 -44.54 2.88
C UNK C 698 -21.29 -44.55 1.62
N UNK C 699 -21.39 -43.54 0.75
CA UNK C 699 -20.58 -43.48 -0.45
C UNK C 699 -19.28 -42.71 -0.24
N UNK C 700 -18.87 -42.50 1.01
CA UNK C 700 -17.58 -41.90 1.32
C UNK C 700 -16.81 -42.84 2.23
N UNK C 701 -17.15 -44.13 2.20
CA UNK C 701 -16.49 -45.12 3.03
C UNK C 701 -15.97 -46.31 2.25
N UNK C 702 -16.44 -46.56 1.03
CA UNK C 702 -15.88 -47.62 0.20
C UNK C 702 -14.49 -47.28 -0.32
N UNK C 703 -13.97 -46.12 0.06
CA UNK C 703 -12.68 -45.64 -0.42
C UNK C 703 -11.56 -46.31 0.37
N UNK C 704 -10.34 -45.81 0.20
CA UNK C 704 -9.16 -46.37 0.86
C UNK C 704 -8.60 -45.33 1.82
N UNK C 705 -8.49 -45.72 3.09
CA UNK C 705 -7.88 -44.88 4.12
C UNK C 705 -8.56 -43.51 4.19
N UNK C 706 -9.83 -43.54 4.59
CA UNK C 706 -10.62 -42.31 4.67
C UNK C 706 -10.43 -41.58 5.99
N UNK C 707 -10.77 -42.25 7.10
CA UNK C 707 -10.76 -41.56 8.39
C UNK C 707 -9.36 -41.08 8.74
N UNK C 708 -8.33 -41.76 8.23
CA UNK C 708 -6.95 -41.30 8.43
C UNK C 708 -6.78 -39.88 7.93
N UNK C 709 -7.63 -39.43 7.00
CA UNK C 709 -7.65 -38.02 6.63
C UNK C 709 -8.64 -37.26 7.50
N UNK C 710 -9.78 -37.87 7.82
CA UNK C 710 -10.81 -37.16 8.57
C UNK C 710 -10.27 -36.64 9.89
N UNK C 711 -9.82 -37.55 10.76
CA UNK C 711 -9.36 -37.13 12.07
C UNK C 711 -8.02 -36.40 11.99
N UNK C 712 -7.12 -36.80 11.09
CA UNK C 712 -5.90 -36.03 10.88
C UNK C 712 -6.19 -34.62 10.44
N UNK C 713 -7.40 -34.35 9.94
CA UNK C 713 -7.83 -33.01 9.60
C UNK C 713 -8.56 -32.33 10.74
N UNK C 714 -9.30 -33.09 11.53
CA UNK C 714 -9.92 -32.52 12.72
C UNK C 714 -8.88 -32.06 13.73
N UNK C 715 -7.73 -32.74 13.78
CA UNK C 715 -6.62 -32.26 14.61
C UNK C 715 -6.23 -30.84 14.24
N UNK C 716 -6.47 -30.43 13.00
CA UNK C 716 -6.13 -29.10 12.53
C UNK C 716 -7.29 -28.13 12.62
N UNK C 717 -8.52 -28.63 12.71
CA UNK C 717 -9.68 -27.74 12.82
C UNK C 717 -9.72 -27.05 14.16
N UNK C 718 -8.95 -27.53 15.13
CA UNK C 718 -8.93 -26.96 16.48
C UNK C 718 -7.90 -25.84 16.60
N UNK C 719 -6.69 -26.05 16.09
CA UNK C 719 -5.64 -25.04 16.20
C UNK C 719 -6.13 -23.69 15.67
N UNK C 720 -7.09 -23.71 14.75
CA UNK C 720 -7.59 -22.46 14.19
C UNK C 720 -8.38 -21.66 15.23
N UNK C 721 -9.26 -22.33 15.97
CA UNK C 721 -10.03 -21.65 17.01
C UNK C 721 -9.12 -20.89 17.95
N UNK C 722 -8.08 -21.55 18.45
CA UNK C 722 -7.17 -20.93 19.40
C UNK C 722 -5.98 -20.31 18.66
N UNK C 735 -15.66 -21.11 12.97
CA UNK C 735 -17.10 -21.12 13.18
C UNK C 735 -17.47 -21.89 14.44
N UNK C 736 -17.55 -21.17 15.57
CA UNK C 736 -17.95 -21.81 16.82
C UNK C 736 -19.30 -22.50 16.69
N UNK C 737 -20.18 -21.98 15.83
CA UNK C 737 -21.45 -22.65 15.57
C UNK C 737 -21.26 -23.91 14.73
N UNK C 738 -20.19 -23.98 13.94
CA UNK C 738 -19.92 -25.18 13.15
C UNK C 738 -19.23 -26.26 13.96
N UNK C 739 -18.69 -25.93 15.13
CA UNK C 739 -18.07 -26.94 15.97
C UNK C 739 -19.01 -28.12 16.21
N UNK C 740 -20.31 -27.88 16.21
CA UNK C 740 -21.27 -28.96 16.42
C UNK C 740 -21.27 -29.93 15.24
N UNK C 741 -21.36 -29.39 14.02
CA UNK C 741 -21.44 -30.25 12.84
C UNK C 741 -20.18 -31.09 12.70
N UNK C 742 -19.01 -30.50 12.98
CA UNK C 742 -17.77 -31.27 12.92
C UNK C 742 -17.76 -32.31 14.02
N UNK C 743 -18.15 -31.92 15.23
CA UNK C 743 -18.11 -32.84 16.36
C UNK C 743 -19.03 -34.04 16.13
N UNK C 744 -20.08 -33.87 15.34
CA UNK C 744 -21.03 -34.97 15.11
C UNK C 744 -20.76 -35.76 13.84
N UNK C 745 -20.45 -35.09 12.72
CA UNK C 745 -20.20 -35.80 11.47
C UNK C 745 -18.88 -36.56 11.52
N UNK C 746 -17.90 -36.03 12.24
CA UNK C 746 -16.66 -36.74 12.47
C UNK C 746 -16.79 -37.64 13.69
N UNK C 747 -18.03 -37.98 14.03
CA UNK C 747 -18.33 -38.83 15.17
C UNK C 747 -19.30 -39.96 14.82
N UNK C 748 -20.09 -39.83 13.77
CA UNK C 748 -21.03 -40.87 13.36
C UNK C 748 -20.43 -41.82 12.33
N UNK C 749 -19.67 -41.28 11.37
CA UNK C 749 -18.99 -42.15 10.39
C UNK C 749 -18.11 -43.18 11.08
N UNK C 750 -17.53 -42.83 12.22
CA UNK C 750 -16.54 -43.66 12.88
C UNK C 750 -17.10 -45.00 13.36
N UNK C 751 -18.39 -45.24 13.19
CA UNK C 751 -18.98 -46.55 13.50
C UNK C 751 -19.02 -47.45 12.27
N UNK C 752 -19.67 -47.01 11.20
CA UNK C 752 -19.70 -47.77 9.96
C UNK C 752 -18.60 -47.31 9.02
N UNK C 753 -17.35 -47.38 9.48
CA UNK C 753 -16.19 -46.99 8.71
C UNK C 753 -15.34 -48.21 8.39
N UNK C 754 -14.18 -47.96 7.79
CA UNK C 754 -13.25 -49.02 7.39
C UNK C 754 -13.04 -50.01 8.53
N UNK C 755 -12.73 -51.25 8.18
CA UNK C 755 -12.56 -52.31 9.16
C UNK C 755 -11.22 -52.13 9.87
N UNK C 756 -11.17 -51.17 10.80
CA UNK C 756 -9.97 -50.94 11.60
C UNK C 756 -10.30 -51.16 13.08
N UNK C 757 -11.39 -50.56 13.54
CA UNK C 757 -11.84 -50.72 14.92
C UNK C 757 -13.35 -50.73 14.96
N UNK C 758 -13.89 -51.41 15.97
CA UNK C 758 -15.34 -51.55 16.13
C UNK C 758 -15.86 -50.85 17.37
N UNK C 759 -15.00 -50.34 18.24
CA UNK C 759 -15.41 -49.63 19.44
C UNK C 759 -14.17 -49.08 20.11
N UNK C 760 -14.40 -48.23 21.12
CA UNK C 760 -13.34 -47.60 21.90
C UNK C 760 -12.65 -46.50 21.10
N UNK C 761 -13.04 -46.33 19.84
CA UNK C 761 -12.55 -45.20 19.04
C UNK C 761 -13.52 -44.03 19.09
N UNK C 762 -14.83 -44.32 18.97
CA UNK C 762 -15.81 -43.28 19.21
C UNK C 762 -15.82 -42.86 20.67
N UNK C 763 -15.69 -43.84 21.57
CA UNK C 763 -15.56 -43.52 23.00
C UNK C 763 -14.35 -42.64 23.25
N UNK C 764 -13.19 -43.05 22.72
CA UNK C 764 -11.99 -42.25 22.88
C UNK C 764 -12.18 -40.85 22.33
N UNK C 765 -12.78 -40.73 21.14
CA UNK C 765 -13.00 -39.41 20.55
C UNK C 765 -13.91 -38.56 21.43
N UNK C 766 -14.88 -39.19 22.09
CA UNK C 766 -15.75 -38.45 23.00
C UNK C 766 -15.05 -38.11 24.31
N UNK C 767 -13.99 -38.84 24.64
CA UNK C 767 -13.28 -38.62 25.90
C UNK C 767 -12.79 -37.18 26.00
N UNK C 768 -11.91 -36.79 25.10
CA UNK C 768 -11.32 -35.46 25.09
C UNK C 768 -10.65 -35.27 23.73
N UNK C 769 -9.88 -34.19 23.60
CA UNK C 769 -9.09 -33.95 22.39
C UNK C 769 -7.81 -34.80 22.42
N UNK C 770 -8.02 -36.11 22.57
CA UNK C 770 -6.93 -37.08 22.64
C UNK C 770 -6.99 -38.06 21.47
N UNK C 771 -7.59 -37.67 20.35
CA UNK C 771 -7.63 -38.54 19.17
C UNK C 771 -6.28 -39.17 18.86
N UNK C 772 -5.19 -38.43 19.05
CA UNK C 772 -3.86 -38.92 18.75
C UNK C 772 -3.39 -39.96 19.75
N UNK C 773 -3.61 -39.71 21.05
CA UNK C 773 -3.11 -40.62 22.08
C UNK C 773 -3.53 -42.06 21.82
N UNK C 774 -4.67 -42.26 21.16
CA UNK C 774 -5.15 -43.59 20.83
C UNK C 774 -4.93 -43.96 19.36
N UNK C 775 -5.06 -42.99 18.46
CA UNK C 775 -4.85 -43.28 17.04
C UNK C 775 -3.42 -43.73 16.77
N UNK C 776 -2.45 -43.17 17.48
CA UNK C 776 -1.06 -43.55 17.26
C UNK C 776 -0.86 -45.05 17.37
N UNK C 777 -1.65 -45.71 18.22
CA UNK C 777 -1.60 -47.16 18.37
C UNK C 777 -2.63 -47.88 17.53
N UNK C 778 -3.78 -47.25 17.28
CA UNK C 778 -4.81 -47.91 16.49
C UNK C 778 -4.39 -48.05 15.02
N UNK C 779 -3.84 -46.99 14.44
CA UNK C 779 -3.41 -47.05 13.05
C UNK C 779 -2.41 -48.16 12.78
N UNK C 780 -1.79 -48.69 13.83
CA UNK C 780 -0.83 -49.78 13.65
C UNK C 780 -1.46 -50.95 12.92
N UNK C 781 -2.50 -51.55 13.50
CA UNK C 781 -3.12 -52.71 12.90
C UNK C 781 -4.13 -52.31 11.81
N UNK C 782 -5.15 -51.56 12.18
CA UNK C 782 -6.20 -51.16 11.25
C UNK C 782 -6.77 -52.37 10.53
#